data_5F2Q
#
_entry.id   5F2Q
#
_cell.length_a   91.250
_cell.length_b   115.150
_cell.length_c   156.790
_cell.angle_alpha   90.000
_cell.angle_beta   90.000
_cell.angle_gamma   90.000
#
_symmetry.space_group_name_H-M   'P 21 21 21'
#
loop_
_entity.id
_entity.type
_entity.pdbx_description
1 polymer 'C-type lectin BJcuL'
2 non-polymer 'CALCIUM ION'
3 non-polymer 'SODIUM ION'
4 water water
#
_entity_poly.entity_id   1
_entity_poly.type   'polypeptide(L)'
_entity_poly.pdbx_seq_one_letter_code
;NNCPQDWLPMNGLCYKIFNELKAWKDAEMFCRKYKPGCHLASIHLYGESPEIAEYISDYHKGQSEVWIGLCDKKKDFSWE
WTDRSCTDYLSWDKNQPDHYQNKEFCVELVSNTGYRLWNDQVCESKNAFLCQCKF
;
_entity_poly.pdbx_strand_id   A,B,C,D,E,F,G,H,I,J
#
loop_
_chem_comp.id
_chem_comp.type
_chem_comp.name
_chem_comp.formula
CA non-polymer 'CALCIUM ION' 'Ca 2'
NA non-polymer 'SODIUM ION' 'Na 1'
#
# COMPACT_ATOMS: atom_id res chain seq x y z
N ASN A 2 -15.91 -3.71 8.84
CA ASN A 2 -16.32 -4.96 9.46
C ASN A 2 -17.03 -4.71 10.79
N CYS A 3 -18.05 -3.86 10.75
CA CYS A 3 -18.85 -3.57 11.94
C CYS A 3 -20.19 -4.27 11.84
N PRO A 4 -20.84 -4.55 12.97
CA PRO A 4 -22.25 -4.95 12.91
C PRO A 4 -23.11 -3.81 12.41
N GLN A 5 -24.19 -4.17 11.72
CA GLN A 5 -24.95 -3.15 10.99
C GLN A 5 -25.65 -2.15 11.90
N ASP A 6 -25.55 -2.27 13.23
CA ASP A 6 -26.07 -1.26 14.15
C ASP A 6 -24.95 -0.41 14.75
N TRP A 7 -23.80 -0.33 14.09
CA TRP A 7 -22.67 0.48 14.52
C TRP A 7 -22.28 1.45 13.41
N LEU A 8 -21.49 2.46 13.77
CA LEU A 8 -21.01 3.44 12.82
C LEU A 8 -19.59 3.08 12.39
N PRO A 9 -19.33 2.74 11.13
CA PRO A 9 -17.94 2.58 10.68
C PRO A 9 -17.25 3.94 10.50
N MET A 10 -15.99 4.01 10.91
CA MET A 10 -15.23 5.24 10.71
C MET A 10 -13.75 4.98 10.91
N ASN A 11 -12.97 5.16 9.85
CA ASN A 11 -11.51 5.05 9.91
C ASN A 11 -11.09 3.79 10.66
N GLY A 12 -11.65 2.66 10.23
CA GLY A 12 -11.22 1.36 10.71
C GLY A 12 -11.81 0.91 12.02
N LEU A 13 -12.50 1.78 12.75
CA LEU A 13 -13.09 1.42 14.03
C LEU A 13 -14.61 1.55 13.96
N CYS A 14 -15.27 0.94 14.95
CA CYS A 14 -16.72 0.93 15.03
C CYS A 14 -17.14 1.68 16.28
N TYR A 15 -18.09 2.60 16.11
CA TYR A 15 -18.60 3.43 17.18
C TYR A 15 -20.08 3.15 17.39
N LYS A 16 -20.57 3.41 18.60
CA LYS A 16 -21.97 3.16 18.91
C LYS A 16 -22.35 3.96 20.16
N ILE A 17 -23.57 4.48 20.15
CA ILE A 17 -24.09 5.29 21.24
C ILE A 17 -24.93 4.40 22.15
N PHE A 18 -24.63 4.42 23.44
CA PHE A 18 -25.40 3.69 24.44
C PHE A 18 -26.20 4.69 25.27
N ASN A 19 -27.50 4.43 25.41
CA ASN A 19 -28.43 5.39 25.97
C ASN A 19 -28.52 5.35 27.48
N GLU A 20 -28.00 4.31 28.13
CA GLU A 20 -28.08 4.21 29.58
C GLU A 20 -27.17 5.24 30.25
N LEU A 21 -27.54 5.61 31.48
CA LEU A 21 -26.79 6.59 32.25
C LEU A 21 -25.77 5.88 33.14
N LYS A 22 -24.51 6.31 33.07
CA LYS A 22 -23.45 5.71 33.87
C LYS A 22 -22.40 6.78 34.16
N ALA A 23 -21.73 6.63 35.30
CA ALA A 23 -20.60 7.48 35.59
C ALA A 23 -19.46 7.19 34.60
N TRP A 24 -18.61 8.19 34.41
CA TRP A 24 -17.53 8.07 33.42
C TRP A 24 -16.80 6.74 33.57
N LYS A 25 -16.31 6.45 34.77
CA LYS A 25 -15.64 5.18 35.01
C LYS A 25 -16.58 4.01 34.74
N ASP A 26 -17.81 4.09 35.25
CA ASP A 26 -18.79 3.02 35.01
C ASP A 26 -19.09 2.89 33.52
N ALA A 27 -18.91 3.96 32.75
CA ALA A 27 -19.12 3.89 31.31
C ALA A 27 -17.93 3.23 30.62
N GLU A 28 -16.72 3.62 30.98
CA GLU A 28 -15.53 3.01 30.39
C GLU A 28 -15.53 1.49 30.62
N MET A 29 -15.85 1.06 31.83
CA MET A 29 -15.82 -0.37 32.11
C MET A 29 -16.87 -1.12 31.29
N PHE A 30 -18.04 -0.51 31.08
CA PHE A 30 -19.05 -1.17 30.27
C PHE A 30 -18.54 -1.43 28.86
N CYS A 31 -17.93 -0.42 28.23
CA CYS A 31 -17.36 -0.62 26.91
C CYS A 31 -16.31 -1.72 26.92
N ARG A 32 -15.37 -1.66 27.87
CA ARG A 32 -14.28 -2.63 27.91
C ARG A 32 -14.81 -4.06 28.05
N LYS A 33 -15.83 -4.26 28.88
CA LYS A 33 -16.38 -5.58 29.10
C LYS A 33 -17.46 -5.96 28.09
N TYR A 34 -17.80 -5.05 27.17
CA TYR A 34 -18.80 -5.37 26.15
C TYR A 34 -18.26 -6.41 25.18
N LYS A 35 -17.00 -6.29 24.81
CA LYS A 35 -16.38 -7.13 23.79
C LYS A 35 -14.89 -6.84 23.77
N PRO A 36 -14.03 -7.84 23.61
CA PRO A 36 -12.58 -7.59 23.67
C PRO A 36 -12.15 -6.45 22.77
N GLY A 37 -11.39 -5.51 23.33
CA GLY A 37 -10.85 -4.39 22.58
C GLY A 37 -11.83 -3.27 22.35
N CYS A 38 -12.38 -2.71 23.44
CA CYS A 38 -13.28 -1.57 23.35
C CYS A 38 -12.90 -0.54 24.39
N HIS A 39 -13.32 0.70 24.14
CA HIS A 39 -13.01 1.82 25.03
C HIS A 39 -14.06 2.90 24.81
N LEU A 40 -14.06 3.88 25.71
CA LEU A 40 -14.73 5.13 25.43
C LEU A 40 -14.06 5.80 24.24
N ALA A 41 -14.88 6.36 23.35
CA ALA A 41 -14.39 6.79 22.06
C ALA A 41 -13.28 7.84 22.18
N SER A 42 -12.36 7.79 21.22
CA SER A 42 -11.34 8.80 21.05
C SER A 42 -11.55 9.48 19.71
N ILE A 43 -11.21 10.78 19.66
CA ILE A 43 -11.37 11.59 18.46
C ILE A 43 -10.02 12.19 18.11
N HIS A 44 -9.67 12.16 16.83
CA HIS A 44 -8.33 12.56 16.38
C HIS A 44 -8.33 13.45 15.14
N LEU A 45 -9.49 13.83 14.60
CA LEU A 45 -9.50 14.60 13.37
C LEU A 45 -10.64 15.61 13.39
N TYR A 46 -10.34 16.80 12.85
CA TYR A 46 -11.36 17.83 12.64
C TYR A 46 -12.57 17.25 11.92
N GLY A 47 -12.37 16.26 11.05
CA GLY A 47 -13.47 15.70 10.29
C GLY A 47 -14.31 14.71 11.07
N GLU A 48 -13.71 14.00 12.02
CA GLU A 48 -14.46 13.02 12.79
C GLU A 48 -15.48 13.69 13.71
N SER A 49 -15.23 14.94 14.12
CA SER A 49 -16.17 15.61 15.02
C SER A 49 -17.54 15.80 14.39
N PRO A 50 -17.66 16.34 13.18
CA PRO A 50 -19.00 16.38 12.54
C PRO A 50 -19.62 15.01 12.35
N GLU A 51 -18.84 14.01 11.94
CA GLU A 51 -19.40 12.69 11.70
C GLU A 51 -20.06 12.13 12.95
N ILE A 52 -19.41 12.26 14.10
CA ILE A 52 -19.96 11.74 15.34
C ILE A 52 -21.19 12.54 15.75
N ALA A 53 -21.08 13.87 15.71
CA ALA A 53 -22.20 14.72 16.10
C ALA A 53 -23.48 14.33 15.38
N GLU A 54 -23.38 14.04 14.08
CA GLU A 54 -24.57 13.74 13.29
C GLU A 54 -25.11 12.35 13.62
N TYR A 55 -24.21 11.38 13.79
CA TYR A 55 -24.64 10.03 14.14
C TYR A 55 -25.43 10.04 15.46
N ILE A 56 -24.92 10.74 16.47
CA ILE A 56 -25.60 10.81 17.76
C ILE A 56 -26.94 11.51 17.63
N SER A 57 -26.95 12.68 16.97
CA SER A 57 -28.18 13.46 16.84
C SER A 57 -29.31 12.67 16.19
N ASP A 58 -28.99 11.56 15.51
CA ASP A 58 -30.00 10.75 14.84
C ASP A 58 -30.35 9.46 15.57
N TYR A 59 -29.39 8.89 16.30
CA TYR A 59 -29.58 7.60 16.95
C TYR A 59 -29.60 7.69 18.46
N HIS A 60 -29.52 8.89 19.04
CA HIS A 60 -29.53 9.04 20.49
C HIS A 60 -30.97 8.94 20.97
N LYS A 61 -31.38 7.71 21.28
CA LYS A 61 -32.68 7.44 21.90
C LYS A 61 -32.69 7.98 23.32
N GLY A 62 -32.53 9.29 23.47
CA GLY A 62 -32.40 9.90 24.78
C GLY A 62 -32.35 11.42 24.78
N GLN A 63 -31.68 12.00 25.78
CA GLN A 63 -31.71 13.44 26.01
C GLN A 63 -30.34 13.98 26.45
N SER A 64 -29.64 13.20 27.27
CA SER A 64 -28.54 13.68 28.07
C SER A 64 -27.30 13.98 27.23
N GLU A 65 -26.23 14.36 27.93
CA GLU A 65 -24.91 14.53 27.34
C GLU A 65 -24.25 13.16 27.20
N VAL A 66 -23.04 13.13 26.62
CA VAL A 66 -22.40 11.89 26.23
C VAL A 66 -20.95 11.88 26.71
N TRP A 67 -20.53 10.76 27.31
CA TRP A 67 -19.15 10.60 27.75
C TRP A 67 -18.24 10.20 26.60
N ILE A 68 -17.01 10.69 26.64
CA ILE A 68 -15.94 10.18 25.80
C ILE A 68 -14.74 9.89 26.70
N GLY A 69 -13.77 9.16 26.16
CA GLY A 69 -12.74 8.57 26.98
C GLY A 69 -11.56 9.46 27.29
N LEU A 70 -11.81 10.72 27.64
CA LEU A 70 -10.77 11.69 27.92
C LEU A 70 -10.82 12.05 29.41
N CYS A 71 -9.68 11.89 30.09
CA CYS A 71 -9.63 12.07 31.54
C CYS A 71 -8.39 12.85 31.92
N ASP A 72 -8.56 13.80 32.86
CA ASP A 72 -7.43 14.52 33.43
C ASP A 72 -6.95 13.73 34.64
N LYS A 73 -6.18 12.69 34.35
CA LYS A 73 -5.69 11.78 35.38
C LYS A 73 -4.97 12.55 36.48
N LYS A 74 -3.90 13.26 36.11
CA LYS A 74 -3.08 13.99 37.08
C LYS A 74 -3.77 15.25 37.60
N LYS A 75 -4.88 15.67 36.99
CA LYS A 75 -5.63 16.83 37.45
C LYS A 75 -4.80 18.10 37.33
N ASP A 76 -4.10 18.24 36.20
CA ASP A 76 -3.33 19.44 35.90
C ASP A 76 -3.41 19.79 34.42
N PHE A 77 -4.54 19.47 33.78
CA PHE A 77 -4.73 19.68 32.34
C PHE A 77 -3.80 18.79 31.53
N SER A 78 -3.69 17.53 31.95
CA SER A 78 -2.98 16.47 31.25
C SER A 78 -4.03 15.46 30.83
N TRP A 79 -4.52 15.59 29.60
CA TRP A 79 -5.70 14.85 29.14
C TRP A 79 -5.24 13.59 28.39
N GLU A 80 -5.49 12.43 28.98
CA GLU A 80 -5.21 11.14 28.38
C GLU A 80 -6.48 10.49 27.85
N TRP A 81 -6.33 9.66 26.82
CA TRP A 81 -7.41 8.82 26.35
C TRP A 81 -7.34 7.46 27.04
N THR A 82 -8.51 6.85 27.24
CA THR A 82 -8.55 5.52 27.86
C THR A 82 -7.97 4.45 26.96
N ASP A 83 -8.14 4.58 25.64
CA ASP A 83 -7.60 3.61 24.70
C ASP A 83 -6.11 3.78 24.47
N ARG A 84 -5.45 4.65 25.23
CA ARG A 84 -4.00 4.80 25.25
C ARG A 84 -3.45 5.35 23.94
N SER A 85 -4.27 6.08 23.18
CA SER A 85 -3.82 6.74 21.96
C SER A 85 -3.42 8.19 22.27
N CYS A 86 -2.75 8.80 21.29
CA CYS A 86 -2.19 10.13 21.47
C CYS A 86 -3.29 11.19 21.52
N THR A 87 -3.07 12.22 22.34
CA THR A 87 -3.99 13.36 22.42
C THR A 87 -3.49 14.44 21.46
N ASP A 88 -3.82 14.24 20.18
CA ASP A 88 -3.35 15.09 19.10
C ASP A 88 -4.45 15.96 18.50
N TYR A 89 -5.62 16.02 19.13
CA TYR A 89 -6.73 16.78 18.59
C TYR A 89 -7.63 17.24 19.74
N LEU A 90 -8.21 18.43 19.57
CA LEU A 90 -9.06 19.03 20.58
C LEU A 90 -10.25 19.70 19.92
N SER A 91 -11.35 19.77 20.67
CA SER A 91 -12.57 20.43 20.19
C SER A 91 -13.38 20.89 21.39
N TRP A 92 -12.92 21.95 22.06
CA TRP A 92 -13.52 22.42 23.30
C TRP A 92 -14.71 23.34 23.03
N ASP A 93 -15.56 23.48 24.04
CA ASP A 93 -16.66 24.43 24.00
C ASP A 93 -16.14 25.81 24.40
N LYS A 94 -17.06 26.75 24.61
CA LYS A 94 -16.66 28.10 25.00
C LYS A 94 -15.94 28.07 26.34
N ASN A 95 -14.67 28.51 26.33
CA ASN A 95 -13.90 28.71 27.56
C ASN A 95 -13.72 27.41 28.34
N GLN A 96 -13.67 26.28 27.64
CA GLN A 96 -13.34 25.00 28.27
C GLN A 96 -11.92 24.61 27.86
N PRO A 97 -11.23 23.83 28.69
CA PRO A 97 -11.65 23.29 30.00
C PRO A 97 -11.45 24.32 31.11
N ASP A 98 -12.20 24.21 32.21
CA ASP A 98 -12.13 25.21 33.27
C ASP A 98 -12.06 24.66 34.69
N HIS A 99 -12.30 23.37 34.91
CA HIS A 99 -12.26 22.80 36.26
C HIS A 99 -13.17 23.58 37.21
N TYR A 100 -14.45 23.70 36.85
CA TYR A 100 -15.35 24.49 37.68
C TYR A 100 -15.48 23.83 39.05
N GLN A 101 -15.21 24.61 40.10
CA GLN A 101 -15.14 24.14 41.48
C GLN A 101 -14.02 23.13 41.69
N ASN A 102 -13.08 23.04 40.74
CA ASN A 102 -11.95 22.12 40.83
C ASN A 102 -12.40 20.69 41.13
N LYS A 103 -13.54 20.30 40.55
CA LYS A 103 -14.05 18.94 40.67
C LYS A 103 -14.35 18.30 39.32
N GLU A 104 -14.01 18.95 38.21
CA GLU A 104 -14.33 18.46 36.86
C GLU A 104 -13.05 17.93 36.22
N PHE A 105 -13.06 16.64 35.85
CA PHE A 105 -11.89 16.00 35.27
C PHE A 105 -12.18 15.04 34.13
N CYS A 106 -13.44 14.68 33.89
CA CYS A 106 -13.83 13.83 32.76
C CYS A 106 -14.55 14.69 31.72
N VAL A 107 -14.52 14.23 30.48
CA VAL A 107 -14.97 15.02 29.33
C VAL A 107 -16.24 14.43 28.74
N GLU A 108 -17.17 15.32 28.38
CA GLU A 108 -18.45 14.96 27.79
C GLU A 108 -18.65 15.73 26.49
N LEU A 109 -19.57 15.26 25.67
CA LEU A 109 -20.00 15.96 24.47
C LEU A 109 -21.25 16.77 24.80
N VAL A 110 -21.23 18.06 24.45
CA VAL A 110 -22.29 18.99 24.82
C VAL A 110 -23.37 18.95 23.75
N SER A 111 -24.62 18.72 24.18
CA SER A 111 -25.73 18.60 23.23
C SER A 111 -26.11 19.94 22.63
N ASN A 112 -25.89 21.05 23.35
CA ASN A 112 -26.22 22.37 22.81
C ASN A 112 -25.37 22.72 21.60
N THR A 113 -24.20 22.10 21.45
CA THR A 113 -23.37 22.31 20.28
C THR A 113 -23.65 21.29 19.18
N GLY A 114 -24.67 20.44 19.37
CA GLY A 114 -24.90 19.33 18.48
C GLY A 114 -23.97 18.16 18.70
N TYR A 115 -23.26 18.13 19.83
CA TYR A 115 -22.31 17.07 20.15
C TYR A 115 -21.03 17.21 19.33
N ARG A 116 -20.60 18.44 19.09
CA ARG A 116 -19.36 18.71 18.39
C ARG A 116 -18.25 19.24 19.29
N LEU A 117 -18.60 19.91 20.39
CA LEU A 117 -17.65 20.52 21.28
C LEU A 117 -17.64 19.82 22.63
N TRP A 118 -16.55 20.01 23.38
CA TRP A 118 -16.28 19.26 24.59
C TRP A 118 -16.38 20.17 25.81
N ASN A 119 -16.72 19.55 26.95
CA ASN A 119 -16.74 20.23 28.23
C ASN A 119 -16.21 19.28 29.31
N ASP A 120 -15.37 19.80 30.20
CA ASP A 120 -14.93 19.03 31.35
C ASP A 120 -16.02 19.08 32.43
N GLN A 121 -16.34 17.92 32.99
CA GLN A 121 -17.48 17.73 33.88
C GLN A 121 -17.05 16.83 35.03
N VAL A 122 -17.79 16.90 36.13
CA VAL A 122 -17.49 16.05 37.28
C VAL A 122 -17.59 14.59 36.86
N CYS A 123 -16.54 13.83 37.16
CA CYS A 123 -16.46 12.45 36.68
C CYS A 123 -17.60 11.60 37.21
N GLU A 124 -17.98 11.79 38.48
CA GLU A 124 -19.00 10.93 39.08
C GLU A 124 -20.41 11.22 38.57
N SER A 125 -20.59 12.26 37.75
CA SER A 125 -21.90 12.51 37.17
C SER A 125 -22.22 11.45 36.12
N LYS A 126 -23.50 11.34 35.77
CA LYS A 126 -24.01 10.23 34.97
C LYS A 126 -24.57 10.73 33.64
N ASN A 127 -24.06 10.17 32.56
CA ASN A 127 -24.42 10.54 31.20
C ASN A 127 -24.55 9.29 30.35
N ALA A 128 -24.99 9.47 29.12
CA ALA A 128 -24.82 8.46 28.09
C ALA A 128 -23.36 8.45 27.63
N PHE A 129 -23.01 7.48 26.77
CA PHE A 129 -21.60 7.34 26.41
C PHE A 129 -21.47 6.69 25.05
N LEU A 130 -20.27 6.82 24.48
CA LEU A 130 -19.95 6.40 23.12
C LEU A 130 -18.81 5.40 23.18
N CYS A 131 -19.08 4.15 22.82
CA CYS A 131 -18.05 3.13 22.83
C CYS A 131 -17.27 3.13 21.52
N GLN A 132 -16.11 2.49 21.53
CA GLN A 132 -15.22 2.40 20.38
C GLN A 132 -14.59 1.02 20.40
N CYS A 133 -14.84 0.23 19.36
CA CYS A 133 -14.44 -1.18 19.34
C CYS A 133 -13.68 -1.53 18.07
N LYS A 134 -12.69 -2.42 18.22
CA LYS A 134 -12.14 -3.15 17.09
C LYS A 134 -13.00 -4.39 16.85
N PHE A 135 -13.23 -4.70 15.58
CA PHE A 135 -13.95 -5.93 15.23
C PHE A 135 -13.13 -6.77 14.24
N ASN B 1 -12.43 -15.56 8.85
CA ASN B 1 -12.79 -14.14 8.58
C ASN B 1 -11.64 -13.19 8.93
N ASN B 2 -11.68 -12.67 10.16
CA ASN B 2 -10.75 -11.65 10.61
C ASN B 2 -10.99 -11.35 12.10
N CYS B 3 -11.32 -12.41 12.88
CA CYS B 3 -11.45 -12.46 14.33
C CYS B 3 -12.91 -12.66 14.73
N PRO B 4 -13.23 -13.75 15.45
CA PRO B 4 -14.55 -13.87 16.09
C PRO B 4 -14.83 -12.72 17.05
N GLN B 5 -15.89 -12.83 17.84
CA GLN B 5 -16.29 -11.73 18.71
C GLN B 5 -15.66 -11.82 20.09
N ASP B 6 -15.50 -13.04 20.63
CA ASP B 6 -14.85 -13.22 21.93
C ASP B 6 -13.33 -13.37 21.80
N TRP B 7 -12.74 -12.84 20.73
CA TRP B 7 -11.31 -12.79 20.55
C TRP B 7 -10.86 -11.34 20.41
N LEU B 8 -9.59 -11.08 20.72
CA LEU B 8 -9.06 -9.72 20.65
C LEU B 8 -8.32 -9.55 19.33
N PRO B 9 -8.81 -8.71 18.41
CA PRO B 9 -8.03 -8.39 17.20
C PRO B 9 -6.87 -7.44 17.53
N MET B 10 -5.69 -7.74 17.01
CA MET B 10 -4.53 -6.88 17.23
C MET B 10 -3.50 -7.12 16.14
N ASN B 11 -3.14 -6.06 15.43
CA ASN B 11 -2.05 -6.08 14.45
C ASN B 11 -2.14 -7.30 13.55
N GLY B 12 -3.35 -7.55 13.02
CA GLY B 12 -3.55 -8.58 12.02
C GLY B 12 -3.70 -9.99 12.56
N LEU B 13 -3.72 -10.16 13.88
CA LEU B 13 -3.85 -11.47 14.51
C LEU B 13 -4.99 -11.42 15.51
N CYS B 14 -5.44 -12.59 15.94
CA CYS B 14 -6.51 -12.72 16.92
C CYS B 14 -5.98 -13.45 18.15
N TYR B 15 -6.45 -13.02 19.32
CA TYR B 15 -5.96 -13.53 20.60
C TYR B 15 -7.15 -13.83 21.51
N LYS B 16 -7.00 -14.82 22.38
CA LYS B 16 -8.03 -15.15 23.35
C LYS B 16 -7.41 -15.80 24.57
N ILE B 17 -7.92 -15.45 25.75
CA ILE B 17 -7.49 -16.01 27.02
C ILE B 17 -8.31 -17.25 27.33
N PHE B 18 -7.63 -18.34 27.70
CA PHE B 18 -8.28 -19.56 28.15
C PHE B 18 -7.92 -19.78 29.61
N ASN B 19 -8.94 -19.84 30.46
CA ASN B 19 -8.73 -19.91 31.90
C ASN B 19 -8.50 -21.32 32.42
N GLU B 20 -8.69 -22.33 31.57
CA GLU B 20 -8.40 -23.71 31.94
C GLU B 20 -6.93 -23.84 32.28
N LEU B 21 -6.64 -24.34 33.48
CA LEU B 21 -5.26 -24.46 33.94
C LEU B 21 -4.56 -25.65 33.29
N LYS B 22 -3.40 -25.39 32.69
CA LYS B 22 -2.70 -26.41 31.91
C LYS B 22 -1.19 -26.19 32.00
N ALA B 23 -0.46 -27.22 31.57
CA ALA B 23 0.99 -27.15 31.46
C ALA B 23 1.38 -26.45 30.16
N TRP B 24 2.60 -25.92 30.14
CA TRP B 24 3.03 -25.09 29.02
C TRP B 24 2.96 -25.86 27.71
N LYS B 25 3.45 -27.11 27.70
CA LYS B 25 3.35 -27.91 26.49
C LYS B 25 1.90 -28.26 26.17
N ASP B 26 1.09 -28.53 27.21
CA ASP B 26 -0.31 -28.83 26.98
C ASP B 26 -1.04 -27.61 26.41
N ALA B 27 -0.74 -26.42 26.92
CA ALA B 27 -1.40 -25.21 26.42
C ALA B 27 -1.04 -24.96 24.96
N GLU B 28 0.23 -25.14 24.60
CA GLU B 28 0.64 -24.98 23.21
C GLU B 28 -0.21 -25.87 22.30
N MET B 29 -0.28 -27.16 22.61
CA MET B 29 -0.99 -28.09 21.75
C MET B 29 -2.49 -27.81 21.74
N PHE B 30 -3.04 -27.30 22.85
CA PHE B 30 -4.43 -26.90 22.85
C PHE B 30 -4.69 -25.86 21.77
N CYS B 31 -3.88 -24.79 21.74
CA CYS B 31 -4.02 -23.79 20.70
C CYS B 31 -3.88 -24.41 19.32
N ARG B 32 -2.81 -25.17 19.10
CA ARG B 32 -2.53 -25.73 17.78
C ARG B 32 -3.65 -26.65 17.30
N LYS B 33 -4.37 -27.29 18.22
CA LYS B 33 -5.49 -28.14 17.84
C LYS B 33 -6.82 -27.41 17.87
N TYR B 34 -6.88 -26.20 18.41
CA TYR B 34 -8.10 -25.42 18.34
C TYR B 34 -8.46 -25.10 16.89
N LYS B 35 -7.48 -24.65 16.12
CA LYS B 35 -7.70 -24.29 14.72
C LYS B 35 -6.36 -24.29 14.00
N PRO B 36 -6.35 -24.61 12.70
CA PRO B 36 -5.11 -24.48 11.94
C PRO B 36 -4.54 -23.07 12.03
N GLY B 37 -3.23 -22.99 12.27
CA GLY B 37 -2.56 -21.70 12.35
C GLY B 37 -2.67 -21.02 13.69
N CYS B 38 -2.57 -21.77 14.78
CA CYS B 38 -2.66 -21.22 16.12
C CYS B 38 -1.44 -21.62 16.94
N HIS B 39 -1.08 -20.76 17.90
CA HIS B 39 0.02 -21.03 18.81
C HIS B 39 -0.22 -20.28 20.10
N LEU B 40 0.60 -20.58 21.10
CA LEU B 40 0.70 -19.69 22.25
C LEU B 40 1.22 -18.34 21.78
N ALA B 41 0.61 -17.28 22.31
CA ALA B 41 0.76 -15.95 21.72
C ALA B 41 2.22 -15.50 21.66
N SER B 42 2.48 -14.63 20.70
CA SER B 42 3.79 -14.02 20.49
C SER B 42 3.66 -12.50 20.57
N ILE B 43 4.62 -11.87 21.24
CA ILE B 43 4.61 -10.42 21.47
C ILE B 43 5.82 -9.81 20.76
N HIS B 44 5.63 -8.64 20.15
CA HIS B 44 6.67 -8.07 19.30
C HIS B 44 6.84 -6.57 19.38
N LEU B 45 5.98 -5.82 20.07
CA LEU B 45 6.11 -4.37 20.12
C LEU B 45 5.80 -3.87 21.52
N TYR B 46 6.50 -2.79 21.90
CA TYR B 46 6.31 -2.16 23.21
C TYR B 46 4.84 -1.86 23.46
N GLY B 47 4.11 -1.43 22.43
CA GLY B 47 2.70 -1.11 22.60
C GLY B 47 1.79 -2.31 22.68
N GLU B 48 2.24 -3.49 22.24
CA GLU B 48 1.40 -4.69 22.32
C GLU B 48 1.24 -5.16 23.75
N SER B 49 2.28 -5.02 24.57
CA SER B 49 2.23 -5.52 25.94
C SER B 49 1.07 -4.95 26.73
N PRO B 50 0.87 -3.63 26.81
CA PRO B 50 -0.25 -3.13 27.62
C PRO B 50 -1.62 -3.45 27.06
N GLU B 51 -1.77 -3.55 25.73
CA GLU B 51 -3.08 -3.92 25.19
C GLU B 51 -3.46 -5.31 25.66
N ILE B 52 -2.53 -6.26 25.57
CA ILE B 52 -2.75 -7.59 26.13
C ILE B 52 -3.07 -7.48 27.61
N ALA B 53 -2.18 -6.83 28.36
CA ALA B 53 -2.36 -6.64 29.80
C ALA B 53 -3.79 -6.24 30.14
N GLU B 54 -4.26 -5.15 29.53
CA GLU B 54 -5.61 -4.67 29.82
C GLU B 54 -6.65 -5.71 29.44
N TYR B 55 -6.43 -6.42 28.34
CA TYR B 55 -7.40 -7.43 27.91
C TYR B 55 -7.49 -8.57 28.92
N ILE B 56 -6.34 -9.10 29.32
CA ILE B 56 -6.33 -10.22 30.28
C ILE B 56 -6.95 -9.78 31.60
N SER B 57 -6.52 -8.63 32.12
CA SER B 57 -7.04 -8.16 33.40
C SER B 57 -8.56 -8.08 33.39
N ASP B 58 -9.16 -7.69 32.25
CA ASP B 58 -10.60 -7.53 32.18
C ASP B 58 -11.31 -8.86 31.96
N TYR B 59 -10.72 -9.76 31.18
CA TYR B 59 -11.39 -10.98 30.75
C TYR B 59 -10.82 -12.26 31.34
N HIS B 60 -9.86 -12.17 32.26
CA HIS B 60 -9.29 -13.36 32.90
C HIS B 60 -10.10 -13.69 34.14
N LYS B 61 -10.94 -14.71 34.05
CA LYS B 61 -11.53 -15.30 35.23
C LYS B 61 -10.53 -16.24 35.87
N GLY B 62 -10.50 -16.26 37.19
CA GLY B 62 -9.42 -16.90 37.90
C GLY B 62 -8.33 -15.91 38.27
N GLN B 63 -7.32 -16.42 38.97
CA GLN B 63 -6.33 -15.57 39.60
C GLN B 63 -4.90 -15.94 39.24
N SER B 64 -4.66 -17.05 38.56
CA SER B 64 -3.31 -17.57 38.36
C SER B 64 -2.57 -16.73 37.32
N GLU B 65 -1.37 -17.19 36.96
CA GLU B 65 -0.56 -16.55 35.93
C GLU B 65 -1.00 -17.05 34.55
N VAL B 66 -0.31 -16.58 33.51
CA VAL B 66 -0.73 -16.81 32.13
C VAL B 66 0.48 -17.18 31.28
N TRP B 67 0.38 -18.29 30.56
CA TRP B 67 1.43 -18.72 29.65
C TRP B 67 1.42 -17.90 28.36
N ILE B 68 2.62 -17.68 27.82
CA ILE B 68 2.79 -17.20 26.46
C ILE B 68 3.80 -18.11 25.77
N GLY B 69 3.90 -17.96 24.45
CA GLY B 69 4.58 -18.94 23.62
C GLY B 69 6.09 -18.83 23.55
N LEU B 70 6.73 -18.35 24.62
CA LEU B 70 8.18 -18.18 24.66
C LEU B 70 8.80 -19.23 25.59
N CYS B 71 9.83 -19.91 25.09
CA CYS B 71 10.51 -20.92 25.88
C CYS B 71 11.99 -20.95 25.49
N ASP B 72 12.77 -21.65 26.30
CA ASP B 72 14.22 -21.77 26.13
C ASP B 72 14.55 -23.26 26.03
N LYS B 73 14.22 -23.87 24.89
CA LYS B 73 14.39 -25.32 24.77
C LYS B 73 15.86 -25.74 24.61
N LYS B 74 16.77 -24.80 24.35
CA LYS B 74 18.20 -25.06 24.42
C LYS B 74 18.75 -24.82 25.83
N LYS B 75 17.91 -24.40 26.76
CA LYS B 75 18.29 -24.24 28.17
C LYS B 75 19.59 -23.45 28.31
N ASP B 76 19.66 -22.32 27.60
CA ASP B 76 20.84 -21.47 27.64
C ASP B 76 20.50 -20.01 27.33
N PHE B 77 19.30 -19.56 27.68
CA PHE B 77 18.81 -18.23 27.32
C PHE B 77 18.69 -18.09 25.81
N SER B 78 18.25 -19.16 25.15
CA SER B 78 17.90 -19.15 23.73
C SER B 78 16.38 -19.14 23.61
N TRP B 79 15.81 -17.97 23.83
CA TRP B 79 14.36 -17.83 23.91
C TRP B 79 13.77 -17.75 22.51
N GLU B 80 12.77 -18.59 22.23
CA GLU B 80 12.17 -18.71 20.91
C GLU B 80 10.67 -18.83 21.03
N TRP B 81 9.95 -18.28 20.05
CA TRP B 81 8.50 -18.36 20.01
C TRP B 81 8.05 -19.63 19.32
N THR B 82 6.99 -20.25 19.84
CA THR B 82 6.45 -21.46 19.23
C THR B 82 5.91 -21.22 17.83
N ASP B 83 5.53 -19.99 17.50
CA ASP B 83 5.05 -19.67 16.16
C ASP B 83 6.17 -19.33 15.20
N ARG B 84 7.42 -19.61 15.58
CA ARG B 84 8.61 -19.38 14.75
C ARG B 84 8.87 -17.91 14.48
N SER B 85 8.13 -17.00 15.11
CA SER B 85 8.41 -15.58 14.95
C SER B 85 9.76 -15.24 15.57
N CYS B 86 10.22 -14.03 15.32
CA CYS B 86 11.55 -13.59 15.73
C CYS B 86 11.50 -12.97 17.12
N THR B 87 12.43 -13.37 17.98
CA THR B 87 12.57 -12.75 19.28
C THR B 87 13.14 -11.35 19.10
N ASP B 88 12.33 -10.44 18.57
CA ASP B 88 12.73 -9.07 18.32
C ASP B 88 12.24 -8.12 19.39
N TYR B 89 11.83 -8.66 20.55
CA TYR B 89 11.21 -7.84 21.57
C TYR B 89 11.17 -8.56 22.92
N LEU B 90 11.59 -7.87 23.97
CA LEU B 90 11.57 -8.41 25.32
C LEU B 90 10.71 -7.53 26.22
N SER B 91 10.38 -8.08 27.38
CA SER B 91 9.57 -7.37 28.37
C SER B 91 9.61 -8.14 29.68
N TRP B 92 10.81 -8.33 30.21
CA TRP B 92 10.99 -9.10 31.43
C TRP B 92 10.62 -8.27 32.65
N ASP B 93 10.18 -8.97 33.70
CA ASP B 93 10.01 -8.34 35.00
C ASP B 93 11.39 -8.09 35.62
N LYS B 94 11.39 -7.54 36.83
CA LYS B 94 12.65 -7.24 37.51
C LYS B 94 13.37 -8.52 37.89
N ASN B 95 14.67 -8.57 37.59
CA ASN B 95 15.55 -9.69 37.94
C ASN B 95 15.26 -10.97 37.14
N GLN B 96 14.51 -10.87 36.05
CA GLN B 96 14.20 -12.03 35.22
C GLN B 96 14.69 -11.77 33.81
N PRO B 97 15.05 -12.83 33.06
CA PRO B 97 14.97 -14.25 33.40
C PRO B 97 16.10 -14.71 34.30
N ASP B 98 15.77 -15.45 35.36
CA ASP B 98 16.74 -15.84 36.38
C ASP B 98 17.00 -17.34 36.45
N HIS B 99 16.43 -18.14 35.54
CA HIS B 99 16.64 -19.58 35.51
C HIS B 99 16.65 -20.18 36.91
N TYR B 100 15.77 -19.66 37.78
CA TYR B 100 15.72 -20.06 39.19
C TYR B 100 15.87 -21.56 39.38
N GLN B 101 16.99 -21.97 40.00
CA GLN B 101 17.28 -23.37 40.30
C GLN B 101 17.30 -24.25 39.06
N ASN B 102 17.59 -23.64 37.90
CA ASN B 102 17.70 -24.36 36.64
C ASN B 102 16.50 -25.26 36.38
N LYS B 103 15.31 -24.79 36.80
CA LYS B 103 14.05 -25.43 36.46
C LYS B 103 13.25 -24.66 35.42
N GLU B 104 13.51 -23.37 35.26
CA GLU B 104 12.61 -22.46 34.56
C GLU B 104 13.08 -22.27 33.12
N PHE B 105 12.25 -22.69 32.18
CA PHE B 105 12.53 -22.52 30.76
C PHE B 105 11.31 -22.12 29.95
N CYS B 106 10.17 -21.88 30.60
CA CYS B 106 8.96 -21.41 29.93
C CYS B 106 8.51 -20.10 30.56
N VAL B 107 7.82 -19.28 29.76
CA VAL B 107 7.59 -17.87 30.08
C VAL B 107 6.11 -17.65 30.38
N GLU B 108 5.85 -16.79 31.36
CA GLU B 108 4.49 -16.46 31.76
C GLU B 108 4.34 -14.95 31.93
N LEU B 109 3.10 -14.48 31.89
CA LEU B 109 2.77 -13.09 32.21
C LEU B 109 2.41 -13.00 33.69
N VAL B 110 2.86 -11.91 34.32
CA VAL B 110 2.88 -11.80 35.77
C VAL B 110 1.72 -10.92 36.22
N SER B 111 0.91 -11.44 37.15
CA SER B 111 -0.24 -10.69 37.66
C SER B 111 0.20 -9.40 38.35
N ASN B 112 1.22 -9.48 39.21
CA ASN B 112 1.66 -8.30 39.95
C ASN B 112 1.84 -7.10 39.04
N THR B 113 2.19 -7.32 37.77
CA THR B 113 2.46 -6.24 36.82
C THR B 113 1.25 -5.93 35.95
N GLY B 114 0.07 -6.45 36.26
CA GLY B 114 -1.06 -6.33 35.37
C GLY B 114 -0.96 -7.17 34.13
N TYR B 115 -0.16 -8.25 34.18
CA TYR B 115 0.07 -9.12 33.04
C TYR B 115 0.83 -8.39 31.93
N ARG B 116 1.62 -7.38 32.29
CA ARG B 116 2.39 -6.63 31.31
C ARG B 116 3.79 -7.22 31.10
N LEU B 117 4.42 -7.70 32.16
CA LEU B 117 5.82 -8.13 32.10
C LEU B 117 5.91 -9.64 32.29
N TRP B 118 7.09 -10.17 31.99
CA TRP B 118 7.30 -11.61 31.82
C TRP B 118 8.10 -12.19 32.98
N ASN B 119 8.04 -13.52 33.09
CA ASN B 119 8.80 -14.26 34.08
C ASN B 119 9.01 -15.68 33.57
N ASP B 120 10.26 -16.15 33.63
CA ASP B 120 10.54 -17.53 33.28
C ASP B 120 10.15 -18.45 34.43
N GLN B 121 9.52 -19.56 34.08
CA GLN B 121 8.75 -20.37 35.02
C GLN B 121 8.92 -21.84 34.67
N VAL B 122 8.64 -22.71 35.64
CA VAL B 122 8.75 -24.15 35.42
C VAL B 122 7.74 -24.57 34.37
N CYS B 123 8.22 -25.28 33.34
CA CYS B 123 7.36 -25.60 32.20
C CYS B 123 6.22 -26.55 32.56
N GLU B 124 6.29 -27.23 33.70
CA GLU B 124 5.27 -28.18 34.10
C GLU B 124 4.16 -27.55 34.94
N SER B 125 4.32 -26.31 35.38
CA SER B 125 3.32 -25.65 36.20
C SER B 125 1.96 -25.63 35.49
N LYS B 126 0.93 -25.19 36.21
CA LYS B 126 -0.41 -25.07 35.68
C LYS B 126 -0.85 -23.61 35.75
N ASN B 127 -0.89 -22.96 34.59
CA ASN B 127 -1.38 -21.59 34.47
C ASN B 127 -2.50 -21.56 33.44
N ALA B 128 -3.23 -20.45 33.42
CA ALA B 128 -4.03 -20.13 32.24
C ALA B 128 -3.09 -19.81 31.08
N PHE B 129 -3.65 -19.49 29.93
CA PHE B 129 -2.80 -19.33 28.76
C PHE B 129 -3.52 -18.54 27.68
N LEU B 130 -2.71 -17.97 26.78
CA LEU B 130 -3.17 -17.05 25.75
C LEU B 130 -2.87 -17.65 24.38
N CYS B 131 -3.92 -17.96 23.62
CA CYS B 131 -3.74 -18.48 22.27
C CYS B 131 -3.66 -17.33 21.26
N GLN B 132 -3.05 -17.64 20.12
CA GLN B 132 -2.90 -16.70 19.02
C GLN B 132 -3.24 -17.43 17.74
N CYS B 133 -4.00 -16.80 16.86
CA CYS B 133 -4.51 -17.49 15.68
C CYS B 133 -4.60 -16.56 14.48
N LYS B 134 -4.22 -17.09 13.32
CA LYS B 134 -4.65 -16.52 12.05
C LYS B 134 -6.07 -17.02 11.75
N PHE B 135 -6.95 -16.10 11.35
CA PHE B 135 -8.28 -16.49 10.88
C PHE B 135 -8.46 -16.10 9.42
N ASN C 1 -7.13 -16.14 2.84
CA ASN C 1 -7.45 -14.72 3.19
C ASN C 1 -8.86 -14.66 3.78
N ASN C 2 -9.79 -15.38 3.15
CA ASN C 2 -11.11 -15.60 3.72
C ASN C 2 -11.24 -17.09 4.03
N CYS C 3 -10.27 -17.66 4.70
CA CYS C 3 -10.21 -19.10 4.86
C CYS C 3 -11.28 -19.55 5.87
N PRO C 4 -12.03 -20.62 5.58
CA PRO C 4 -12.87 -21.22 6.61
C PRO C 4 -12.02 -21.88 7.69
N GLN C 5 -12.67 -22.19 8.81
CA GLN C 5 -11.92 -22.57 10.00
C GLN C 5 -11.16 -23.88 9.87
N ASP C 6 -11.56 -24.77 8.96
CA ASP C 6 -10.89 -26.05 8.81
C ASP C 6 -9.71 -26.00 7.83
N TRP C 7 -9.29 -24.79 7.42
CA TRP C 7 -8.22 -24.61 6.46
C TRP C 7 -7.08 -23.79 7.07
N LEU C 8 -5.90 -23.92 6.48
CA LEU C 8 -4.71 -23.21 6.94
C LEU C 8 -4.54 -21.93 6.13
N PRO C 9 -4.70 -20.75 6.72
CA PRO C 9 -4.35 -19.51 6.00
C PRO C 9 -2.84 -19.31 5.96
N MET C 10 -2.31 -18.95 4.79
CA MET C 10 -0.88 -18.68 4.65
C MET C 10 -0.63 -17.85 3.41
N ASN C 11 -0.07 -16.66 3.60
CA ASN C 11 0.39 -15.80 2.50
C ASN C 11 -0.68 -15.60 1.43
N GLY C 12 -1.93 -15.44 1.87
CA GLY C 12 -3.01 -15.08 0.99
C GLY C 12 -3.84 -16.22 0.45
N LEU C 13 -3.40 -17.46 0.63
CA LEU C 13 -4.13 -18.64 0.15
C LEU C 13 -4.59 -19.47 1.33
N CYS C 14 -5.43 -20.46 1.03
CA CYS C 14 -5.92 -21.42 2.00
C CYS C 14 -5.45 -22.82 1.63
N TYR C 15 -4.97 -23.55 2.64
CA TYR C 15 -4.48 -24.91 2.45
C TYR C 15 -5.22 -25.85 3.39
N LYS C 16 -5.39 -27.10 2.96
CA LYS C 16 -5.94 -28.13 3.84
C LYS C 16 -5.37 -29.49 3.45
N ILE C 17 -5.22 -30.35 4.46
CA ILE C 17 -4.77 -31.73 4.27
C ILE C 17 -5.99 -32.63 4.12
N PHE C 18 -5.91 -33.56 3.17
CA PHE C 18 -6.92 -34.60 2.99
C PHE C 18 -6.26 -35.95 3.19
N ASN C 19 -6.83 -36.77 4.07
CA ASN C 19 -6.24 -38.04 4.44
C ASN C 19 -6.65 -39.17 3.50
N GLU C 20 -7.75 -39.03 2.78
CA GLU C 20 -8.12 -40.00 1.76
C GLU C 20 -6.93 -40.28 0.86
N LEU C 21 -6.76 -41.55 0.49
CA LEU C 21 -5.67 -41.95 -0.37
C LEU C 21 -6.13 -41.89 -1.83
N LYS C 22 -5.31 -41.26 -2.67
CA LYS C 22 -5.59 -41.13 -4.09
C LYS C 22 -4.26 -40.97 -4.81
N ALA C 23 -4.25 -41.33 -6.08
CA ALA C 23 -3.06 -41.14 -6.90
C ALA C 23 -2.86 -39.64 -7.16
N TRP C 24 -1.68 -39.31 -7.67
CA TRP C 24 -1.40 -37.91 -8.01
C TRP C 24 -2.43 -37.39 -9.01
N LYS C 25 -2.63 -38.12 -10.11
CA LYS C 25 -3.65 -37.75 -11.09
C LYS C 25 -4.98 -37.44 -10.40
N ASP C 26 -5.46 -38.37 -9.56
CA ASP C 26 -6.77 -38.19 -8.94
C ASP C 26 -6.75 -37.07 -7.92
N ALA C 27 -5.66 -36.93 -7.16
CA ALA C 27 -5.61 -35.94 -6.09
C ALA C 27 -5.69 -34.52 -6.66
N GLU C 28 -4.93 -34.26 -7.72
CA GLU C 28 -5.00 -32.94 -8.36
C GLU C 28 -6.41 -32.62 -8.82
N MET C 29 -7.13 -33.63 -9.32
CA MET C 29 -8.48 -33.37 -9.82
C MET C 29 -9.48 -33.18 -8.70
N PHE C 30 -9.29 -33.85 -7.56
CA PHE C 30 -10.21 -33.65 -6.44
C PHE C 30 -10.11 -32.22 -5.92
N CYS C 31 -8.90 -31.71 -5.76
CA CYS C 31 -8.74 -30.31 -5.39
C CYS C 31 -9.49 -29.41 -6.37
N ARG C 32 -9.20 -29.57 -7.66
CA ARG C 32 -9.75 -28.66 -8.67
C ARG C 32 -11.27 -28.72 -8.73
N LYS C 33 -11.86 -29.87 -8.41
CA LYS C 33 -13.31 -29.99 -8.40
C LYS C 33 -13.92 -29.74 -7.03
N TYR C 34 -13.10 -29.52 -6.00
CA TYR C 34 -13.62 -29.18 -4.69
C TYR C 34 -14.26 -27.80 -4.71
N LYS C 35 -13.53 -26.81 -5.19
CA LYS C 35 -13.98 -25.42 -5.26
C LYS C 35 -13.28 -24.77 -6.43
N PRO C 36 -13.93 -23.83 -7.13
CA PRO C 36 -13.22 -23.10 -8.18
C PRO C 36 -11.97 -22.42 -7.66
N GLY C 37 -10.85 -22.64 -8.34
CA GLY C 37 -9.60 -22.04 -7.95
C GLY C 37 -8.84 -22.87 -6.94
N CYS C 38 -8.71 -24.17 -7.21
CA CYS C 38 -7.99 -25.08 -6.32
C CYS C 38 -6.97 -25.89 -7.10
N HIS C 39 -5.89 -26.26 -6.42
CA HIS C 39 -4.87 -27.14 -6.98
C HIS C 39 -4.17 -27.83 -5.82
N LEU C 40 -3.32 -28.80 -6.15
CA LEU C 40 -2.34 -29.25 -5.18
C LEU C 40 -1.44 -28.08 -4.78
N ALA C 41 -0.91 -28.16 -3.58
CA ALA C 41 -0.19 -27.03 -3.01
C ALA C 41 1.09 -26.73 -3.80
N SER C 42 1.40 -25.45 -3.89
CA SER C 42 2.68 -24.96 -4.37
C SER C 42 3.43 -24.32 -3.21
N ILE C 43 4.75 -24.36 -3.27
CA ILE C 43 5.61 -23.82 -2.22
C ILE C 43 6.65 -22.94 -2.87
N HIS C 44 6.87 -21.75 -2.30
CA HIS C 44 7.71 -20.73 -2.93
C HIS C 44 8.68 -20.04 -2.00
N LEU C 45 8.59 -20.25 -0.68
CA LEU C 45 9.47 -19.57 0.26
C LEU C 45 10.06 -20.57 1.25
N TYR C 46 11.29 -20.28 1.68
CA TYR C 46 11.97 -21.08 2.68
C TYR C 46 11.10 -21.28 3.91
N GLY C 47 10.38 -20.24 4.33
CA GLY C 47 9.59 -20.30 5.53
C GLY C 47 8.23 -20.94 5.38
N GLU C 48 7.77 -21.18 4.14
CA GLU C 48 6.52 -21.90 3.95
C GLU C 48 6.65 -23.37 4.33
N SER C 49 7.86 -23.93 4.22
CA SER C 49 8.05 -25.35 4.51
C SER C 49 7.72 -25.69 5.96
N PRO C 50 8.38 -25.12 6.96
CA PRO C 50 8.08 -25.51 8.35
C PRO C 50 6.64 -25.23 8.76
N GLU C 51 6.01 -24.18 8.21
CA GLU C 51 4.63 -23.89 8.55
C GLU C 51 3.69 -24.96 8.00
N ILE C 52 3.94 -25.42 6.77
CA ILE C 52 3.20 -26.57 6.24
C ILE C 52 3.58 -27.83 7.00
N ALA C 53 4.88 -28.03 7.23
CA ALA C 53 5.34 -29.23 7.93
C ALA C 53 4.60 -29.41 9.26
N GLU C 54 4.41 -28.33 10.01
CA GLU C 54 3.78 -28.45 11.32
C GLU C 54 2.28 -28.63 11.21
N TYR C 55 1.63 -27.95 10.26
CA TYR C 55 0.20 -28.13 10.08
C TYR C 55 -0.15 -29.58 9.76
N ILE C 56 0.55 -30.17 8.78
CA ILE C 56 0.29 -31.56 8.41
C ILE C 56 0.52 -32.47 9.60
N SER C 57 1.66 -32.32 10.27
CA SER C 57 1.97 -33.17 11.43
C SER C 57 0.86 -33.15 12.46
N ASP C 58 0.18 -32.01 12.62
CA ASP C 58 -0.85 -31.90 13.64
C ASP C 58 -2.21 -32.42 13.18
N TYR C 59 -2.50 -32.36 11.88
CA TYR C 59 -3.83 -32.69 11.38
C TYR C 59 -3.86 -33.89 10.43
N HIS C 60 -2.73 -34.55 10.18
CA HIS C 60 -2.71 -35.71 9.30
C HIS C 60 -3.19 -36.94 10.08
N LYS C 61 -4.29 -37.54 9.63
CA LYS C 61 -4.82 -38.76 10.23
C LYS C 61 -4.31 -39.97 9.45
N GLY C 62 -3.03 -40.25 9.65
CA GLY C 62 -2.39 -41.38 9.00
C GLY C 62 -0.91 -41.38 9.27
N GLN C 63 -0.22 -42.31 8.62
CA GLN C 63 1.24 -42.37 8.63
C GLN C 63 1.81 -42.14 7.24
N SER C 64 0.97 -41.79 6.26
CA SER C 64 1.32 -41.84 4.86
C SER C 64 2.07 -40.59 4.43
N GLU C 65 2.48 -40.58 3.16
CA GLU C 65 3.14 -39.44 2.55
C GLU C 65 2.08 -38.46 2.05
N VAL C 66 2.53 -37.31 1.51
CA VAL C 66 1.63 -36.23 1.13
C VAL C 66 2.02 -35.72 -0.25
N TRP C 67 1.08 -35.78 -1.19
CA TRP C 67 1.32 -35.26 -2.54
C TRP C 67 1.38 -33.74 -2.52
N ILE C 68 2.24 -33.17 -3.36
CA ILE C 68 2.20 -31.75 -3.68
C ILE C 68 2.17 -31.62 -5.20
N GLY C 69 1.77 -30.44 -5.67
CA GLY C 69 1.49 -30.25 -7.08
C GLY C 69 2.69 -30.03 -7.97
N LEU C 70 3.80 -30.71 -7.67
CA LEU C 70 5.02 -30.59 -8.45
C LEU C 70 5.25 -31.91 -9.19
N CYS C 71 5.48 -31.83 -10.50
CA CYS C 71 5.74 -33.02 -11.29
C CYS C 71 6.63 -32.66 -12.47
N ASP C 72 7.27 -33.69 -13.03
CA ASP C 72 8.18 -33.56 -14.16
C ASP C 72 7.49 -34.16 -15.37
N LYS C 73 6.64 -33.35 -16.01
CA LYS C 73 5.79 -33.87 -17.08
C LYS C 73 6.60 -34.25 -18.30
N LYS C 74 7.55 -33.40 -18.70
CA LYS C 74 8.44 -33.76 -19.81
C LYS C 74 9.26 -35.00 -19.49
N LYS C 75 9.49 -35.30 -18.21
CA LYS C 75 10.29 -36.44 -17.78
C LYS C 75 11.78 -36.17 -18.04
N ASP C 76 12.23 -34.97 -17.71
CA ASP C 76 13.63 -34.59 -17.90
C ASP C 76 14.04 -33.50 -16.90
N PHE C 77 13.56 -33.62 -15.66
CA PHE C 77 13.89 -32.70 -14.58
C PHE C 77 13.38 -31.29 -14.84
N SER C 78 12.24 -31.15 -15.52
CA SER C 78 11.58 -29.86 -15.71
C SER C 78 10.36 -29.84 -14.79
N TRP C 79 10.60 -29.51 -13.52
CA TRP C 79 9.57 -29.57 -12.49
C TRP C 79 8.64 -28.37 -12.62
N GLU C 80 7.35 -28.63 -12.77
CA GLU C 80 6.36 -27.58 -13.01
C GLU C 80 5.19 -27.75 -12.05
N TRP C 81 4.74 -26.63 -11.48
CA TRP C 81 3.63 -26.66 -10.55
C TRP C 81 2.31 -26.77 -11.30
N THR C 82 1.33 -27.41 -10.67
CA THR C 82 0.04 -27.61 -11.32
C THR C 82 -0.78 -26.32 -11.36
N ASP C 83 -0.57 -25.41 -10.41
CA ASP C 83 -1.26 -24.13 -10.43
C ASP C 83 -0.63 -23.13 -11.40
N ARG C 84 0.33 -23.57 -12.21
CA ARG C 84 1.00 -22.75 -13.22
C ARG C 84 1.92 -21.70 -12.60
N SER C 85 2.34 -21.89 -11.36
CA SER C 85 3.24 -20.97 -10.68
C SER C 85 4.69 -21.31 -10.99
N CYS C 86 5.56 -20.33 -10.72
CA CYS C 86 6.97 -20.49 -11.00
C CYS C 86 7.62 -21.47 -10.03
N THR C 87 8.55 -22.28 -10.53
CA THR C 87 9.36 -23.13 -9.68
C THR C 87 10.53 -22.30 -9.17
N ASP C 88 10.24 -21.47 -8.17
CA ASP C 88 11.21 -20.54 -7.60
C ASP C 88 11.70 -21.00 -6.22
N TYR C 89 11.42 -22.23 -5.83
CA TYR C 89 11.81 -22.72 -4.52
C TYR C 89 11.97 -24.23 -4.56
N LEU C 90 13.01 -24.72 -3.89
CA LEU C 90 13.32 -26.14 -3.80
C LEU C 90 13.55 -26.53 -2.35
N SER C 91 13.06 -27.70 -1.98
CA SER C 91 13.30 -28.27 -0.66
C SER C 91 13.47 -29.79 -0.81
N TRP C 92 14.51 -30.17 -1.55
CA TRP C 92 14.71 -31.58 -1.87
C TRP C 92 15.26 -32.35 -0.67
N ASP C 93 14.80 -33.60 -0.53
CA ASP C 93 15.29 -34.47 0.51
C ASP C 93 16.71 -34.94 0.18
N LYS C 94 17.27 -35.78 1.05
CA LYS C 94 18.64 -36.26 0.88
C LYS C 94 18.73 -37.15 -0.35
N ASN C 95 19.66 -36.83 -1.25
CA ASN C 95 19.88 -37.61 -2.47
C ASN C 95 18.62 -37.70 -3.31
N GLN C 96 17.89 -36.60 -3.39
CA GLN C 96 16.69 -36.53 -4.23
C GLN C 96 16.74 -35.23 -5.04
N PRO C 97 16.05 -35.21 -6.20
CA PRO C 97 15.24 -36.26 -6.83
C PRO C 97 16.11 -37.28 -7.57
N ASP C 98 15.65 -38.53 -7.71
CA ASP C 98 16.52 -39.61 -8.19
C ASP C 98 15.89 -40.49 -9.27
N HIS C 99 14.68 -40.20 -9.74
CA HIS C 99 14.02 -41.00 -10.78
C HIS C 99 14.27 -42.49 -10.56
N TYR C 100 14.02 -42.97 -9.34
CA TYR C 100 14.38 -44.35 -9.02
C TYR C 100 13.77 -45.31 -10.03
N GLN C 101 14.63 -45.96 -10.83
CA GLN C 101 14.19 -46.91 -11.85
C GLN C 101 13.31 -46.24 -12.90
N ASN C 102 13.62 -44.98 -13.20
CA ASN C 102 12.87 -44.18 -14.17
C ASN C 102 11.37 -44.37 -14.04
N LYS C 103 10.88 -44.53 -12.80
CA LYS C 103 9.45 -44.63 -12.52
C LYS C 103 8.90 -43.45 -11.75
N GLU C 104 9.74 -42.72 -11.03
CA GLU C 104 9.28 -41.68 -10.10
C GLU C 104 9.32 -40.32 -10.80
N PHE C 105 8.13 -39.72 -10.98
CA PHE C 105 8.02 -38.41 -11.63
C PHE C 105 7.22 -37.39 -10.84
N CYS C 106 6.51 -37.78 -9.79
CA CYS C 106 5.75 -36.86 -8.96
C CYS C 106 6.39 -36.73 -7.59
N VAL C 107 6.04 -35.64 -6.89
CA VAL C 107 6.74 -35.24 -5.68
C VAL C 107 5.82 -35.38 -4.47
N GLU C 108 6.38 -35.93 -3.39
CA GLU C 108 5.66 -36.11 -2.13
C GLU C 108 6.48 -35.52 -1.00
N LEU C 109 5.80 -35.26 0.12
CA LEU C 109 6.46 -34.85 1.36
C LEU C 109 6.64 -36.08 2.23
N VAL C 110 7.87 -36.29 2.71
CA VAL C 110 8.20 -37.51 3.45
C VAL C 110 7.93 -37.30 4.94
N SER C 111 7.36 -38.33 5.58
CA SER C 111 7.11 -38.28 7.01
C SER C 111 8.40 -38.36 7.82
N ASN C 112 9.46 -38.92 7.25
CA ASN C 112 10.74 -39.00 7.95
C ASN C 112 11.15 -37.63 8.49
N THR C 113 11.10 -36.60 7.64
CA THR C 113 11.59 -35.27 7.97
C THR C 113 10.50 -34.37 8.52
N GLY C 114 9.46 -34.93 9.14
CA GLY C 114 8.36 -34.12 9.60
C GLY C 114 7.60 -33.46 8.46
N TYR C 115 7.58 -34.08 7.28
CA TYR C 115 6.90 -33.56 6.11
C TYR C 115 7.49 -32.24 5.63
N ARG C 116 8.74 -31.94 6.00
CA ARG C 116 9.37 -30.71 5.55
C ARG C 116 10.05 -30.85 4.19
N LEU C 117 10.54 -32.04 3.85
CA LEU C 117 11.37 -32.22 2.66
C LEU C 117 10.67 -33.09 1.63
N TRP C 118 11.13 -32.96 0.39
CA TRP C 118 10.47 -33.50 -0.78
C TRP C 118 11.15 -34.77 -1.27
N ASN C 119 10.34 -35.69 -1.81
CA ASN C 119 10.84 -36.84 -2.53
C ASN C 119 10.03 -37.02 -3.79
N ASP C 120 10.71 -37.27 -4.91
CA ASP C 120 10.05 -37.70 -6.14
C ASP C 120 9.72 -39.18 -6.02
N GLN C 121 8.48 -39.54 -6.34
CA GLN C 121 7.99 -40.90 -6.13
C GLN C 121 7.06 -41.26 -7.28
N VAL C 122 6.22 -42.26 -7.06
CA VAL C 122 5.50 -42.94 -8.15
C VAL C 122 4.14 -42.28 -8.34
N CYS C 123 3.82 -41.97 -9.59
CA CYS C 123 2.58 -41.26 -9.90
C CYS C 123 1.36 -42.04 -9.41
N GLU C 124 1.33 -43.34 -9.67
CA GLU C 124 0.15 -44.15 -9.35
C GLU C 124 0.08 -44.52 -7.88
N SER C 125 1.15 -44.31 -7.11
CA SER C 125 1.09 -44.51 -5.67
C SER C 125 -0.08 -43.72 -5.08
N LYS C 126 -0.77 -44.32 -4.11
CA LYS C 126 -1.90 -43.69 -3.45
C LYS C 126 -1.42 -43.12 -2.12
N ASN C 127 -1.32 -41.79 -2.05
CA ASN C 127 -0.89 -41.08 -0.85
C ASN C 127 -1.98 -40.13 -0.39
N ALA C 128 -1.77 -39.56 0.80
CA ALA C 128 -2.54 -38.39 1.21
C ALA C 128 -2.07 -37.18 0.40
N PHE C 129 -2.87 -36.12 0.43
CA PHE C 129 -2.59 -34.98 -0.45
C PHE C 129 -3.07 -33.68 0.18
N LEU C 130 -2.53 -32.58 -0.35
CA LEU C 130 -2.66 -31.24 0.22
C LEU C 130 -3.22 -30.31 -0.84
N CYS C 131 -4.39 -29.72 -0.57
CA CYS C 131 -5.02 -28.81 -1.50
C CYS C 131 -4.70 -27.36 -1.15
N GLN C 132 -4.83 -26.50 -2.16
CA GLN C 132 -4.52 -25.08 -2.09
C GLN C 132 -5.57 -24.34 -2.89
N CYS C 133 -6.24 -23.37 -2.27
CA CYS C 133 -7.40 -22.75 -2.89
C CYS C 133 -7.43 -21.25 -2.64
N LYS C 134 -7.98 -20.52 -3.63
CA LYS C 134 -8.33 -19.13 -3.46
C LYS C 134 -9.78 -19.06 -2.96
N PHE C 135 -10.00 -18.30 -1.88
CA PHE C 135 -11.35 -18.11 -1.34
C PHE C 135 -11.81 -16.67 -1.45
N ASN D 2 -15.93 -10.45 -1.39
CA ASN D 2 -16.42 -11.69 -0.78
C ASN D 2 -16.09 -12.91 -1.63
N CYS D 3 -16.83 -13.07 -2.74
CA CYS D 3 -16.70 -14.20 -3.67
C CYS D 3 -17.31 -15.45 -3.05
N PRO D 4 -18.52 -15.85 -3.45
CA PRO D 4 -19.08 -17.11 -2.95
C PRO D 4 -18.16 -18.28 -3.26
N GLN D 5 -18.30 -19.34 -2.47
CA GLN D 5 -17.44 -20.51 -2.65
C GLN D 5 -17.70 -21.23 -3.96
N ASP D 6 -18.78 -20.91 -4.68
CA ASP D 6 -19.04 -21.47 -6.00
C ASP D 6 -18.70 -20.50 -7.13
N TRP D 7 -17.86 -19.51 -6.86
CA TRP D 7 -17.36 -18.58 -7.86
C TRP D 7 -15.84 -18.62 -7.88
N LEU D 8 -15.26 -18.08 -8.96
CA LEU D 8 -13.81 -18.08 -9.14
C LEU D 8 -13.25 -16.73 -8.74
N PRO D 9 -12.39 -16.65 -7.72
CA PRO D 9 -11.71 -15.38 -7.42
C PRO D 9 -10.51 -15.16 -8.35
N MET D 10 -10.45 -13.98 -8.95
CA MET D 10 -9.32 -13.64 -9.81
C MET D 10 -9.24 -12.12 -9.91
N ASN D 11 -8.20 -11.53 -9.33
CA ASN D 11 -7.89 -10.10 -9.50
C ASN D 11 -9.06 -9.22 -9.09
N GLY D 12 -9.65 -9.51 -7.93
CA GLY D 12 -10.64 -8.64 -7.34
C GLY D 12 -12.05 -8.84 -7.81
N LEU D 13 -12.28 -9.68 -8.83
CA LEU D 13 -13.61 -9.93 -9.35
C LEU D 13 -13.93 -11.41 -9.20
N CYS D 14 -15.23 -11.72 -9.28
CA CYS D 14 -15.73 -13.08 -9.12
C CYS D 14 -16.38 -13.52 -10.44
N TYR D 15 -15.92 -14.65 -10.96
CA TYR D 15 -16.39 -15.19 -12.23
C TYR D 15 -17.11 -16.50 -12.00
N LYS D 16 -18.19 -16.74 -12.74
CA LYS D 16 -18.92 -18.00 -12.65
C LYS D 16 -19.46 -18.40 -14.02
N ILE D 17 -19.29 -19.68 -14.36
CA ILE D 17 -19.85 -20.22 -15.58
C ILE D 17 -21.34 -20.49 -15.38
N PHE D 18 -22.12 -20.22 -16.41
CA PHE D 18 -23.52 -20.64 -16.47
C PHE D 18 -23.73 -21.49 -17.72
N ASN D 19 -24.49 -22.57 -17.57
CA ASN D 19 -24.66 -23.53 -18.65
C ASN D 19 -25.97 -23.35 -19.40
N GLU D 20 -26.93 -22.59 -18.86
CA GLU D 20 -28.16 -22.32 -19.58
C GLU D 20 -27.84 -21.56 -20.87
N LEU D 21 -28.35 -22.06 -21.99
CA LEU D 21 -27.99 -21.52 -23.29
C LEU D 21 -28.81 -20.27 -23.61
N LYS D 22 -28.13 -19.21 -24.01
CA LYS D 22 -28.78 -17.92 -24.25
C LYS D 22 -28.09 -17.20 -25.39
N ALA D 23 -28.85 -16.33 -26.06
CA ALA D 23 -28.25 -15.38 -26.99
C ALA D 23 -27.36 -14.40 -26.23
N TRP D 24 -26.48 -13.73 -26.98
CA TRP D 24 -25.47 -12.89 -26.35
C TRP D 24 -26.12 -11.78 -25.53
N LYS D 25 -27.05 -11.01 -26.13
CA LYS D 25 -27.72 -9.98 -25.36
C LYS D 25 -28.43 -10.58 -24.16
N ASP D 26 -29.12 -11.70 -24.35
CA ASP D 26 -29.83 -12.34 -23.25
C ASP D 26 -28.87 -12.81 -22.16
N ALA D 27 -27.64 -13.16 -22.54
CA ALA D 27 -26.65 -13.56 -21.54
C ALA D 27 -26.15 -12.34 -20.77
N GLU D 28 -25.97 -11.21 -21.46
CA GLU D 28 -25.53 -9.99 -20.77
C GLU D 28 -26.60 -9.48 -19.82
N MET D 29 -27.84 -9.32 -20.31
CA MET D 29 -28.89 -8.81 -19.45
C MET D 29 -29.16 -9.73 -18.27
N PHE D 30 -28.90 -11.03 -18.43
CA PHE D 30 -28.99 -11.94 -17.29
C PHE D 30 -27.99 -11.55 -16.20
N CYS D 31 -26.71 -11.44 -16.57
CA CYS D 31 -25.69 -11.06 -15.59
C CYS D 31 -26.06 -9.73 -14.92
N ARG D 32 -26.34 -8.70 -15.71
CA ARG D 32 -26.64 -7.39 -15.15
C ARG D 32 -27.82 -7.45 -14.18
N LYS D 33 -28.75 -8.36 -14.39
CA LYS D 33 -29.91 -8.48 -13.51
C LYS D 33 -29.69 -9.46 -12.37
N TYR D 34 -28.67 -10.32 -12.47
CA TYR D 34 -28.36 -11.25 -11.39
C TYR D 34 -28.06 -10.49 -10.10
N LYS D 35 -27.09 -9.56 -10.15
CA LYS D 35 -26.65 -8.83 -8.98
C LYS D 35 -26.07 -7.51 -9.46
N PRO D 36 -26.27 -6.41 -8.73
CA PRO D 36 -25.67 -5.14 -9.15
C PRO D 36 -24.15 -5.23 -9.18
N GLY D 37 -23.56 -4.79 -10.29
CA GLY D 37 -22.14 -4.93 -10.48
C GLY D 37 -21.75 -6.16 -11.26
N CYS D 38 -22.57 -6.59 -12.22
CA CYS D 38 -22.31 -7.79 -12.98
C CYS D 38 -22.41 -7.49 -14.48
N HIS D 39 -21.53 -8.11 -15.24
CA HIS D 39 -21.56 -8.06 -16.70
C HIS D 39 -21.01 -9.38 -17.22
N LEU D 40 -20.97 -9.52 -18.54
CA LEU D 40 -20.18 -10.59 -19.13
C LEU D 40 -18.70 -10.30 -18.92
N ALA D 41 -17.91 -11.37 -18.83
CA ALA D 41 -16.55 -11.24 -18.33
C ALA D 41 -15.66 -10.45 -19.29
N SER D 42 -14.77 -9.67 -18.71
CA SER D 42 -13.70 -9.00 -19.43
C SER D 42 -12.38 -9.66 -19.05
N ILE D 43 -11.42 -9.60 -19.97
CA ILE D 43 -10.13 -10.26 -19.80
C ILE D 43 -9.05 -9.25 -20.20
N HIS D 44 -8.00 -9.15 -19.38
CA HIS D 44 -7.01 -8.09 -19.51
C HIS D 44 -5.56 -8.52 -19.39
N LEU D 45 -5.26 -9.70 -18.88
CA LEU D 45 -3.88 -10.16 -18.74
C LEU D 45 -3.68 -11.45 -19.53
N TYR D 46 -2.47 -11.61 -20.06
CA TYR D 46 -2.08 -12.85 -20.71
C TYR D 46 -2.31 -14.04 -19.77
N GLY D 47 -2.04 -13.87 -18.49
CA GLY D 47 -2.19 -14.93 -17.51
C GLY D 47 -3.62 -15.18 -17.05
N GLU D 48 -4.56 -14.28 -17.37
CA GLU D 48 -5.95 -14.54 -17.03
C GLU D 48 -6.56 -15.59 -17.93
N SER D 49 -6.12 -15.67 -19.18
CA SER D 49 -6.74 -16.60 -20.12
C SER D 49 -6.56 -18.06 -19.70
N PRO D 50 -5.39 -18.51 -19.23
CA PRO D 50 -5.29 -19.91 -18.79
C PRO D 50 -6.15 -20.21 -17.56
N GLU D 51 -6.25 -19.28 -16.61
CA GLU D 51 -7.00 -19.55 -15.40
C GLU D 51 -8.50 -19.66 -15.69
N ILE D 52 -9.02 -18.78 -16.55
CA ILE D 52 -10.40 -18.91 -16.98
C ILE D 52 -10.60 -20.24 -17.71
N ALA D 53 -9.63 -20.63 -18.54
CA ALA D 53 -9.76 -21.84 -19.33
C ALA D 53 -9.94 -23.07 -18.43
N GLU D 54 -9.02 -23.27 -17.48
CA GLU D 54 -9.13 -24.43 -16.59
C GLU D 54 -10.45 -24.42 -15.84
N TYR D 55 -10.87 -23.25 -15.34
CA TYR D 55 -12.11 -23.17 -14.59
C TYR D 55 -13.28 -23.70 -15.41
N ILE D 56 -13.39 -23.27 -16.67
CA ILE D 56 -14.52 -23.68 -17.50
C ILE D 56 -14.43 -25.16 -17.83
N SER D 57 -13.23 -25.65 -18.16
CA SER D 57 -13.08 -27.05 -18.53
C SER D 57 -13.46 -27.99 -17.39
N ASP D 58 -13.37 -27.52 -16.15
CA ASP D 58 -13.65 -28.37 -15.00
C ASP D 58 -15.03 -28.14 -14.40
N TYR D 59 -15.74 -27.08 -14.79
CA TYR D 59 -17.00 -26.72 -14.13
C TYR D 59 -18.17 -26.48 -15.07
N HIS D 60 -17.96 -26.44 -16.38
CA HIS D 60 -19.08 -26.27 -17.31
C HIS D 60 -19.66 -27.63 -17.66
N LYS D 61 -20.93 -27.61 -18.06
CA LYS D 61 -21.66 -28.84 -18.38
C LYS D 61 -22.26 -28.69 -19.77
N GLY D 62 -21.98 -29.66 -20.63
CA GLY D 62 -22.20 -29.52 -22.05
C GLY D 62 -20.90 -29.25 -22.77
N GLN D 63 -20.99 -29.12 -24.09
CA GLN D 63 -19.84 -28.72 -24.91
C GLN D 63 -20.26 -27.55 -25.82
N SER D 64 -20.73 -26.49 -25.18
CA SER D 64 -21.06 -25.26 -25.88
C SER D 64 -19.91 -24.28 -25.77
N GLU D 65 -19.77 -23.43 -26.78
CA GLU D 65 -18.86 -22.31 -26.68
C GLU D 65 -19.39 -21.35 -25.61
N VAL D 66 -18.49 -20.51 -25.10
CA VAL D 66 -18.77 -19.68 -23.93
C VAL D 66 -18.70 -18.21 -24.33
N TRP D 67 -19.76 -17.46 -24.03
CA TRP D 67 -19.81 -16.04 -24.35
C TRP D 67 -18.92 -15.24 -23.41
N ILE D 68 -18.35 -14.16 -23.94
CA ILE D 68 -17.74 -13.12 -23.12
C ILE D 68 -18.25 -11.77 -23.62
N GLY D 69 -18.00 -10.73 -22.82
CA GLY D 69 -18.63 -9.45 -23.04
C GLY D 69 -17.94 -8.54 -24.04
N LEU D 70 -17.26 -9.12 -25.03
CA LEU D 70 -16.62 -8.34 -26.07
C LEU D 70 -17.53 -8.29 -27.29
N CYS D 71 -17.78 -7.09 -27.80
CA CYS D 71 -18.76 -6.88 -28.85
C CYS D 71 -18.29 -5.77 -29.79
N ASP D 72 -18.51 -6.00 -31.09
CA ASP D 72 -18.25 -4.98 -32.11
C ASP D 72 -19.57 -4.22 -32.35
N LYS D 73 -19.87 -3.32 -31.41
CA LYS D 73 -21.19 -2.70 -31.38
C LYS D 73 -21.50 -1.95 -32.66
N LYS D 74 -20.51 -1.22 -33.21
CA LYS D 74 -20.72 -0.46 -34.43
C LYS D 74 -20.14 -1.16 -35.67
N LYS D 75 -19.86 -2.45 -35.56
CA LYS D 75 -19.72 -3.34 -36.72
C LYS D 75 -18.68 -2.82 -37.72
N ASP D 76 -17.47 -2.53 -37.19
CA ASP D 76 -16.36 -2.10 -38.03
C ASP D 76 -15.02 -2.55 -37.47
N PHE D 77 -15.00 -3.67 -36.75
CA PHE D 77 -13.80 -4.19 -36.09
C PHE D 77 -13.34 -3.31 -34.93
N SER D 78 -14.28 -2.61 -34.29
CA SER D 78 -14.03 -1.87 -33.04
C SER D 78 -14.69 -2.64 -31.91
N TRP D 79 -13.90 -3.37 -31.14
CA TRP D 79 -14.41 -4.27 -30.11
C TRP D 79 -14.36 -3.57 -28.75
N GLU D 80 -15.51 -3.54 -28.07
CA GLU D 80 -15.66 -2.86 -26.79
C GLU D 80 -16.25 -3.83 -25.76
N TRP D 81 -15.82 -3.67 -24.51
CA TRP D 81 -16.35 -4.50 -23.43
C TRP D 81 -17.65 -3.91 -22.89
N THR D 82 -18.52 -4.79 -22.39
CA THR D 82 -19.81 -4.36 -21.87
C THR D 82 -19.70 -3.72 -20.48
N ASP D 83 -18.66 -4.07 -19.73
CA ASP D 83 -18.43 -3.48 -18.41
C ASP D 83 -17.66 -2.17 -18.47
N ARG D 84 -17.38 -1.65 -19.66
CA ARG D 84 -16.74 -0.36 -19.90
C ARG D 84 -15.25 -0.35 -19.61
N SER D 85 -14.64 -1.51 -19.36
CA SER D 85 -13.18 -1.56 -19.28
C SER D 85 -12.57 -1.51 -20.68
N CYS D 86 -11.29 -1.18 -20.73
CA CYS D 86 -10.65 -0.96 -22.03
C CYS D 86 -10.29 -2.27 -22.72
N THR D 87 -10.12 -2.19 -24.03
CA THR D 87 -9.75 -3.34 -24.85
C THR D 87 -8.24 -3.39 -25.01
N ASP D 88 -7.57 -3.69 -23.90
CA ASP D 88 -6.11 -3.70 -23.83
C ASP D 88 -5.52 -5.10 -23.96
N TYR D 89 -6.34 -6.12 -24.24
CA TYR D 89 -5.84 -7.48 -24.32
C TYR D 89 -6.61 -8.23 -25.40
N LEU D 90 -5.87 -9.02 -26.18
CA LEU D 90 -6.44 -9.87 -27.21
C LEU D 90 -5.89 -11.28 -27.07
N SER D 91 -6.71 -12.25 -27.44
CA SER D 91 -6.30 -13.66 -27.43
C SER D 91 -7.06 -14.39 -28.53
N TRP D 92 -6.99 -13.86 -29.75
CA TRP D 92 -7.79 -14.38 -30.85
C TRP D 92 -7.32 -15.77 -31.27
N ASP D 93 -8.22 -16.50 -31.93
CA ASP D 93 -7.91 -17.79 -32.50
C ASP D 93 -7.35 -17.62 -33.91
N LYS D 94 -6.89 -18.72 -34.49
CA LYS D 94 -6.27 -18.68 -35.80
C LYS D 94 -7.21 -18.08 -36.84
N ASN D 95 -6.73 -17.04 -37.52
CA ASN D 95 -7.50 -16.39 -38.60
C ASN D 95 -8.82 -15.85 -38.07
N GLN D 96 -8.78 -15.30 -36.86
CA GLN D 96 -9.94 -14.63 -36.29
C GLN D 96 -9.51 -13.26 -35.77
N PRO D 97 -10.43 -12.28 -35.76
CA PRO D 97 -11.82 -12.34 -36.21
C PRO D 97 -11.93 -12.27 -37.73
N ASP D 98 -13.06 -12.74 -38.29
CA ASP D 98 -13.19 -12.79 -39.74
C ASP D 98 -14.54 -12.29 -40.27
N HIS D 99 -15.38 -11.69 -39.43
CA HIS D 99 -16.70 -11.20 -39.84
C HIS D 99 -17.31 -12.10 -40.91
N TYR D 100 -17.39 -13.39 -40.64
CA TYR D 100 -17.81 -14.36 -41.66
C TYR D 100 -19.22 -14.02 -42.15
N GLN D 101 -19.35 -13.86 -43.47
CA GLN D 101 -20.61 -13.47 -44.10
C GLN D 101 -21.16 -12.17 -43.50
N ASN D 102 -20.29 -11.39 -42.85
CA ASN D 102 -20.68 -10.12 -42.26
C ASN D 102 -21.89 -10.28 -41.35
N LYS D 103 -21.88 -11.36 -40.56
CA LYS D 103 -22.94 -11.63 -39.58
C LYS D 103 -22.39 -11.98 -38.20
N GLU D 104 -21.07 -11.87 -37.99
CA GLU D 104 -20.43 -12.22 -36.73
C GLU D 104 -19.91 -10.94 -36.08
N PHE D 105 -20.49 -10.58 -34.93
CA PHE D 105 -20.05 -9.39 -34.21
C PHE D 105 -19.94 -9.60 -32.70
N CYS D 106 -20.23 -10.79 -32.18
CA CYS D 106 -20.08 -11.10 -30.77
C CYS D 106 -19.03 -12.18 -30.60
N VAL D 107 -18.31 -12.13 -29.47
CA VAL D 107 -17.09 -12.92 -29.27
C VAL D 107 -17.38 -14.06 -28.31
N GLU D 108 -16.92 -15.25 -28.66
CA GLU D 108 -17.08 -16.45 -27.85
C GLU D 108 -15.71 -17.10 -27.64
N LEU D 109 -15.65 -17.96 -26.63
CA LEU D 109 -14.46 -18.78 -26.39
C LEU D 109 -14.58 -20.10 -27.13
N VAL D 110 -13.44 -20.62 -27.57
CA VAL D 110 -13.39 -21.80 -28.43
C VAL D 110 -13.08 -23.00 -27.55
N SER D 111 -14.05 -23.90 -27.42
CA SER D 111 -13.83 -25.13 -26.66
C SER D 111 -12.68 -25.94 -27.23
N ASN D 112 -12.48 -25.89 -28.55
CA ASN D 112 -11.43 -26.66 -29.21
C ASN D 112 -10.03 -26.13 -28.89
N THR D 113 -9.91 -25.01 -28.18
CA THR D 113 -8.63 -24.48 -27.73
C THR D 113 -8.48 -24.55 -26.21
N GLY D 114 -9.33 -25.31 -25.54
CA GLY D 114 -9.38 -25.28 -24.09
C GLY D 114 -10.12 -24.09 -23.52
N TYR D 115 -10.88 -23.37 -24.35
CA TYR D 115 -11.57 -22.16 -23.93
C TYR D 115 -10.58 -21.03 -23.62
N ARG D 116 -9.51 -20.96 -24.41
CA ARG D 116 -8.45 -19.98 -24.20
C ARG D 116 -8.37 -18.91 -25.27
N LEU D 117 -8.76 -19.22 -26.50
CA LEU D 117 -8.69 -18.27 -27.61
C LEU D 117 -10.10 -17.82 -28.00
N TRP D 118 -10.15 -16.68 -28.69
CA TRP D 118 -11.41 -16.00 -28.96
C TRP D 118 -11.83 -16.21 -30.42
N ASN D 119 -13.13 -16.04 -30.67
CA ASN D 119 -13.69 -16.13 -32.01
C ASN D 119 -14.96 -15.29 -32.10
N ASP D 120 -15.06 -14.50 -33.18
CA ASP D 120 -16.27 -13.73 -33.43
C ASP D 120 -17.34 -14.62 -34.04
N GLN D 121 -18.59 -14.36 -33.68
CA GLN D 121 -19.68 -15.32 -33.89
C GLN D 121 -21.00 -14.57 -34.05
N VAL D 122 -22.01 -15.32 -34.49
CA VAL D 122 -23.37 -14.77 -34.62
C VAL D 122 -23.90 -14.40 -33.23
N CYS D 123 -24.58 -13.25 -33.18
CA CYS D 123 -24.97 -12.67 -31.89
C CYS D 123 -26.03 -13.50 -31.17
N GLU D 124 -26.91 -14.17 -31.92
CA GLU D 124 -28.00 -14.94 -31.33
C GLU D 124 -27.69 -16.43 -31.25
N SER D 125 -26.46 -16.82 -31.55
CA SER D 125 -26.05 -18.21 -31.41
C SER D 125 -26.12 -18.61 -29.95
N LYS D 126 -27.15 -19.38 -29.57
CA LYS D 126 -27.37 -19.73 -28.17
C LYS D 126 -26.20 -20.53 -27.61
N ASN D 127 -25.46 -19.91 -26.68
CA ASN D 127 -24.27 -20.51 -26.08
C ASN D 127 -24.35 -20.39 -24.56
N ALA D 128 -23.45 -21.11 -23.90
CA ALA D 128 -23.21 -20.88 -22.49
C ALA D 128 -22.46 -19.55 -22.31
N PHE D 129 -22.45 -19.05 -21.08
CA PHE D 129 -21.87 -17.72 -20.86
C PHE D 129 -21.21 -17.64 -19.49
N LEU D 130 -20.31 -16.67 -19.37
CA LEU D 130 -19.47 -16.47 -18.19
C LEU D 130 -19.73 -15.07 -17.65
N CYS D 131 -20.38 -14.98 -16.48
CA CYS D 131 -20.63 -13.69 -15.85
C CYS D 131 -19.43 -13.28 -15.00
N GLN D 132 -19.26 -11.97 -14.87
CA GLN D 132 -18.19 -11.36 -14.07
C GLN D 132 -18.85 -10.39 -13.11
N CYS D 133 -18.75 -10.67 -11.82
CA CYS D 133 -19.45 -9.88 -10.81
C CYS D 133 -18.47 -9.29 -9.81
N LYS D 134 -18.97 -8.31 -9.07
CA LYS D 134 -18.19 -7.52 -8.12
C LYS D 134 -18.91 -7.57 -6.78
N PHE D 135 -18.38 -8.32 -5.83
CA PHE D 135 -19.04 -8.55 -4.55
C PHE D 135 -18.53 -7.63 -3.44
N ASN E 1 -18.94 -2.66 2.19
CA ASN E 1 -17.66 -2.84 1.44
C ASN E 1 -17.30 -4.22 0.84
N ASN E 2 -17.52 -5.39 1.47
CA ASN E 2 -18.41 -5.69 2.60
C ASN E 2 -19.84 -5.21 2.35
N CYS E 3 -20.27 -5.26 1.05
CA CYS E 3 -21.60 -4.77 0.73
C CYS E 3 -22.62 -5.89 0.75
N PRO E 4 -23.86 -5.62 1.16
CA PRO E 4 -24.93 -6.61 0.95
C PRO E 4 -25.09 -6.93 -0.52
N GLN E 5 -25.54 -8.15 -0.80
CA GLN E 5 -25.62 -8.62 -2.19
C GLN E 5 -26.81 -8.04 -2.95
N ASP E 6 -27.60 -7.16 -2.34
CA ASP E 6 -28.59 -6.37 -3.05
C ASP E 6 -28.19 -4.89 -3.12
N TRP E 7 -26.91 -4.61 -2.93
CA TRP E 7 -26.37 -3.26 -3.02
C TRP E 7 -25.25 -3.22 -4.05
N LEU E 8 -25.01 -2.02 -4.59
CA LEU E 8 -23.95 -1.82 -5.57
C LEU E 8 -22.65 -1.46 -4.86
N PRO E 9 -21.61 -2.28 -4.96
CA PRO E 9 -20.30 -1.86 -4.44
C PRO E 9 -19.56 -0.99 -5.44
N MET E 10 -18.97 0.09 -4.93
CA MET E 10 -18.26 1.04 -5.79
C MET E 10 -17.34 1.90 -4.93
N ASN E 11 -16.04 1.84 -5.21
CA ASN E 11 -15.04 2.71 -4.61
C ASN E 11 -15.25 2.86 -3.10
N GLY E 12 -15.37 1.72 -2.42
CA GLY E 12 -15.37 1.70 -0.97
C GLY E 12 -16.74 1.83 -0.32
N LEU E 13 -17.74 2.32 -1.03
CA LEU E 13 -19.08 2.51 -0.47
C LEU E 13 -20.07 1.54 -1.12
N CYS E 14 -21.27 1.49 -0.55
CA CYS E 14 -22.37 0.69 -1.07
C CYS E 14 -23.53 1.60 -1.42
N TYR E 15 -24.07 1.43 -2.62
CA TYR E 15 -25.13 2.29 -3.15
C TYR E 15 -26.37 1.46 -3.46
N LYS E 16 -27.54 2.06 -3.28
CA LYS E 16 -28.79 1.35 -3.54
C LYS E 16 -29.88 2.34 -3.91
N ILE E 17 -30.73 1.92 -4.85
CA ILE E 17 -31.85 2.72 -5.31
C ILE E 17 -33.09 2.37 -4.51
N PHE E 18 -33.89 3.38 -4.18
CA PHE E 18 -35.13 3.20 -3.44
C PHE E 18 -36.27 3.78 -4.27
N ASN E 19 -37.29 2.96 -4.54
CA ASN E 19 -38.36 3.32 -5.46
C ASN E 19 -39.47 4.14 -4.81
N GLU E 20 -39.57 4.13 -3.48
CA GLU E 20 -40.57 4.96 -2.81
C GLU E 20 -40.39 6.41 -3.22
N LEU E 21 -41.51 7.12 -3.35
CA LEU E 21 -41.50 8.52 -3.75
C LEU E 21 -41.50 9.39 -2.50
N LYS E 22 -40.40 10.12 -2.29
CA LYS E 22 -40.23 10.94 -1.10
C LYS E 22 -39.66 12.29 -1.50
N ALA E 23 -39.96 13.30 -0.68
CA ALA E 23 -39.32 14.60 -0.85
C ALA E 23 -37.87 14.52 -0.43
N TRP E 24 -37.07 15.51 -0.89
CA TRP E 24 -35.63 15.44 -0.69
C TRP E 24 -35.27 15.28 0.79
N LYS E 25 -35.89 16.07 1.67
CA LYS E 25 -35.59 15.93 3.09
C LYS E 25 -36.08 14.59 3.63
N ASP E 26 -37.29 14.17 3.26
CA ASP E 26 -37.79 12.86 3.64
C ASP E 26 -36.77 11.78 3.30
N ALA E 27 -36.25 11.82 2.06
CA ALA E 27 -35.37 10.75 1.58
C ALA E 27 -34.02 10.78 2.30
N GLU E 28 -33.47 11.97 2.54
CA GLU E 28 -32.21 12.06 3.28
C GLU E 28 -32.33 11.42 4.65
N MET E 29 -33.36 11.80 5.42
CA MET E 29 -33.53 11.23 6.74
C MET E 29 -33.86 9.74 6.68
N PHE E 30 -34.48 9.29 5.60
CA PHE E 30 -34.69 7.85 5.43
C PHE E 30 -33.35 7.12 5.39
N CYS E 31 -32.43 7.60 4.55
CA CYS E 31 -31.11 6.96 4.47
C CYS E 31 -30.42 6.98 5.83
N ARG E 32 -30.41 8.15 6.48
CA ARG E 32 -29.66 8.30 7.73
C ARG E 32 -30.22 7.41 8.83
N LYS E 33 -31.53 7.17 8.85
CA LYS E 33 -32.13 6.29 9.83
C LYS E 33 -32.25 4.85 9.35
N TYR E 34 -31.82 4.57 8.11
CA TYR E 34 -31.75 3.19 7.64
C TYR E 34 -30.65 2.43 8.36
N LYS E 35 -29.50 3.07 8.55
CA LYS E 35 -28.33 2.44 9.15
C LYS E 35 -27.31 3.53 9.46
N PRO E 36 -26.52 3.40 10.54
CA PRO E 36 -25.49 4.41 10.80
C PRO E 36 -24.54 4.55 9.62
N GLY E 37 -24.24 5.80 9.26
CA GLY E 37 -23.30 6.06 8.18
C GLY E 37 -23.91 5.98 6.80
N CYS E 38 -25.15 6.45 6.63
CA CYS E 38 -25.84 6.46 5.35
C CYS E 38 -26.27 7.87 5.00
N HIS E 39 -26.16 8.22 3.72
CA HIS E 39 -26.67 9.49 3.22
C HIS E 39 -27.18 9.28 1.80
N LEU E 40 -27.78 10.33 1.25
CA LEU E 40 -28.05 10.36 -0.18
C LEU E 40 -26.72 10.43 -0.92
N ALA E 41 -26.62 9.67 -2.00
CA ALA E 41 -25.32 9.39 -2.60
C ALA E 41 -24.61 10.66 -3.05
N SER E 42 -23.29 10.61 -3.00
CA SER E 42 -22.41 11.64 -3.55
C SER E 42 -21.61 11.05 -4.71
N ILE E 43 -21.34 11.89 -5.71
CA ILE E 43 -20.53 11.50 -6.86
C ILE E 43 -19.29 12.39 -6.87
N HIS E 44 -18.16 11.80 -7.26
CA HIS E 44 -16.88 12.51 -7.22
C HIS E 44 -15.95 12.19 -8.38
N LEU E 45 -16.37 11.37 -9.34
CA LEU E 45 -15.49 10.96 -10.43
C LEU E 45 -16.28 10.83 -11.73
N TYR E 46 -15.64 11.26 -12.82
CA TYR E 46 -16.25 11.13 -14.14
C TYR E 46 -16.70 9.69 -14.41
N GLY E 47 -15.99 8.71 -13.84
CA GLY E 47 -16.31 7.32 -14.09
C GLY E 47 -17.33 6.69 -13.16
N GLU E 48 -17.79 7.43 -12.14
CA GLU E 48 -18.82 6.92 -11.25
C GLU E 48 -20.22 7.14 -11.82
N SER E 49 -20.44 8.23 -12.55
CA SER E 49 -21.78 8.51 -13.08
C SER E 49 -22.27 7.43 -14.02
N PRO E 50 -21.47 6.89 -14.94
CA PRO E 50 -21.98 5.79 -15.78
C PRO E 50 -22.31 4.53 -15.00
N GLU E 51 -21.46 4.14 -14.06
CA GLU E 51 -21.73 2.95 -13.26
C GLU E 51 -23.01 3.14 -12.44
N ILE E 52 -23.21 4.32 -11.86
CA ILE E 52 -24.48 4.63 -11.20
C ILE E 52 -25.61 4.60 -12.22
N ALA E 53 -25.42 5.30 -13.34
CA ALA E 53 -26.46 5.41 -14.36
C ALA E 53 -26.97 4.04 -14.78
N GLU E 54 -26.06 3.14 -15.18
CA GLU E 54 -26.47 1.81 -15.60
C GLU E 54 -27.18 1.06 -14.47
N TYR E 55 -26.67 1.18 -13.25
CA TYR E 55 -27.27 0.46 -12.13
C TYR E 55 -28.72 0.87 -11.92
N ILE E 56 -29.02 2.16 -12.03
CA ILE E 56 -30.39 2.62 -11.87
C ILE E 56 -31.25 2.12 -13.02
N SER E 57 -30.74 2.24 -14.26
CA SER E 57 -31.50 1.79 -15.41
C SER E 57 -31.83 0.31 -15.37
N ASP E 58 -31.12 -0.48 -14.56
CA ASP E 58 -31.35 -1.91 -14.47
C ASP E 58 -32.16 -2.34 -13.25
N TYR E 59 -32.19 -1.52 -12.20
CA TYR E 59 -32.89 -1.87 -10.97
C TYR E 59 -33.92 -0.84 -10.54
N HIS E 60 -34.20 0.17 -11.37
CA HIS E 60 -35.16 1.21 -11.03
C HIS E 60 -36.56 0.77 -11.47
N LYS E 61 -37.45 0.60 -10.49
CA LYS E 61 -38.85 0.28 -10.75
C LYS E 61 -39.62 1.59 -10.95
N GLY E 62 -40.04 1.83 -12.18
CA GLY E 62 -40.73 3.06 -12.54
C GLY E 62 -39.90 3.91 -13.48
N GLN E 63 -40.32 5.18 -13.59
CA GLN E 63 -39.59 6.17 -14.37
C GLN E 63 -39.31 7.43 -13.55
N SER E 64 -39.58 7.41 -12.25
CA SER E 64 -39.39 8.59 -11.41
C SER E 64 -37.94 9.08 -11.49
N GLU E 65 -37.77 10.40 -11.48
CA GLU E 65 -36.45 10.96 -11.28
C GLU E 65 -35.88 10.47 -9.95
N VAL E 66 -34.57 10.66 -9.76
CA VAL E 66 -33.87 10.12 -8.61
C VAL E 66 -33.11 11.24 -7.91
N TRP E 67 -33.46 11.52 -6.66
CA TRP E 67 -32.71 12.48 -5.86
C TRP E 67 -31.30 11.96 -5.58
N ILE E 68 -30.35 12.90 -5.47
CA ILE E 68 -29.05 12.63 -4.89
C ILE E 68 -28.76 13.71 -3.85
N GLY E 69 -27.61 13.61 -3.19
CA GLY E 69 -27.39 14.35 -1.96
C GLY E 69 -26.79 15.74 -2.12
N LEU E 70 -27.06 16.42 -3.24
CA LEU E 70 -26.53 17.76 -3.47
C LEU E 70 -27.61 18.79 -3.17
N CYS E 71 -27.23 19.83 -2.42
CA CYS E 71 -28.18 20.81 -1.92
C CYS E 71 -27.56 22.20 -1.93
N ASP E 72 -28.43 23.20 -2.10
CA ASP E 72 -28.04 24.61 -2.04
C ASP E 72 -28.75 25.25 -0.85
N LYS E 73 -28.29 24.89 0.36
CA LYS E 73 -28.93 25.37 1.58
C LYS E 73 -28.88 26.88 1.74
N LYS E 74 -27.98 27.55 1.02
CA LYS E 74 -27.88 29.01 1.08
C LYS E 74 -28.53 29.68 -0.12
N LYS E 75 -29.06 28.91 -1.07
CA LYS E 75 -29.80 29.47 -2.20
C LYS E 75 -28.96 30.50 -2.95
N ASP E 76 -27.65 30.21 -3.09
CA ASP E 76 -26.73 31.13 -3.75
C ASP E 76 -25.73 30.39 -4.61
N PHE E 77 -26.11 29.25 -5.18
CA PHE E 77 -25.24 28.47 -6.07
C PHE E 77 -23.97 28.01 -5.35
N SER E 78 -24.12 27.63 -4.08
CA SER E 78 -23.07 26.94 -3.32
C SER E 78 -23.61 25.56 -2.98
N TRP E 79 -23.27 24.58 -3.81
CA TRP E 79 -23.85 23.24 -3.73
C TRP E 79 -23.01 22.35 -2.81
N GLU E 80 -23.68 21.62 -1.92
CA GLU E 80 -23.02 20.84 -0.89
C GLU E 80 -23.60 19.43 -0.81
N TRP E 81 -22.72 18.45 -0.63
CA TRP E 81 -23.14 17.08 -0.39
C TRP E 81 -23.55 16.91 1.06
N THR E 82 -24.56 16.08 1.31
CA THR E 82 -25.05 15.86 2.67
C THR E 82 -24.12 14.97 3.48
N ASP E 83 -23.29 14.15 2.83
CA ASP E 83 -22.30 13.37 3.54
C ASP E 83 -21.08 14.20 3.94
N ARG E 84 -21.17 15.53 3.83
CA ARG E 84 -20.10 16.46 4.17
C ARG E 84 -18.85 16.25 3.34
N SER E 85 -18.93 15.46 2.27
CA SER E 85 -17.80 15.32 1.37
C SER E 85 -17.60 16.63 0.63
N CYS E 86 -16.76 16.60 -0.38
CA CYS E 86 -16.28 17.80 -1.06
C CYS E 86 -16.83 17.84 -2.47
N THR E 87 -17.45 18.97 -2.82
CA THR E 87 -17.94 19.16 -4.19
C THR E 87 -16.75 19.31 -5.12
N ASP E 88 -16.29 18.19 -5.68
CA ASP E 88 -15.11 18.15 -6.53
C ASP E 88 -15.43 17.55 -7.90
N TYR E 89 -16.70 17.51 -8.27
CA TYR E 89 -17.13 16.91 -9.52
C TYR E 89 -18.52 17.41 -9.85
N LEU E 90 -18.76 17.67 -11.12
CA LEU E 90 -20.05 18.16 -11.58
C LEU E 90 -20.43 17.43 -12.86
N SER E 91 -21.71 17.13 -12.99
CA SER E 91 -22.22 16.41 -14.16
C SER E 91 -23.61 16.95 -14.53
N TRP E 92 -23.69 18.27 -14.67
CA TRP E 92 -24.97 18.92 -14.92
C TRP E 92 -25.48 18.58 -16.31
N ASP E 93 -26.81 18.56 -16.45
CA ASP E 93 -27.44 18.47 -17.75
C ASP E 93 -27.40 19.82 -18.44
N LYS E 94 -27.72 19.85 -19.74
CA LYS E 94 -27.67 21.09 -20.48
C LYS E 94 -28.52 22.16 -19.81
N ASN E 95 -27.99 23.38 -19.78
CA ASN E 95 -28.72 24.56 -19.32
C ASN E 95 -29.09 24.46 -17.85
N GLN E 96 -28.42 23.61 -17.08
CA GLN E 96 -28.67 23.48 -15.66
C GLN E 96 -27.37 23.65 -14.87
N PRO E 97 -27.45 24.13 -13.61
CA PRO E 97 -28.65 24.50 -12.86
C PRO E 97 -29.21 25.85 -13.29
N ASP E 98 -30.50 26.09 -13.04
CA ASP E 98 -31.14 27.30 -13.52
C ASP E 98 -32.04 27.99 -12.50
N HIS E 99 -32.24 27.42 -11.31
CA HIS E 99 -33.09 28.03 -10.29
C HIS E 99 -34.43 28.46 -10.88
N TYR E 100 -35.07 27.55 -11.62
CA TYR E 100 -36.32 27.87 -12.31
C TYR E 100 -37.34 28.42 -11.33
N GLN E 101 -37.82 29.65 -11.59
CA GLN E 101 -38.78 30.34 -10.74
C GLN E 101 -38.29 30.47 -9.30
N ASN E 102 -36.98 30.33 -9.08
CA ASN E 102 -36.39 30.38 -7.74
C ASN E 102 -37.09 29.40 -6.78
N LYS E 103 -37.56 28.28 -7.33
CA LYS E 103 -38.13 27.21 -6.53
C LYS E 103 -37.19 26.02 -6.40
N GLU E 104 -36.17 25.92 -7.25
CA GLU E 104 -35.32 24.74 -7.34
C GLU E 104 -34.05 24.96 -6.54
N PHE E 105 -33.78 24.05 -5.60
CA PHE E 105 -32.53 24.09 -4.84
C PHE E 105 -32.00 22.69 -4.52
N CYS E 106 -32.73 21.63 -4.85
CA CYS E 106 -32.25 20.26 -4.69
C CYS E 106 -32.00 19.64 -6.06
N VAL E 107 -31.26 18.53 -6.06
CA VAL E 107 -30.69 17.97 -7.27
C VAL E 107 -31.18 16.55 -7.48
N GLU E 108 -31.56 16.24 -8.71
CA GLU E 108 -32.05 14.92 -9.10
C GLU E 108 -31.22 14.40 -10.28
N LEU E 109 -31.43 13.13 -10.62
CA LEU E 109 -30.86 12.53 -11.82
C LEU E 109 -31.93 12.42 -12.89
N VAL E 110 -31.56 12.82 -14.11
CA VAL E 110 -32.52 12.97 -15.20
C VAL E 110 -32.64 11.65 -15.95
N SER E 111 -33.87 11.12 -16.01
CA SER E 111 -34.11 9.85 -16.70
C SER E 111 -33.75 9.95 -18.18
N ASN E 112 -34.04 11.10 -18.81
CA ASN E 112 -33.78 11.26 -20.24
C ASN E 112 -32.31 11.05 -20.59
N THR E 113 -31.42 11.31 -19.63
CA THR E 113 -29.98 11.17 -19.85
C THR E 113 -29.46 9.80 -19.45
N GLY E 114 -30.34 8.86 -19.10
CA GLY E 114 -29.91 7.59 -18.52
C GLY E 114 -29.62 7.67 -17.05
N TYR E 115 -30.10 8.71 -16.37
CA TYR E 115 -29.73 8.99 -14.99
C TYR E 115 -28.23 9.28 -14.89
N ARG E 116 -27.72 9.97 -15.91
CA ARG E 116 -26.30 10.28 -16.02
C ARG E 116 -25.98 11.72 -15.68
N LEU E 117 -26.90 12.65 -15.94
CA LEU E 117 -26.65 14.08 -15.76
C LEU E 117 -27.65 14.66 -14.78
N TRP E 118 -27.26 15.78 -14.16
CA TRP E 118 -27.96 16.33 -13.01
C TRP E 118 -28.86 17.50 -13.42
N ASN E 119 -29.86 17.74 -12.57
CA ASN E 119 -30.78 18.86 -12.74
C ASN E 119 -31.22 19.34 -11.37
N ASP E 120 -31.28 20.65 -11.20
CA ASP E 120 -31.85 21.23 -9.99
C ASP E 120 -33.36 21.27 -10.12
N GLN E 121 -34.05 20.89 -9.03
CA GLN E 121 -35.48 20.63 -9.05
C GLN E 121 -36.10 21.11 -7.75
N VAL E 122 -37.42 21.27 -7.76
CA VAL E 122 -38.14 21.74 -6.58
C VAL E 122 -37.96 20.75 -5.44
N CYS E 123 -37.59 21.28 -4.27
CA CYS E 123 -37.28 20.43 -3.13
C CYS E 123 -38.43 19.49 -2.80
N GLU E 124 -39.66 20.01 -2.76
CA GLU E 124 -40.80 19.24 -2.28
C GLU E 124 -41.27 18.18 -3.27
N SER E 125 -40.76 18.18 -4.50
CA SER E 125 -41.10 17.12 -5.43
C SER E 125 -40.81 15.77 -4.81
N LYS E 126 -41.63 14.78 -5.14
CA LYS E 126 -41.54 13.44 -4.57
C LYS E 126 -40.98 12.50 -5.62
N ASN E 127 -39.75 12.04 -5.41
CA ASN E 127 -39.01 11.24 -6.36
C ASN E 127 -38.44 10.00 -5.66
N ALA E 128 -37.91 9.09 -6.48
CA ALA E 128 -37.07 8.02 -5.96
C ALA E 128 -35.73 8.61 -5.51
N PHE E 129 -34.94 7.79 -4.81
CA PHE E 129 -33.70 8.30 -4.24
C PHE E 129 -32.68 7.18 -4.11
N LEU E 130 -31.41 7.59 -4.06
CA LEU E 130 -30.26 6.69 -4.06
C LEU E 130 -29.47 6.93 -2.78
N CYS E 131 -29.47 5.94 -1.88
CA CYS E 131 -28.68 6.02 -0.66
C CYS E 131 -27.28 5.46 -0.90
N GLN E 132 -26.31 6.01 -0.18
CA GLN E 132 -24.98 5.43 -0.06
C GLN E 132 -24.71 5.18 1.42
N CYS E 133 -23.91 4.16 1.71
CA CYS E 133 -23.69 3.75 3.09
C CYS E 133 -22.29 3.18 3.27
N LYS E 134 -21.78 3.31 4.49
CA LYS E 134 -20.62 2.55 4.94
C LYS E 134 -21.09 1.25 5.58
N PHE E 135 -20.41 0.16 5.26
CA PHE E 135 -20.65 -1.12 5.92
C PHE E 135 -19.33 -1.66 6.46
N ASN F 2 11.29 14.38 -1.81
CA ASN F 2 11.85 14.91 -3.05
C ASN F 2 11.96 16.42 -2.99
N CYS F 3 12.37 16.99 -1.85
CA CYS F 3 12.27 18.43 -1.75
C CYS F 3 13.54 19.12 -1.28
N PRO F 4 13.83 20.30 -1.83
CA PRO F 4 15.08 21.00 -1.48
C PRO F 4 15.14 21.34 0.00
N GLN F 5 16.37 21.59 0.47
CA GLN F 5 16.63 21.67 1.90
C GLN F 5 16.24 23.01 2.50
N ASP F 6 15.98 24.04 1.70
CA ASP F 6 15.48 25.30 2.23
C ASP F 6 13.96 25.34 2.31
N TRP F 7 13.31 24.18 2.26
CA TRP F 7 11.85 24.08 2.33
C TRP F 7 11.45 23.10 3.42
N LEU F 8 10.21 23.23 3.88
CA LEU F 8 9.66 22.31 4.88
C LEU F 8 8.90 21.18 4.18
N PRO F 9 9.27 19.91 4.38
CA PRO F 9 8.45 18.82 3.85
C PRO F 9 7.29 18.51 4.80
N MET F 10 6.08 18.37 4.24
CA MET F 10 4.91 18.07 5.07
C MET F 10 3.86 17.39 4.21
N ASN F 11 3.61 16.11 4.49
CA ASN F 11 2.53 15.35 3.87
C ASN F 11 2.60 15.42 2.34
N GLY F 12 3.77 15.10 1.80
CA GLY F 12 3.96 15.01 0.37
C GLY F 12 4.13 16.33 -0.36
N LEU F 13 3.91 17.45 0.31
CA LEU F 13 4.08 18.76 -0.29
C LEU F 13 5.16 19.52 0.46
N CYS F 14 5.58 20.64 -0.12
CA CYS F 14 6.76 21.34 0.35
C CYS F 14 6.52 22.83 0.42
N TYR F 15 6.80 23.41 1.57
CA TYR F 15 6.41 24.77 1.91
C TYR F 15 7.65 25.61 2.14
N LYS F 16 7.48 26.92 2.00
CA LYS F 16 8.56 27.86 2.30
C LYS F 16 7.97 29.23 2.55
N ILE F 17 8.41 29.87 3.62
CA ILE F 17 7.99 31.23 3.93
C ILE F 17 8.87 32.20 3.17
N PHE F 18 8.25 33.15 2.48
CA PHE F 18 8.96 34.19 1.75
C PHE F 18 8.72 35.52 2.44
N ASN F 19 9.80 36.23 2.73
CA ASN F 19 9.74 37.41 3.58
C ASN F 19 9.45 38.71 2.83
N GLU F 20 9.74 38.77 1.54
CA GLU F 20 9.42 39.96 0.75
C GLU F 20 7.92 40.21 0.79
N LEU F 21 7.53 41.45 1.07
CA LEU F 21 6.11 41.79 1.17
C LEU F 21 5.48 41.89 -0.20
N LYS F 22 4.29 41.30 -0.35
CA LYS F 22 3.54 41.38 -1.59
C LYS F 22 2.05 41.34 -1.27
N ALA F 23 1.26 41.99 -2.11
CA ALA F 23 -0.19 41.88 -1.99
C ALA F 23 -0.61 40.46 -2.32
N TRP F 24 -1.83 40.10 -1.93
CA TRP F 24 -2.28 38.71 -2.04
C TRP F 24 -2.13 38.21 -3.48
N LYS F 25 -2.66 38.96 -4.44
CA LYS F 25 -2.59 38.52 -5.84
C LYS F 25 -1.14 38.35 -6.29
N ASP F 26 -0.31 39.35 -6.02
CA ASP F 26 1.09 39.28 -6.42
C ASP F 26 1.77 38.05 -5.80
N ALA F 27 1.48 37.77 -4.54
CA ALA F 27 2.11 36.63 -3.87
C ALA F 27 1.72 35.31 -4.53
N GLU F 28 0.43 35.10 -4.72
CA GLU F 28 -0.04 33.88 -5.39
C GLU F 28 0.69 33.66 -6.70
N MET F 29 0.86 34.73 -7.49
CA MET F 29 1.49 34.58 -8.80
C MET F 29 2.99 34.35 -8.67
N PHE F 30 3.63 34.91 -7.65
CA PHE F 30 5.04 34.63 -7.41
C PHE F 30 5.25 33.13 -7.20
N CYS F 31 4.48 32.52 -6.30
CA CYS F 31 4.55 31.07 -6.11
C CYS F 31 4.33 30.35 -7.43
N ARG F 32 3.23 30.68 -8.12
CA ARG F 32 2.85 29.98 -9.35
C ARG F 32 4.01 29.90 -10.34
N LYS F 33 4.71 31.00 -10.54
CA LYS F 33 5.78 31.06 -11.53
C LYS F 33 7.14 30.69 -10.97
N TYR F 34 7.29 30.59 -9.65
CA TYR F 34 8.52 30.04 -9.10
C TYR F 34 8.83 28.69 -9.73
N LYS F 35 7.80 27.86 -9.87
CA LYS F 35 7.96 26.51 -10.38
C LYS F 35 6.58 25.98 -10.75
N PRO F 36 6.47 25.11 -11.75
CA PRO F 36 5.17 24.52 -12.06
C PRO F 36 4.61 23.72 -10.88
N GLY F 37 3.33 23.93 -10.60
CA GLY F 37 2.68 23.23 -9.52
C GLY F 37 2.86 23.86 -8.16
N CYS F 38 2.80 25.19 -8.09
CA CYS F 38 2.94 25.90 -6.83
C CYS F 38 1.73 26.81 -6.61
N HIS F 39 1.41 27.02 -5.33
CA HIS F 39 0.35 27.95 -4.94
C HIS F 39 0.68 28.48 -3.56
N LEU F 40 -0.11 29.45 -3.12
CA LEU F 40 -0.14 29.78 -1.70
C LEU F 40 -0.68 28.58 -0.93
N ALA F 41 -0.15 28.35 0.26
CA ALA F 41 -0.34 27.09 0.95
C ALA F 41 -1.80 26.87 1.34
N SER F 42 -2.21 25.60 1.29
CA SER F 42 -3.50 25.15 1.79
C SER F 42 -3.29 24.27 3.01
N ILE F 43 -4.26 24.32 3.93
CA ILE F 43 -4.17 23.62 5.20
C ILE F 43 -5.43 22.79 5.37
N HIS F 44 -5.25 21.52 5.76
CA HIS F 44 -6.34 20.56 5.77
C HIS F 44 -6.46 19.73 7.05
N LEU F 45 -5.53 19.87 7.99
CA LEU F 45 -5.57 19.08 9.21
C LEU F 45 -5.25 19.93 10.42
N TYR F 46 -5.92 19.63 11.53
CA TYR F 46 -5.59 20.23 12.82
C TYR F 46 -4.11 20.07 13.13
N GLY F 47 -3.49 18.99 12.65
CA GLY F 47 -2.08 18.76 12.91
C GLY F 47 -1.17 19.60 12.06
N GLU F 48 -1.63 20.03 10.88
CA GLU F 48 -0.79 20.84 10.01
C GLU F 48 -0.60 22.25 10.55
N SER F 49 -1.57 22.76 11.32
CA SER F 49 -1.51 24.14 11.80
C SER F 49 -0.29 24.40 12.68
N PRO F 50 -0.07 23.65 13.76
CA PRO F 50 1.09 23.95 14.61
C PRO F 50 2.42 23.70 13.91
N GLU F 51 2.48 22.75 12.96
CA GLU F 51 3.74 22.50 12.27
C GLU F 51 4.10 23.67 11.37
N ILE F 52 3.11 24.29 10.73
CA ILE F 52 3.34 25.50 9.94
C ILE F 52 3.67 26.67 10.86
N ALA F 53 2.93 26.78 11.97
CA ALA F 53 3.12 27.90 12.89
C ALA F 53 4.55 27.94 13.42
N GLU F 54 5.09 26.79 13.79
CA GLU F 54 6.46 26.76 14.33
C GLU F 54 7.48 27.02 13.23
N TYR F 55 7.25 26.50 12.02
CA TYR F 55 8.19 26.74 10.93
C TYR F 55 8.32 28.22 10.64
N ILE F 56 7.19 28.93 10.53
CA ILE F 56 7.22 30.36 10.29
C ILE F 56 7.99 31.07 11.39
N SER F 57 7.61 30.82 12.65
CA SER F 57 8.24 31.50 13.77
C SER F 57 9.76 31.36 13.74
N ASP F 58 10.26 30.20 13.32
CA ASP F 58 11.70 29.96 13.34
C ASP F 58 12.42 30.52 12.12
N TYR F 59 11.71 30.69 11.00
CA TYR F 59 12.35 31.09 9.75
C TYR F 59 11.83 32.41 9.18
N HIS F 60 10.82 33.01 9.80
CA HIS F 60 10.27 34.27 9.31
C HIS F 60 11.12 35.43 9.80
N LYS F 61 11.39 36.38 8.89
CA LYS F 61 12.08 37.62 9.23
C LYS F 61 11.05 38.74 9.27
N GLY F 62 10.91 39.36 10.43
CA GLY F 62 9.86 40.34 10.67
C GLY F 62 8.74 39.75 11.50
N GLN F 63 7.80 40.63 11.89
CA GLN F 63 6.61 40.22 12.61
C GLN F 63 5.34 40.47 11.81
N SER F 64 5.47 40.58 10.49
CA SER F 64 4.33 40.80 9.62
C SER F 64 3.44 39.55 9.56
N GLU F 65 2.22 39.73 9.07
CA GLU F 65 1.33 38.61 8.86
C GLU F 65 1.72 37.88 7.58
N VAL F 66 1.09 36.71 7.37
CA VAL F 66 1.49 35.79 6.31
C VAL F 66 0.28 35.41 5.48
N TRP F 67 0.38 35.59 4.16
CA TRP F 67 -0.69 35.21 3.25
C TRP F 67 -0.75 33.69 3.10
N ILE F 68 -1.96 33.18 2.93
CA ILE F 68 -2.18 31.80 2.51
C ILE F 68 -3.23 31.82 1.40
N GLY F 69 -3.38 30.67 0.75
CA GLY F 69 -4.12 30.61 -0.51
C GLY F 69 -5.63 30.57 -0.40
N LEU F 70 -6.18 30.98 0.73
CA LEU F 70 -7.63 31.00 0.92
C LEU F 70 -8.17 32.39 0.60
N CYS F 71 -9.25 32.44 -0.18
CA CYS F 71 -9.88 33.71 -0.50
C CYS F 71 -11.34 33.46 -0.84
N ASP F 72 -12.09 34.56 -0.93
CA ASP F 72 -13.52 34.53 -1.23
C ASP F 72 -13.68 35.23 -2.58
N LYS F 73 -13.54 34.47 -3.67
CA LYS F 73 -13.66 35.05 -5.00
C LYS F 73 -15.08 35.56 -5.25
N LYS F 74 -16.09 34.85 -4.73
CA LYS F 74 -17.48 35.26 -4.91
C LYS F 74 -17.89 36.39 -3.97
N LYS F 75 -17.06 36.72 -2.98
CA LYS F 75 -17.34 37.81 -2.04
C LYS F 75 -18.66 37.58 -1.29
N ASP F 76 -18.88 36.33 -0.85
CA ASP F 76 -20.07 36.01 -0.06
C ASP F 76 -19.83 34.85 0.89
N PHE F 77 -18.60 34.71 1.39
CA PHE F 77 -18.21 33.63 2.30
C PHE F 77 -18.15 32.28 1.58
N SER F 78 -17.68 32.29 0.33
CA SER F 78 -17.40 31.07 -0.42
C SER F 78 -15.89 30.90 -0.46
N TRP F 79 -15.35 30.30 0.60
CA TRP F 79 -13.92 30.24 0.81
C TRP F 79 -13.33 29.11 -0.03
N GLU F 80 -12.45 29.46 -0.96
CA GLU F 80 -11.90 28.53 -1.94
C GLU F 80 -10.38 28.63 -1.94
N TRP F 81 -9.71 27.48 -1.84
CA TRP F 81 -8.26 27.44 -1.92
C TRP F 81 -7.79 27.67 -3.35
N THR F 82 -6.58 28.22 -3.49
CA THR F 82 -6.02 28.49 -4.81
C THR F 82 -5.64 27.20 -5.53
N ASP F 83 -5.13 26.21 -4.79
CA ASP F 83 -4.73 24.94 -5.40
C ASP F 83 -5.91 24.01 -5.64
N ARG F 84 -7.14 24.52 -5.53
CA ARG F 84 -8.36 23.80 -5.84
C ARG F 84 -8.60 22.60 -4.94
N SER F 85 -7.83 22.44 -3.88
CA SER F 85 -8.12 21.41 -2.90
C SER F 85 -9.35 21.81 -2.09
N CYS F 86 -9.85 20.87 -1.30
CA CYS F 86 -11.12 21.04 -0.62
C CYS F 86 -10.98 21.88 0.64
N THR F 87 -11.98 22.74 0.88
CA THR F 87 -12.07 23.48 2.13
C THR F 87 -12.68 22.55 3.17
N ASP F 88 -11.84 21.67 3.71
CA ASP F 88 -12.25 20.64 4.65
C ASP F 88 -11.70 20.89 6.05
N TYR F 89 -11.22 22.09 6.32
CA TYR F 89 -10.62 22.39 7.61
C TYR F 89 -10.56 23.89 7.79
N LEU F 90 -10.74 24.34 9.05
CA LEU F 90 -10.78 25.75 9.37
C LEU F 90 -10.04 26.00 10.67
N SER F 91 -9.42 27.18 10.76
CA SER F 91 -8.70 27.60 11.95
C SER F 91 -8.78 29.14 12.05
N TRP F 92 -10.01 29.66 12.15
CA TRP F 92 -10.22 31.10 12.18
C TRP F 92 -9.85 31.66 13.56
N ASP F 93 -9.34 32.90 13.56
CA ASP F 93 -9.17 33.63 14.80
C ASP F 93 -10.55 33.96 15.38
N LYS F 94 -10.54 34.59 16.56
CA LYS F 94 -11.80 34.93 17.21
C LYS F 94 -12.53 36.00 16.42
N ASN F 95 -13.84 35.82 16.26
CA ASN F 95 -14.70 36.73 15.53
C ASN F 95 -14.33 36.82 14.05
N GLN F 96 -13.71 35.78 13.50
CA GLN F 96 -13.35 35.78 12.10
C GLN F 96 -14.00 34.60 11.38
N PRO F 97 -14.25 34.73 10.06
CA PRO F 97 -13.97 35.91 9.24
C PRO F 97 -15.02 37.00 9.48
N ASP F 98 -14.63 38.27 9.31
CA ASP F 98 -15.51 39.36 9.68
C ASP F 98 -15.91 40.27 8.52
N HIS F 99 -15.31 40.13 7.34
CA HIS F 99 -15.62 40.99 6.21
C HIS F 99 -15.60 42.46 6.62
N TYR F 100 -14.58 42.84 7.38
CA TYR F 100 -14.57 44.15 8.01
C TYR F 100 -14.67 45.25 6.96
N GLN F 101 -15.72 46.07 7.06
CA GLN F 101 -15.98 47.16 6.12
C GLN F 101 -16.06 46.68 4.68
N ASN F 102 -16.31 45.39 4.48
CA ASN F 102 -16.46 44.80 3.15
C ASN F 102 -15.26 45.12 2.25
N LYS F 103 -14.07 45.09 2.86
CA LYS F 103 -12.81 45.19 2.12
C LYS F 103 -11.94 43.95 2.26
N GLU F 104 -12.26 43.05 3.19
CA GLU F 104 -11.40 41.91 3.52
C GLU F 104 -11.91 40.67 2.79
N PHE F 105 -11.08 40.12 1.90
CA PHE F 105 -11.44 38.92 1.15
C PHE F 105 -10.30 37.94 0.96
N CYS F 106 -9.13 38.20 1.55
CA CYS F 106 -8.00 37.29 1.49
C CYS F 106 -7.52 37.00 2.91
N VAL F 107 -7.06 35.77 3.12
CA VAL F 107 -6.86 35.24 4.46
C VAL F 107 -5.38 35.20 4.80
N GLU F 108 -5.05 35.65 6.00
CA GLU F 108 -3.68 35.72 6.50
C GLU F 108 -3.56 34.93 7.80
N LEU F 109 -2.34 34.47 8.10
CA LEU F 109 -2.03 33.89 9.40
C LEU F 109 -1.64 35.02 10.35
N VAL F 110 -2.19 34.98 11.56
CA VAL F 110 -2.04 36.07 12.52
C VAL F 110 -0.77 35.83 13.32
N SER F 111 0.02 36.89 13.49
CA SER F 111 1.34 36.75 14.10
C SER F 111 1.24 36.49 15.61
N ASN F 112 0.44 37.28 16.31
CA ASN F 112 0.39 37.16 17.77
C ASN F 112 -0.48 36.02 18.25
N THR F 113 -0.91 35.14 17.35
CA THR F 113 -1.44 33.83 17.72
C THR F 113 -0.41 32.73 17.49
N GLY F 114 0.85 33.10 17.22
CA GLY F 114 1.85 32.14 16.81
C GLY F 114 1.71 31.68 15.38
N TYR F 115 0.74 32.21 14.63
CA TYR F 115 0.41 31.79 13.28
C TYR F 115 -0.37 30.48 13.29
N ARG F 116 -1.17 30.24 14.33
CA ARG F 116 -2.07 29.10 14.34
C ARG F 116 -3.45 29.45 13.78
N LEU F 117 -3.89 30.69 13.92
CA LEU F 117 -5.23 31.10 13.56
C LEU F 117 -5.22 32.06 12.37
N TRP F 118 -6.35 32.11 11.66
CA TRP F 118 -6.49 32.85 10.41
C TRP F 118 -7.27 34.13 10.61
N ASN F 119 -7.10 35.05 9.66
CA ASN F 119 -7.90 36.27 9.59
C ASN F 119 -8.05 36.68 8.14
N ASP F 120 -9.26 37.11 7.77
CA ASP F 120 -9.48 37.73 6.46
C ASP F 120 -9.10 39.20 6.52
N GLN F 121 -8.50 39.69 5.45
CA GLN F 121 -7.82 40.97 5.44
C GLN F 121 -7.98 41.60 4.06
N VAL F 122 -7.60 42.87 3.95
CA VAL F 122 -7.71 43.57 2.68
C VAL F 122 -6.66 43.04 1.70
N CYS F 123 -7.10 42.77 0.47
CA CYS F 123 -6.26 42.07 -0.50
C CYS F 123 -5.00 42.85 -0.82
N GLU F 124 -5.09 44.19 -0.89
CA GLU F 124 -3.95 45.02 -1.25
C GLU F 124 -2.88 45.05 -0.17
N SER F 125 -3.19 44.58 1.03
CA SER F 125 -2.21 44.56 2.11
C SER F 125 -0.98 43.77 1.70
N LYS F 126 0.20 44.37 1.89
CA LYS F 126 1.45 43.73 1.52
C LYS F 126 1.98 42.96 2.73
N ASN F 127 1.95 41.64 2.65
CA ASN F 127 2.37 40.74 3.72
C ASN F 127 3.48 39.82 3.22
N ALA F 128 4.06 39.06 4.15
CA ALA F 128 4.81 37.88 3.77
C ALA F 128 3.83 36.81 3.26
N PHE F 129 4.38 35.76 2.66
CA PHE F 129 3.52 34.73 2.07
C PHE F 129 4.20 33.37 2.16
N LEU F 130 3.36 32.33 2.09
CA LEU F 130 3.78 30.94 2.26
C LEU F 130 3.46 30.18 0.98
N CYS F 131 4.49 29.73 0.28
CA CYS F 131 4.30 28.97 -0.95
C CYS F 131 4.18 27.48 -0.65
N GLN F 132 3.54 26.78 -1.58
CA GLN F 132 3.33 25.34 -1.49
C GLN F 132 3.60 24.76 -2.87
N CYS F 133 4.46 23.75 -2.96
CA CYS F 133 4.91 23.25 -4.24
C CYS F 133 5.00 21.73 -4.24
N LYS F 134 4.68 21.14 -5.39
CA LYS F 134 5.03 19.76 -5.68
C LYS F 134 6.46 19.71 -6.22
N PHE F 135 7.09 18.55 -6.08
CA PHE F 135 8.42 18.33 -6.64
C PHE F 135 8.62 16.91 -7.18
N ASN G 2 8.81 12.57 -9.02
CA ASN G 2 10.22 12.52 -9.35
C ASN G 2 10.52 13.25 -10.67
N CYS G 3 10.23 14.54 -10.71
CA CYS G 3 10.27 15.33 -11.93
C CYS G 3 11.39 16.35 -11.91
N PRO G 4 11.83 16.83 -13.07
CA PRO G 4 12.64 18.05 -13.12
C PRO G 4 11.82 19.25 -12.66
N GLN G 5 12.49 20.40 -12.55
CA GLN G 5 11.81 21.55 -11.99
C GLN G 5 11.01 22.32 -13.03
N ASP G 6 11.47 22.35 -14.29
CA ASP G 6 10.68 23.01 -15.32
C ASP G 6 9.46 22.21 -15.74
N TRP G 7 9.25 21.02 -15.15
CA TRP G 7 8.13 20.16 -15.48
C TRP G 7 7.08 20.18 -14.38
N LEU G 8 5.85 19.82 -14.75
CA LEU G 8 4.73 19.80 -13.82
C LEU G 8 4.49 18.38 -13.31
N PRO G 9 4.63 18.11 -12.02
CA PRO G 9 4.30 16.79 -11.49
C PRO G 9 2.79 16.65 -11.27
N MET G 10 2.23 15.52 -11.71
CA MET G 10 0.81 15.25 -11.52
C MET G 10 0.58 13.75 -11.60
N ASN G 11 0.01 13.18 -10.53
CA ASN G 11 -0.41 11.78 -10.49
C ASN G 11 0.66 10.84 -11.07
N GLY G 12 1.90 11.02 -10.61
CA GLY G 12 2.96 10.07 -10.89
C GLY G 12 3.71 10.32 -12.19
N LEU G 13 3.27 11.24 -13.02
CA LEU G 13 3.95 11.56 -14.26
C LEU G 13 4.36 13.03 -14.26
N CYS G 14 5.16 13.39 -15.26
CA CYS G 14 5.66 14.76 -15.42
C CYS G 14 5.16 15.32 -16.74
N TYR G 15 4.70 16.56 -16.70
CA TYR G 15 4.15 17.25 -17.87
C TYR G 15 4.90 18.54 -18.09
N LYS G 16 5.02 18.96 -19.35
CA LYS G 16 5.61 20.24 -19.67
C LYS G 16 5.03 20.78 -20.96
N ILE G 17 4.81 22.09 -21.01
CA ILE G 17 4.33 22.76 -22.20
C ILE G 17 5.52 23.19 -23.05
N PHE G 18 5.47 22.87 -24.34
CA PHE G 18 6.47 23.31 -25.30
C PHE G 18 5.84 24.34 -26.24
N ASN G 19 6.49 25.49 -26.37
CA ASN G 19 5.90 26.62 -27.08
C ASN G 19 6.25 26.65 -28.56
N GLU G 20 7.25 25.88 -29.00
CA GLU G 20 7.50 25.75 -30.42
C GLU G 20 6.27 25.18 -31.11
N LEU G 21 5.91 25.76 -32.25
CA LEU G 21 4.73 25.35 -33.01
C LEU G 21 5.08 24.20 -33.95
N LYS G 22 4.34 23.11 -33.82
CA LYS G 22 4.55 21.92 -34.63
C LYS G 22 3.20 21.32 -34.98
N ALA G 23 3.15 20.61 -36.10
CA ALA G 23 1.99 19.79 -36.40
C ALA G 23 1.91 18.64 -35.40
N TRP G 24 0.76 17.96 -35.41
CA TRP G 24 0.50 16.96 -34.37
C TRP G 24 1.53 15.85 -34.39
N LYS G 25 1.80 15.29 -35.57
CA LYS G 25 2.72 14.16 -35.65
C LYS G 25 4.14 14.57 -35.27
N ASP G 26 4.55 15.79 -35.63
CA ASP G 26 5.85 16.28 -35.19
C ASP G 26 5.90 16.42 -33.68
N ALA G 27 4.84 16.97 -33.08
CA ALA G 27 4.82 17.16 -31.64
C ALA G 27 4.92 15.83 -30.91
N GLU G 28 4.21 14.80 -31.40
CA GLU G 28 4.34 13.48 -30.81
C GLU G 28 5.77 12.97 -30.93
N MET G 29 6.34 13.04 -32.14
CA MET G 29 7.68 12.53 -32.33
C MET G 29 8.71 13.31 -31.53
N PHE G 30 8.49 14.62 -31.33
CA PHE G 30 9.42 15.38 -30.52
C PHE G 30 9.43 14.88 -29.07
N CYS G 31 8.25 14.77 -28.47
CA CYS G 31 8.15 14.21 -27.12
C CYS G 31 8.84 12.84 -27.07
N ARG G 32 8.54 11.98 -28.05
CA ARG G 32 9.06 10.61 -28.02
C ARG G 32 10.58 10.57 -27.98
N LYS G 33 11.24 11.48 -28.70
CA LYS G 33 12.69 11.48 -28.78
C LYS G 33 13.35 12.33 -27.72
N TYR G 34 12.61 13.25 -27.10
CA TYR G 34 13.17 14.04 -26.01
C TYR G 34 13.77 13.14 -24.94
N LYS G 35 13.02 12.14 -24.50
CA LYS G 35 13.49 11.17 -23.52
C LYS G 35 12.69 9.89 -23.71
N PRO G 36 13.29 8.72 -23.47
CA PRO G 36 12.52 7.48 -23.60
C PRO G 36 11.35 7.44 -22.61
N GLY G 37 10.20 6.99 -23.10
CA GLY G 37 9.02 6.90 -22.28
C GLY G 37 8.17 8.16 -22.23
N CYS G 38 8.20 8.98 -23.28
CA CYS G 38 7.44 10.21 -23.35
C CYS G 38 6.43 10.15 -24.49
N HIS G 39 5.35 10.91 -24.35
CA HIS G 39 4.30 11.00 -25.36
C HIS G 39 3.57 12.31 -25.16
N LEU G 40 2.81 12.71 -26.19
CA LEU G 40 1.84 13.78 -25.99
C LEU G 40 0.91 13.41 -24.85
N ALA G 41 0.55 14.40 -24.03
CA ALA G 41 -0.14 14.13 -22.79
C ALA G 41 -1.48 13.45 -23.00
N SER G 42 -1.80 12.52 -22.10
CA SER G 42 -3.15 11.99 -21.96
C SER G 42 -3.73 12.47 -20.64
N ILE G 43 -5.06 12.52 -20.59
CA ILE G 43 -5.81 13.05 -19.47
C ILE G 43 -6.88 12.04 -19.09
N HIS G 44 -6.96 11.70 -17.80
CA HIS G 44 -7.77 10.59 -17.36
C HIS G 44 -8.74 10.89 -16.22
N LEU G 45 -8.68 12.07 -15.60
CA LEU G 45 -9.58 12.39 -14.50
C LEU G 45 -10.17 13.78 -14.67
N TYR G 46 -11.36 13.96 -14.08
CA TYR G 46 -12.02 15.25 -14.09
C TYR G 46 -11.17 16.32 -13.40
N GLY G 47 -10.50 15.96 -12.31
CA GLY G 47 -9.67 16.90 -11.60
C GLY G 47 -8.36 17.22 -12.29
N GLU G 48 -7.91 16.35 -13.21
CA GLU G 48 -6.67 16.61 -13.93
C GLU G 48 -6.78 17.79 -14.89
N SER G 49 -8.01 18.10 -15.35
CA SER G 49 -8.15 19.10 -16.41
C SER G 49 -7.83 20.50 -15.91
N PRO G 50 -8.50 21.04 -14.89
CA PRO G 50 -8.08 22.36 -14.39
C PRO G 50 -6.62 22.44 -14.00
N GLU G 51 -6.06 21.36 -13.43
CA GLU G 51 -4.64 21.37 -13.08
C GLU G 51 -3.79 21.70 -14.29
N ILE G 52 -4.02 21.00 -15.41
CA ILE G 52 -3.31 21.29 -16.64
C ILE G 52 -3.69 22.67 -17.16
N ALA G 53 -4.98 23.01 -17.10
CA ALA G 53 -5.45 24.27 -17.65
C ALA G 53 -4.75 25.47 -17.02
N GLU G 54 -4.53 25.41 -15.71
CA GLU G 54 -3.86 26.52 -15.03
C GLU G 54 -2.37 26.53 -15.32
N TYR G 55 -1.74 25.35 -15.35
CA TYR G 55 -0.32 25.28 -15.67
C TYR G 55 -0.03 25.97 -17.01
N ILE G 56 -0.75 25.57 -18.06
CA ILE G 56 -0.47 26.09 -19.39
C ILE G 56 -0.66 27.60 -19.42
N SER G 57 -1.82 28.08 -18.92
CA SER G 57 -2.09 29.51 -18.90
C SER G 57 -0.91 30.29 -18.31
N ASP G 58 -0.36 29.82 -17.19
CA ASP G 58 0.74 30.52 -16.56
C ASP G 58 2.02 30.44 -17.38
N TYR G 59 2.28 29.28 -18.00
CA TYR G 59 3.57 29.01 -18.63
C TYR G 59 3.50 28.96 -20.15
N HIS G 60 2.36 29.25 -20.75
CA HIS G 60 2.25 29.27 -22.21
C HIS G 60 2.77 30.61 -22.71
N LYS G 61 4.06 30.67 -23.03
CA LYS G 61 4.63 31.83 -23.68
C LYS G 61 4.05 31.96 -25.09
N GLY G 62 3.13 32.91 -25.26
CA GLY G 62 2.51 33.16 -26.56
C GLY G 62 1.00 33.05 -26.47
N GLN G 63 0.41 32.46 -27.52
CA GLN G 63 -1.04 32.43 -27.65
C GLN G 63 -1.42 31.46 -28.75
N SER G 64 -1.67 30.20 -28.39
CA SER G 64 -1.94 29.15 -29.37
C SER G 64 -2.88 28.13 -28.76
N GLU G 65 -3.38 27.25 -29.61
CA GLU G 65 -3.98 26.01 -29.15
C GLU G 65 -2.87 25.01 -28.85
N VAL G 66 -3.18 24.03 -28.00
CA VAL G 66 -2.18 23.12 -27.45
C VAL G 66 -2.54 21.69 -27.84
N TRP G 67 -1.60 21.00 -28.49
CA TRP G 67 -1.80 19.60 -28.84
C TRP G 67 -1.75 18.71 -27.61
N ILE G 68 -2.65 17.73 -27.56
CA ILE G 68 -2.55 16.61 -26.64
C ILE G 68 -2.62 15.32 -27.46
N GLY G 69 -2.25 14.22 -26.82
CA GLY G 69 -1.97 12.99 -27.55
C GLY G 69 -3.17 12.14 -27.93
N LEU G 70 -4.27 12.78 -28.36
CA LEU G 70 -5.50 12.08 -28.69
C LEU G 70 -5.81 12.27 -30.17
N CYS G 71 -6.00 11.17 -30.89
CA CYS G 71 -6.29 11.23 -32.31
C CYS G 71 -7.19 10.08 -32.72
N ASP G 72 -7.86 10.28 -33.85
CA ASP G 72 -8.80 9.31 -34.41
C ASP G 72 -8.15 8.70 -35.66
N LYS G 73 -7.28 7.71 -35.43
CA LYS G 73 -6.55 7.10 -36.54
C LYS G 73 -7.50 6.48 -37.55
N LYS G 74 -8.57 5.83 -37.08
CA LYS G 74 -9.53 5.18 -37.95
C LYS G 74 -10.49 6.16 -38.63
N LYS G 75 -10.41 7.44 -38.30
CA LYS G 75 -11.24 8.47 -38.94
C LYS G 75 -12.72 8.10 -38.87
N ASP G 76 -13.14 7.56 -37.72
CA ASP G 76 -14.54 7.20 -37.51
C ASP G 76 -14.99 7.42 -36.07
N PHE G 77 -14.39 8.38 -35.38
CA PHE G 77 -14.71 8.67 -33.98
C PHE G 77 -14.22 7.57 -33.05
N SER G 78 -13.05 7.01 -33.36
CA SER G 78 -12.37 6.04 -32.49
C SER G 78 -11.09 6.69 -31.98
N TRP G 79 -11.22 7.45 -30.90
CA TRP G 79 -10.12 8.26 -30.39
C TRP G 79 -9.19 7.42 -29.52
N GLU G 80 -7.88 7.56 -29.75
CA GLU G 80 -6.88 6.79 -29.04
C GLU G 80 -5.76 7.72 -28.56
N TRP G 81 -5.22 7.42 -27.39
CA TRP G 81 -4.07 8.16 -26.87
C TRP G 81 -2.79 7.57 -27.43
N THR G 82 -1.81 8.45 -27.70
CA THR G 82 -0.54 7.99 -28.25
C THR G 82 0.22 7.10 -27.26
N ASP G 83 0.05 7.33 -25.96
CA ASP G 83 0.71 6.52 -24.94
C ASP G 83 0.00 5.20 -24.68
N ARG G 84 -0.97 4.83 -25.51
CA ARG G 84 -1.68 3.55 -25.46
C ARG G 84 -2.56 3.41 -24.22
N SER G 85 -2.69 4.46 -23.42
CA SER G 85 -3.53 4.38 -22.23
C SER G 85 -5.00 4.32 -22.63
N CYS G 86 -5.83 3.95 -21.67
CA CYS G 86 -7.26 3.81 -21.91
C CYS G 86 -7.91 5.18 -22.12
N THR G 87 -8.87 5.24 -23.03
CA THR G 87 -9.67 6.44 -23.23
C THR G 87 -10.85 6.41 -22.25
N ASP G 88 -10.52 6.63 -20.98
CA ASP G 88 -11.47 6.53 -19.88
C ASP G 88 -11.99 7.90 -19.43
N TYR G 89 -11.79 8.94 -20.23
CA TYR G 89 -12.16 10.28 -19.81
C TYR G 89 -12.33 11.16 -21.04
N LEU G 90 -13.33 12.05 -20.99
CA LEU G 90 -13.60 12.99 -22.07
C LEU G 90 -13.85 14.37 -21.48
N SER G 91 -13.51 15.39 -22.26
CA SER G 91 -13.70 16.77 -21.84
C SER G 91 -13.82 17.66 -23.08
N TRP G 92 -14.87 17.45 -23.87
CA TRP G 92 -15.02 18.15 -25.13
C TRP G 92 -15.58 19.55 -24.93
N ASP G 93 -15.25 20.44 -25.85
CA ASP G 93 -15.85 21.76 -25.90
C ASP G 93 -17.27 21.66 -26.47
N LYS G 94 -18.00 22.78 -26.42
CA LYS G 94 -19.37 22.77 -26.90
C LYS G 94 -19.42 22.35 -28.37
N ASN G 95 -20.24 21.33 -28.66
CA ASN G 95 -20.55 20.82 -29.99
C ASN G 95 -19.45 19.88 -30.51
N GLN G 96 -18.28 19.83 -29.89
CA GLN G 96 -17.20 18.99 -30.39
C GLN G 96 -17.26 17.61 -29.75
N PRO G 97 -16.75 16.57 -30.43
CA PRO G 97 -16.05 16.61 -31.73
C PRO G 97 -17.03 16.69 -32.91
N ASP G 98 -16.62 17.33 -34.01
CA ASP G 98 -17.51 17.52 -35.14
C ASP G 98 -16.94 17.09 -36.48
N HIS G 99 -15.70 16.63 -36.53
CA HIS G 99 -15.10 16.13 -37.78
C HIS G 99 -15.33 17.12 -38.92
N TYR G 100 -15.03 18.40 -38.66
CA TYR G 100 -15.38 19.43 -39.63
C TYR G 100 -14.74 19.16 -40.99
N GLN G 101 -15.59 19.15 -42.03
CA GLN G 101 -15.15 18.90 -43.40
C GLN G 101 -14.33 17.60 -43.51
N ASN G 102 -14.56 16.68 -42.57
CA ASN G 102 -13.84 15.42 -42.53
C ASN G 102 -12.33 15.62 -42.67
N LYS G 103 -11.81 16.69 -42.07
CA LYS G 103 -10.38 16.97 -42.08
C LYS G 103 -9.81 17.19 -40.69
N GLU G 104 -10.59 16.95 -39.63
CA GLU G 104 -10.16 17.21 -38.26
C GLU G 104 -10.15 15.88 -37.49
N PHE G 105 -8.95 15.41 -37.14
CA PHE G 105 -8.78 14.12 -36.47
C PHE G 105 -7.84 14.17 -35.28
N CYS G 106 -7.27 15.33 -34.95
CA CYS G 106 -6.37 15.48 -33.82
C CYS G 106 -6.97 16.45 -32.82
N VAL G 107 -6.59 16.29 -31.55
CA VAL G 107 -7.24 16.96 -30.43
C VAL G 107 -6.32 18.05 -29.90
N GLU G 108 -6.89 19.22 -29.65
CA GLU G 108 -6.16 20.36 -29.10
C GLU G 108 -6.90 20.86 -27.86
N LEU G 109 -6.17 21.59 -27.01
CA LEU G 109 -6.79 22.30 -25.89
C LEU G 109 -7.11 23.73 -26.32
N VAL G 110 -8.28 24.20 -25.91
CA VAL G 110 -8.86 25.43 -26.43
C VAL G 110 -8.59 26.57 -25.47
N SER G 111 -7.84 27.57 -25.94
CA SER G 111 -7.47 28.70 -25.09
C SER G 111 -8.68 29.51 -24.64
N ASN G 112 -9.80 29.45 -25.36
CA ASN G 112 -10.99 30.20 -24.98
C ASN G 112 -11.81 29.50 -23.90
N THR G 113 -11.35 28.36 -23.40
CA THR G 113 -11.95 27.71 -22.24
C THR G 113 -10.98 27.63 -21.08
N GLY G 114 -9.92 28.44 -21.13
CA GLY G 114 -8.85 28.32 -20.16
C GLY G 114 -7.95 27.12 -20.39
N TYR G 115 -8.02 26.54 -21.59
CA TYR G 115 -7.31 25.30 -21.94
C TYR G 115 -7.88 24.09 -21.23
N ARG G 116 -9.13 24.17 -20.78
CA ARG G 116 -9.76 23.05 -20.10
C ARG G 116 -10.40 22.07 -21.07
N LEU G 117 -11.09 22.56 -22.09
CA LEU G 117 -11.88 21.72 -22.98
C LEU G 117 -11.19 21.51 -24.33
N TRP G 118 -11.67 20.52 -25.06
CA TRP G 118 -10.98 20.00 -26.22
C TRP G 118 -11.70 20.37 -27.51
N ASN G 119 -10.94 20.33 -28.61
CA ASN G 119 -11.50 20.42 -29.95
C ASN G 119 -10.74 19.48 -30.87
N ASP G 120 -11.45 18.87 -31.81
CA ASP G 120 -10.82 18.09 -32.87
C ASP G 120 -10.44 19.03 -34.01
N GLN G 121 -9.22 18.85 -34.52
CA GLN G 121 -8.56 19.87 -35.33
C GLN G 121 -7.71 19.19 -36.40
N VAL G 122 -7.47 19.94 -37.48
CA VAL G 122 -6.57 19.48 -38.54
C VAL G 122 -5.24 19.09 -37.91
N CYS G 123 -4.79 17.87 -38.21
CA CYS G 123 -3.56 17.38 -37.62
C CYS G 123 -2.34 18.16 -38.11
N GLU G 124 -2.41 18.74 -39.30
CA GLU G 124 -1.30 19.52 -39.83
C GLU G 124 -1.22 20.93 -39.27
N SER G 125 -2.22 21.37 -38.51
CA SER G 125 -2.14 22.70 -37.89
C SER G 125 -0.95 22.79 -36.95
N LYS G 126 -0.36 23.98 -36.88
CA LYS G 126 0.83 24.21 -36.06
C LYS G 126 0.40 24.75 -34.71
N ASN G 127 0.60 23.96 -33.66
CA ASN G 127 0.21 24.31 -32.31
C ASN G 127 1.36 24.05 -31.34
N ALA G 128 1.32 24.75 -30.21
CA ALA G 128 2.11 24.33 -29.06
C ALA G 128 1.61 22.98 -28.58
N PHE G 129 2.38 22.34 -27.72
CA PHE G 129 2.06 20.96 -27.36
C PHE G 129 2.55 20.66 -25.95
N LEU G 130 1.88 19.67 -25.34
CA LEU G 130 2.08 19.28 -23.95
C LEU G 130 2.66 17.87 -23.92
N CYS G 131 3.94 17.77 -23.61
CA CYS G 131 4.57 16.46 -23.47
C CYS G 131 4.26 15.86 -22.11
N GLN G 132 4.38 14.54 -22.03
CA GLN G 132 4.10 13.77 -20.82
C GLN G 132 5.16 12.69 -20.72
N CYS G 133 5.95 12.74 -19.65
CA CYS G 133 7.09 11.86 -19.52
C CYS G 133 7.03 11.07 -18.22
N LYS G 134 7.77 9.98 -18.22
CA LYS G 134 7.87 9.04 -17.11
C LYS G 134 9.35 8.98 -16.71
N PHE G 135 9.65 9.30 -15.45
CA PHE G 135 11.03 9.38 -14.98
C PHE G 135 11.37 8.33 -13.93
N ASN H 2 13.62 7.39 -10.44
CA ASN H 2 13.94 5.96 -10.44
C ASN H 2 15.15 5.66 -11.34
N CYS H 3 15.02 5.94 -12.63
CA CYS H 3 16.00 5.55 -13.63
C CYS H 3 16.88 6.73 -14.02
N PRO H 4 17.96 6.48 -14.75
CA PRO H 4 18.68 7.58 -15.41
C PRO H 4 17.85 8.15 -16.55
N GLN H 5 18.20 9.38 -16.96
CA GLN H 5 17.34 10.11 -17.87
C GLN H 5 17.41 9.59 -19.30
N ASP H 6 18.33 8.68 -19.60
CA ASP H 6 18.43 8.10 -20.94
C ASP H 6 18.05 6.62 -20.96
N TRP H 7 17.28 6.16 -19.99
CA TRP H 7 16.79 4.80 -19.93
C TRP H 7 15.26 4.81 -19.91
N LEU H 8 14.67 3.68 -20.31
CA LEU H 8 13.22 3.56 -20.32
C LEU H 8 12.74 2.99 -18.99
N PRO H 9 12.11 3.79 -18.12
CA PRO H 9 11.49 3.21 -16.92
C PRO H 9 10.20 2.46 -17.27
N MET H 10 10.15 1.18 -16.93
CA MET H 10 8.97 0.36 -17.17
C MET H 10 8.78 -0.60 -16.02
N ASN H 11 7.66 -0.43 -15.29
CA ASN H 11 7.22 -1.39 -14.29
C ASN H 11 8.32 -1.71 -13.27
N GLY H 12 8.96 -0.65 -12.77
CA GLY H 12 9.92 -0.78 -11.69
C GLY H 12 11.32 -1.17 -12.11
N LEU H 13 11.62 -1.26 -13.40
CA LEU H 13 12.96 -1.51 -13.89
C LEU H 13 13.31 -0.50 -14.97
N CYS H 14 14.57 -0.46 -15.34
CA CYS H 14 15.07 0.44 -16.38
C CYS H 14 15.55 -0.39 -17.56
N TYR H 15 15.13 0.00 -18.77
CA TYR H 15 15.50 -0.68 -20.00
C TYR H 15 16.23 0.29 -20.91
N LYS H 16 17.19 -0.22 -21.68
CA LYS H 16 17.93 0.60 -22.62
C LYS H 16 18.50 -0.27 -23.72
N ILE H 17 18.45 0.23 -24.94
CA ILE H 17 18.96 -0.49 -26.12
C ILE H 17 20.38 -0.04 -26.40
N PHE H 18 21.22 -0.98 -26.81
CA PHE H 18 22.60 -0.71 -27.20
C PHE H 18 22.77 -1.10 -28.66
N ASN H 19 23.23 -0.15 -29.47
CA ASN H 19 23.27 -0.32 -30.91
C ASN H 19 24.51 -1.07 -31.39
N GLU H 20 25.52 -1.25 -30.55
CA GLU H 20 26.65 -2.10 -30.90
C GLU H 20 26.15 -3.50 -31.28
N LEU H 21 26.86 -4.12 -32.21
CA LEU H 21 26.53 -5.48 -32.62
C LEU H 21 27.39 -6.46 -31.83
N LYS H 22 26.76 -7.51 -31.31
CA LYS H 22 27.45 -8.50 -30.49
C LYS H 22 26.72 -9.83 -30.59
N ALA H 23 27.47 -10.90 -30.33
CA ALA H 23 26.85 -12.21 -30.18
C ALA H 23 26.13 -12.30 -28.84
N TRP H 24 25.10 -13.16 -28.80
CA TRP H 24 24.23 -13.24 -27.64
C TRP H 24 25.04 -13.31 -26.34
N LYS H 25 25.92 -14.31 -26.23
CA LYS H 25 26.68 -14.51 -25.01
C LYS H 25 27.41 -13.24 -24.58
N ASP H 26 28.03 -12.54 -25.54
CA ASP H 26 28.79 -11.34 -25.20
C ASP H 26 27.88 -10.17 -24.87
N ALA H 27 26.68 -10.14 -25.46
CA ALA H 27 25.71 -9.11 -25.09
C ALA H 27 25.27 -9.27 -23.64
N GLU H 28 24.91 -10.50 -23.25
CA GLU H 28 24.60 -10.79 -21.86
C GLU H 28 25.75 -10.37 -20.94
N MET H 29 26.98 -10.72 -21.33
CA MET H 29 28.12 -10.39 -20.49
C MET H 29 28.30 -8.88 -20.38
N PHE H 30 28.05 -8.15 -21.47
CA PHE H 30 28.16 -6.69 -21.43
C PHE H 30 27.15 -6.09 -20.46
N CYS H 31 25.89 -6.53 -20.55
CA CYS H 31 24.86 -6.02 -19.64
C CYS H 31 25.26 -6.25 -18.19
N ARG H 32 25.72 -7.46 -17.87
CA ARG H 32 25.98 -7.81 -16.48
C ARG H 32 27.13 -7.01 -15.89
N LYS H 33 28.19 -6.80 -16.66
CA LYS H 33 29.32 -6.00 -16.19
C LYS H 33 29.12 -4.51 -16.46
N TYR H 34 27.95 -4.11 -16.95
CA TYR H 34 27.63 -2.69 -17.05
C TYR H 34 27.40 -2.11 -15.65
N LYS H 35 26.46 -2.67 -14.91
CA LYS H 35 26.11 -2.23 -13.57
C LYS H 35 25.62 -3.45 -12.80
N PRO H 36 25.86 -3.52 -11.49
CA PRO H 36 25.29 -4.62 -10.71
C PRO H 36 23.77 -4.68 -10.83
N GLY H 37 23.24 -5.88 -11.05
CA GLY H 37 21.81 -6.05 -11.18
C GLY H 37 21.27 -5.89 -12.58
N CYS H 38 22.06 -6.21 -13.60
CA CYS H 38 21.67 -6.04 -14.99
C CYS H 38 21.76 -7.36 -15.72
N HIS H 39 20.81 -7.59 -16.63
CA HIS H 39 20.80 -8.74 -17.53
C HIS H 39 20.25 -8.29 -18.88
N LEU H 40 20.26 -9.20 -19.84
CA LEU H 40 19.42 -9.03 -21.01
C LEU H 40 17.97 -9.01 -20.58
N ALA H 41 17.16 -8.23 -21.28
CA ALA H 41 15.82 -7.92 -20.81
C ALA H 41 14.92 -9.14 -20.84
N SER H 42 13.94 -9.13 -19.93
CA SER H 42 12.89 -10.14 -19.88
C SER H 42 11.53 -9.47 -19.98
N ILE H 43 10.55 -10.19 -20.52
CA ILE H 43 9.23 -9.66 -20.79
C ILE H 43 8.20 -10.58 -20.15
N HIS H 44 7.19 -9.99 -19.51
CA HIS H 44 6.25 -10.76 -18.70
C HIS H 44 4.78 -10.38 -18.86
N LEU H 45 4.44 -9.29 -19.54
CA LEU H 45 3.05 -8.87 -19.67
C LEU H 45 2.73 -8.59 -21.14
N TYR H 46 1.50 -8.95 -21.52
CA TYR H 46 1.02 -8.65 -22.88
C TYR H 46 1.21 -7.19 -23.24
N GLY H 47 1.10 -6.29 -22.26
CA GLY H 47 1.19 -4.86 -22.53
C GLY H 47 2.59 -4.29 -22.57
N GLU H 48 3.61 -5.08 -22.19
CA GLU H 48 4.99 -4.57 -22.21
C GLU H 48 5.58 -4.63 -23.61
N SER H 49 5.30 -5.70 -24.35
CA SER H 49 5.87 -5.85 -25.70
C SER H 49 5.66 -4.63 -26.57
N PRO H 50 4.46 -4.05 -26.68
CA PRO H 50 4.33 -2.81 -27.46
C PRO H 50 5.12 -1.65 -26.87
N GLU H 51 5.12 -1.50 -25.55
CA GLU H 51 5.90 -0.45 -24.92
C GLU H 51 7.38 -0.55 -25.31
N ILE H 52 7.91 -1.77 -25.35
CA ILE H 52 9.29 -1.97 -25.78
C ILE H 52 9.40 -1.78 -27.29
N ALA H 53 8.46 -2.34 -28.04
CA ALA H 53 8.51 -2.25 -29.49
C ALA H 53 8.67 -0.81 -29.96
N GLU H 54 7.95 0.11 -29.33
CA GLU H 54 8.02 1.52 -29.75
C GLU H 54 9.32 2.16 -29.30
N TYR H 55 9.74 1.91 -28.06
CA TYR H 55 10.97 2.52 -27.56
C TYR H 55 12.14 2.20 -28.48
N ILE H 56 12.27 0.94 -28.90
CA ILE H 56 13.36 0.56 -29.81
C ILE H 56 13.20 1.27 -31.14
N SER H 57 12.02 1.17 -31.75
CA SER H 57 11.78 1.78 -33.05
C SER H 57 12.20 3.24 -33.07
N ASP H 58 12.18 3.91 -31.92
CA ASP H 58 12.59 5.31 -31.86
C ASP H 58 14.08 5.48 -31.65
N TYR H 59 14.69 4.69 -30.76
CA TYR H 59 16.07 4.92 -30.34
C TYR H 59 17.07 3.94 -30.95
N HIS H 60 16.62 3.01 -31.79
CA HIS H 60 17.54 2.10 -32.46
C HIS H 60 18.16 2.81 -33.66
N LYS H 61 19.48 2.99 -33.62
CA LYS H 61 20.23 3.55 -34.73
C LYS H 61 20.87 2.44 -35.54
N GLY H 62 20.99 2.66 -36.85
CA GLY H 62 21.33 1.57 -37.74
C GLY H 62 20.15 0.62 -37.87
N GLN H 63 20.42 -0.59 -38.33
CA GLN H 63 19.38 -1.60 -38.35
C GLN H 63 19.95 -3.00 -38.28
N SER H 64 19.26 -3.84 -37.50
CA SER H 64 19.56 -5.25 -37.32
C SER H 64 18.45 -5.81 -36.44
N GLU H 65 18.61 -7.02 -35.94
CA GLU H 65 17.69 -7.57 -34.96
C GLU H 65 18.26 -7.32 -33.56
N VAL H 66 17.43 -7.54 -32.55
CA VAL H 66 17.75 -7.18 -31.18
C VAL H 66 17.63 -8.41 -30.28
N TRP H 67 18.67 -8.66 -29.48
CA TRP H 67 18.69 -9.78 -28.55
C TRP H 67 17.89 -9.46 -27.30
N ILE H 68 17.23 -10.47 -26.75
CA ILE H 68 16.68 -10.42 -25.40
C ILE H 68 17.17 -11.67 -24.66
N GLY H 69 16.95 -11.67 -23.34
CA GLY H 69 17.62 -12.63 -22.48
C GLY H 69 16.99 -14.00 -22.39
N LEU H 70 16.43 -14.49 -23.49
CA LEU H 70 15.77 -15.79 -23.52
C LEU H 70 16.60 -16.76 -24.34
N CYS H 71 16.82 -17.96 -23.78
CA CYS H 71 17.63 -18.98 -24.45
C CYS H 71 17.14 -20.35 -24.03
N ASP H 72 17.75 -21.37 -24.61
CA ASP H 72 17.41 -22.77 -24.33
C ASP H 72 18.72 -23.54 -24.18
N LYS H 73 19.11 -23.80 -22.94
CA LYS H 73 20.34 -24.56 -22.69
C LYS H 73 20.10 -26.06 -22.79
N LYS H 74 18.91 -26.54 -22.39
CA LYS H 74 18.59 -27.96 -22.50
C LYS H 74 18.49 -28.42 -23.95
N LYS H 75 18.20 -27.51 -24.88
CA LYS H 75 18.12 -27.76 -26.31
C LYS H 75 16.82 -28.44 -26.72
N ASP H 76 15.85 -28.59 -25.82
CA ASP H 76 14.52 -29.02 -26.24
C ASP H 76 13.70 -27.76 -26.53
N PHE H 77 12.60 -27.56 -25.81
CA PHE H 77 11.87 -26.30 -25.88
C PHE H 77 11.54 -25.84 -24.46
N SER H 78 12.61 -25.65 -23.69
CA SER H 78 12.57 -25.12 -22.33
C SER H 78 13.30 -23.78 -22.37
N TRP H 79 12.55 -22.69 -22.45
CA TRP H 79 13.13 -21.36 -22.61
C TRP H 79 13.27 -20.70 -21.24
N GLU H 80 14.49 -20.30 -20.90
CA GLU H 80 14.82 -19.78 -19.58
C GLU H 80 15.37 -18.36 -19.70
N TRP H 81 14.84 -17.45 -18.89
CA TRP H 81 15.37 -16.09 -18.86
C TRP H 81 16.70 -16.04 -18.12
N THR H 82 17.56 -15.10 -18.51
CA THR H 82 18.86 -14.95 -17.87
C THR H 82 18.79 -14.18 -16.55
N ASP H 83 17.64 -13.64 -16.18
CA ASP H 83 17.46 -13.02 -14.88
C ASP H 83 16.72 -13.93 -13.90
N ARG H 84 16.47 -15.18 -14.28
CA ARG H 84 15.86 -16.20 -13.44
C ARG H 84 14.39 -15.93 -13.15
N SER H 85 13.78 -14.97 -13.84
CA SER H 85 12.35 -14.76 -13.70
C SER H 85 11.56 -15.85 -14.42
N CYS H 86 10.30 -16.00 -14.04
CA CYS H 86 9.47 -17.05 -14.60
C CYS H 86 9.16 -16.77 -16.06
N THR H 87 9.14 -17.84 -16.87
CA THR H 87 8.77 -17.74 -18.28
C THR H 87 7.24 -17.86 -18.40
N ASP H 88 6.57 -16.78 -17.99
CA ASP H 88 5.11 -16.76 -17.85
C ASP H 88 4.44 -15.86 -18.88
N TYR H 89 5.08 -15.66 -20.03
CA TYR H 89 4.50 -14.85 -21.10
C TYR H 89 5.25 -15.13 -22.39
N LEU H 90 4.50 -15.27 -23.49
CA LEU H 90 5.07 -15.59 -24.78
C LEU H 90 4.63 -14.58 -25.82
N SER H 91 5.37 -14.54 -26.93
CA SER H 91 5.09 -13.59 -28.00
C SER H 91 5.96 -13.92 -29.21
N TRP H 92 5.76 -15.08 -29.81
CA TRP H 92 6.54 -15.49 -30.96
C TRP H 92 5.87 -15.05 -32.25
N ASP H 93 6.70 -14.91 -33.30
CA ASP H 93 6.20 -14.69 -34.64
C ASP H 93 5.61 -15.98 -35.21
N LYS H 94 4.85 -15.86 -36.29
CA LYS H 94 4.20 -17.01 -36.89
C LYS H 94 5.21 -18.12 -37.18
N ASN H 95 4.87 -19.34 -36.75
CA ASN H 95 5.71 -20.52 -36.97
C ASN H 95 7.07 -20.39 -36.27
N GLN H 96 7.09 -19.71 -35.12
CA GLN H 96 8.28 -19.67 -34.28
C GLN H 96 7.88 -20.09 -32.86
N PRO H 97 8.78 -20.76 -32.12
CA PRO H 97 10.15 -21.15 -32.49
C PRO H 97 10.13 -22.29 -33.51
N ASP H 98 11.31 -22.74 -33.96
CA ASP H 98 11.36 -23.65 -35.09
C ASP H 98 12.61 -24.51 -35.15
N HIS H 99 13.47 -24.41 -34.12
CA HIS H 99 14.84 -24.94 -34.16
C HIS H 99 15.33 -25.27 -35.57
N TYR H 100 15.64 -24.23 -36.34
CA TYR H 100 16.19 -24.36 -37.68
C TYR H 100 17.62 -24.88 -37.58
N GLN H 101 17.78 -26.13 -37.11
CA GLN H 101 19.07 -26.66 -36.63
C GLN H 101 20.23 -26.04 -37.38
N ASN H 102 20.66 -24.88 -36.90
CA ASN H 102 21.79 -24.18 -37.49
C ASN H 102 22.49 -23.35 -36.42
N LYS H 103 22.30 -23.71 -35.15
CA LYS H 103 22.79 -23.00 -33.97
C LYS H 103 21.69 -22.13 -33.36
N GLU H 104 20.42 -22.40 -33.70
CA GLU H 104 19.31 -21.55 -33.29
C GLU H 104 18.84 -21.91 -31.89
N PHE H 105 19.33 -21.19 -30.87
CA PHE H 105 18.83 -21.41 -29.51
C PHE H 105 18.79 -20.12 -28.69
N CYS H 106 18.81 -18.95 -29.33
CA CYS H 106 18.65 -17.67 -28.67
C CYS H 106 17.52 -16.90 -29.34
N VAL H 107 16.91 -15.98 -28.61
CA VAL H 107 15.70 -15.29 -29.04
C VAL H 107 16.04 -13.84 -29.39
N GLU H 108 15.40 -13.35 -30.46
CA GLU H 108 15.60 -11.99 -30.93
C GLU H 108 14.26 -11.33 -31.22
N LEU H 109 14.26 -10.01 -31.32
CA LEU H 109 13.07 -9.25 -31.66
C LEU H 109 13.03 -8.98 -33.16
N VAL H 110 11.85 -9.18 -33.75
CA VAL H 110 11.67 -9.12 -35.19
C VAL H 110 11.36 -7.68 -35.60
N SER H 111 12.25 -7.08 -36.38
CA SER H 111 12.03 -5.73 -36.88
C SER H 111 10.84 -5.67 -37.83
N ASN H 112 10.53 -6.78 -38.51
CA ASN H 112 9.38 -6.81 -39.41
C ASN H 112 8.07 -6.66 -38.67
N THR H 113 8.03 -6.95 -37.37
CA THR H 113 6.84 -6.77 -36.56
C THR H 113 6.86 -5.46 -35.78
N GLY H 114 7.87 -4.62 -35.99
CA GLY H 114 8.07 -3.46 -35.16
C GLY H 114 8.79 -3.75 -33.86
N TYR H 115 9.47 -4.89 -33.78
CA TYR H 115 10.20 -5.32 -32.57
C TYR H 115 9.25 -5.76 -31.46
N ARG H 116 8.17 -6.45 -31.84
CA ARG H 116 7.18 -6.93 -30.88
C ARG H 116 7.20 -8.44 -30.67
N LEU H 117 7.34 -9.21 -31.73
CA LEU H 117 7.30 -10.67 -31.65
C LEU H 117 8.71 -11.24 -31.71
N TRP H 118 8.83 -12.52 -31.35
CA TRP H 118 10.10 -13.16 -31.08
C TRP H 118 10.47 -14.15 -32.20
N ASN H 119 11.76 -14.46 -32.26
CA ASN H 119 12.30 -15.43 -33.21
C ASN H 119 13.54 -16.06 -32.62
N ASP H 120 13.70 -17.37 -32.85
CA ASP H 120 14.91 -18.07 -32.48
C ASP H 120 15.90 -18.03 -33.64
N GLN H 121 17.14 -17.63 -33.35
CA GLN H 121 18.18 -17.49 -34.36
C GLN H 121 19.51 -17.93 -33.78
N VAL H 122 20.49 -18.11 -34.66
CA VAL H 122 21.78 -18.64 -34.26
C VAL H 122 22.43 -17.74 -33.19
N CYS H 123 23.03 -18.39 -32.19
CA CYS H 123 23.65 -17.64 -31.10
C CYS H 123 24.72 -16.69 -31.61
N GLU H 124 25.64 -17.20 -32.42
CA GLU H 124 26.81 -16.43 -32.81
C GLU H 124 26.48 -15.20 -33.66
N SER H 125 25.23 -15.04 -34.10
CA SER H 125 24.88 -13.92 -34.95
C SER H 125 25.01 -12.61 -34.18
N LYS H 126 25.76 -11.66 -34.75
CA LYS H 126 25.89 -10.34 -34.16
C LYS H 126 24.59 -9.58 -34.31
N ASN H 127 23.96 -9.22 -33.20
CA ASN H 127 22.77 -8.39 -33.19
C ASN H 127 22.92 -7.33 -32.10
N ALA H 128 22.05 -6.32 -32.17
CA ALA H 128 21.95 -5.36 -31.09
C ALA H 128 21.23 -6.00 -29.90
N PHE H 129 21.25 -5.33 -28.75
CA PHE H 129 20.69 -5.95 -27.56
C PHE H 129 20.11 -4.90 -26.62
N LEU H 130 19.24 -5.38 -25.73
CA LEU H 130 18.47 -4.55 -24.81
C LEU H 130 18.76 -5.02 -23.39
N CYS H 131 19.35 -4.15 -22.57
CA CYS H 131 19.70 -4.50 -21.21
C CYS H 131 18.56 -4.12 -20.26
N GLN H 132 18.49 -4.82 -19.13
CA GLN H 132 17.47 -4.63 -18.11
C GLN H 132 18.18 -4.49 -16.77
N CYS H 133 18.10 -3.31 -16.17
CA CYS H 133 18.86 -2.99 -14.98
C CYS H 133 17.96 -2.59 -13.83
N LYS H 134 18.48 -2.77 -12.62
CA LYS H 134 17.79 -2.47 -11.37
C LYS H 134 18.53 -1.30 -10.73
N PHE H 135 17.88 -0.13 -10.70
CA PHE H 135 18.49 1.09 -10.16
C PHE H 135 17.88 1.47 -8.82
N ASN I 1 19.01 7.32 -1.05
CA ASN I 1 17.77 7.46 -1.86
C ASN I 1 17.55 6.17 -2.66
N ASN I 2 18.31 6.03 -3.74
CA ASN I 2 18.52 4.76 -4.39
C ASN I 2 19.89 4.24 -3.96
N CYS I 3 20.32 3.15 -4.56
CA CYS I 3 21.69 2.75 -4.35
C CYS I 3 22.61 3.54 -5.29
N PRO I 4 23.86 3.75 -4.92
CA PRO I 4 24.84 4.23 -5.91
C PRO I 4 25.05 3.17 -6.97
N GLN I 5 25.50 3.61 -8.14
CA GLN I 5 25.47 2.74 -9.30
C GLN I 5 26.49 1.60 -9.25
N ASP I 6 27.44 1.64 -8.30
CA ASP I 6 28.32 0.52 -8.05
C ASP I 6 27.87 -0.31 -6.85
N TRP I 7 26.56 -0.38 -6.62
CA TRP I 7 25.97 -1.16 -5.55
C TRP I 7 24.81 -1.98 -6.13
N LEU I 8 24.51 -3.10 -5.46
CA LEU I 8 23.41 -3.96 -5.88
C LEU I 8 22.16 -3.61 -5.11
N PRO I 9 21.08 -3.17 -5.76
CA PRO I 9 19.81 -2.95 -5.05
C PRO I 9 19.06 -4.27 -4.90
N MET I 10 18.60 -4.56 -3.68
CA MET I 10 17.84 -5.78 -3.45
C MET I 10 16.95 -5.58 -2.23
N ASN I 11 15.63 -5.59 -2.44
CA ASN I 11 14.63 -5.58 -1.37
C ASN I 11 14.90 -4.45 -0.37
N GLY I 12 15.13 -3.25 -0.91
CA GLY I 12 15.22 -2.05 -0.09
C GLY I 12 16.60 -1.76 0.48
N LEU I 13 17.53 -2.70 0.40
CA LEU I 13 18.89 -2.50 0.88
C LEU I 13 19.87 -2.52 -0.29
N CYS I 14 21.09 -2.08 -0.01
CA CYS I 14 22.15 -1.99 -1.02
C CYS I 14 23.33 -2.84 -0.59
N TYR I 15 23.93 -3.55 -1.55
CA TYR I 15 25.01 -4.49 -1.28
C TYR I 15 26.18 -4.24 -2.23
N LYS I 16 27.39 -4.22 -1.69
CA LYS I 16 28.60 -4.05 -2.48
C LYS I 16 29.68 -4.99 -1.99
N ILE I 17 30.40 -5.58 -2.92
CA ILE I 17 31.54 -6.44 -2.58
C ILE I 17 32.78 -5.57 -2.39
N PHE I 18 33.59 -5.91 -1.39
CA PHE I 18 34.85 -5.24 -1.14
C PHE I 18 35.97 -6.28 -1.18
N ASN I 19 36.91 -6.10 -2.11
CA ASN I 19 37.93 -7.12 -2.37
C ASN I 19 39.07 -7.09 -1.38
N GLU I 20 39.22 -6.01 -0.60
CA GLU I 20 40.23 -5.98 0.46
C GLU I 20 40.05 -7.17 1.39
N LEU I 21 41.16 -7.74 1.84
CA LEU I 21 41.14 -8.91 2.72
C LEU I 21 41.25 -8.45 4.17
N LYS I 22 40.27 -8.84 4.98
CA LYS I 22 40.17 -8.35 6.35
C LYS I 22 39.65 -9.47 7.25
N ALA I 23 40.00 -9.37 8.53
CA ALA I 23 39.40 -10.23 9.54
C ALA I 23 37.92 -9.86 9.70
N TRP I 24 37.12 -10.86 10.07
CA TRP I 24 35.68 -10.66 10.18
C TRP I 24 35.33 -9.46 11.05
N LYS I 25 36.01 -9.32 12.20
CA LYS I 25 35.72 -8.21 13.11
C LYS I 25 36.23 -6.89 12.58
N ASP I 26 37.19 -6.90 11.65
CA ASP I 26 37.55 -5.69 10.93
C ASP I 26 36.61 -5.42 9.78
N ALA I 27 36.08 -6.48 9.15
CA ALA I 27 35.11 -6.31 8.08
C ALA I 27 33.86 -5.62 8.59
N GLU I 28 33.31 -6.09 9.71
CA GLU I 28 32.12 -5.48 10.28
C GLU I 28 32.33 -4.00 10.57
N MET I 29 33.48 -3.65 11.14
CA MET I 29 33.70 -2.26 11.52
C MET I 29 33.92 -1.37 10.31
N PHE I 30 34.51 -1.90 9.24
CA PHE I 30 34.62 -1.14 8.00
C PHE I 30 33.24 -0.79 7.48
N CYS I 31 32.33 -1.76 7.45
CA CYS I 31 30.98 -1.49 6.96
C CYS I 31 30.28 -0.47 7.85
N ARG I 32 30.32 -0.68 9.17
CA ARG I 32 29.59 0.20 10.08
C ARG I 32 30.06 1.65 9.96
N LYS I 33 31.35 1.86 9.72
CA LYS I 33 31.90 3.20 9.60
C LYS I 33 32.00 3.68 8.16
N TYR I 34 31.51 2.90 7.19
CA TYR I 34 31.43 3.37 5.82
C TYR I 34 30.34 4.42 5.68
N LYS I 35 29.24 4.24 6.39
CA LYS I 35 28.10 5.14 6.33
C LYS I 35 27.13 4.76 7.44
N PRO I 36 26.42 5.72 8.03
CA PRO I 36 25.41 5.36 9.03
C PRO I 36 24.38 4.41 8.44
N GLY I 37 24.21 3.27 9.11
CA GLY I 37 23.23 2.29 8.67
C GLY I 37 23.82 1.22 7.78
N CYS I 38 25.02 0.76 8.11
CA CYS I 38 25.71 -0.25 7.31
C CYS I 38 26.22 -1.36 8.21
N HIS I 39 26.13 -2.59 7.72
CA HIS I 39 26.61 -3.77 8.42
C HIS I 39 27.03 -4.80 7.38
N LEU I 40 27.75 -5.82 7.83
CA LEU I 40 27.98 -6.98 6.96
C LEU I 40 26.63 -7.50 6.50
N ALA I 41 26.61 -8.10 5.30
CA ALA I 41 25.36 -8.40 4.65
C ALA I 41 24.56 -9.45 5.41
N SER I 42 23.23 -9.33 5.30
CA SER I 42 22.28 -10.25 5.91
C SER I 42 21.39 -10.83 4.82
N ILE I 43 21.18 -12.14 4.86
CA ILE I 43 20.42 -12.86 3.85
C ILE I 43 19.22 -13.52 4.53
N HIS I 44 18.05 -13.42 3.89
CA HIS I 44 16.79 -13.80 4.52
C HIS I 44 15.86 -14.63 3.66
N LEU I 45 16.05 -14.68 2.34
CA LEU I 45 15.14 -15.40 1.46
C LEU I 45 15.91 -16.34 0.55
N TYR I 46 15.22 -17.41 0.14
CA TYR I 46 15.83 -18.39 -0.76
C TYR I 46 16.33 -17.73 -2.04
N GLY I 47 15.52 -16.86 -2.63
CA GLY I 47 15.89 -16.19 -3.87
C GLY I 47 17.00 -15.17 -3.73
N GLU I 48 17.37 -14.79 -2.51
CA GLU I 48 18.42 -13.81 -2.30
C GLU I 48 19.81 -14.40 -2.52
N SER I 49 19.98 -15.71 -2.28
CA SER I 49 21.30 -16.31 -2.44
C SER I 49 21.75 -16.31 -3.88
N PRO I 50 20.93 -16.70 -4.86
CA PRO I 50 21.37 -16.58 -6.27
C PRO I 50 21.74 -15.17 -6.68
N GLU I 51 20.95 -14.16 -6.28
CA GLU I 51 21.25 -12.79 -6.69
C GLU I 51 22.57 -12.32 -6.11
N ILE I 52 22.84 -12.66 -4.85
CA ILE I 52 24.12 -12.31 -4.23
C ILE I 52 25.26 -13.11 -4.86
N ALA I 53 25.01 -14.39 -5.16
CA ALA I 53 26.03 -15.23 -5.77
C ALA I 53 26.49 -14.66 -7.10
N GLU I 54 25.57 -14.52 -8.05
CA GLU I 54 25.92 -14.04 -9.38
C GLU I 54 26.62 -12.69 -9.31
N TYR I 55 26.13 -11.78 -8.45
CA TYR I 55 26.73 -10.46 -8.35
C TYR I 55 28.21 -10.54 -7.98
N ILE I 56 28.53 -11.34 -6.96
CA ILE I 56 29.93 -11.46 -6.54
C ILE I 56 30.77 -11.99 -7.69
N SER I 57 30.35 -13.10 -8.31
CA SER I 57 31.12 -13.70 -9.38
C SER I 57 31.49 -12.70 -10.47
N ASP I 58 30.65 -11.69 -10.69
CA ASP I 58 30.89 -10.72 -11.75
C ASP I 58 31.79 -9.57 -11.32
N TYR I 59 31.63 -9.08 -10.08
CA TYR I 59 32.35 -7.91 -9.60
C TYR I 59 33.40 -8.24 -8.56
N HIS I 60 33.64 -9.53 -8.31
CA HIS I 60 34.69 -9.96 -7.41
C HIS I 60 36.02 -10.00 -8.15
N LYS I 61 37.07 -9.50 -7.51
CA LYS I 61 38.41 -9.43 -8.11
C LYS I 61 39.35 -10.18 -7.18
N GLY I 62 39.40 -11.49 -7.40
CA GLY I 62 40.14 -12.39 -6.55
C GLY I 62 39.53 -13.77 -6.64
N GLN I 63 40.02 -14.66 -5.78
CA GLN I 63 39.41 -15.97 -5.61
C GLN I 63 39.12 -16.26 -4.14
N SER I 64 39.20 -15.24 -3.29
CA SER I 64 39.01 -15.41 -1.86
C SER I 64 37.53 -15.61 -1.52
N GLU I 65 37.30 -16.10 -0.30
CA GLU I 65 35.95 -16.21 0.22
C GLU I 65 35.47 -14.83 0.67
N VAL I 66 34.20 -14.77 1.08
CA VAL I 66 33.55 -13.49 1.38
C VAL I 66 32.87 -13.59 2.74
N TRP I 67 33.21 -12.68 3.64
CA TRP I 67 32.56 -12.61 4.94
C TRP I 67 31.14 -12.06 4.81
N ILE I 68 30.23 -12.63 5.59
CA ILE I 68 28.90 -12.06 5.80
C ILE I 68 28.68 -11.93 7.30
N GLY I 69 27.58 -11.28 7.66
CA GLY I 69 27.42 -10.81 9.03
C GLY I 69 26.90 -11.80 10.04
N LEU I 70 26.95 -13.10 9.74
CA LEU I 70 26.47 -14.12 10.67
C LEU I 70 27.57 -14.51 11.64
N CYS I 71 27.25 -14.56 12.92
CA CYS I 71 28.25 -14.75 13.96
C CYS I 71 27.68 -15.58 15.10
N ASP I 72 28.48 -16.49 15.63
CA ASP I 72 28.11 -17.26 16.82
C ASP I 72 28.82 -16.64 18.02
N LYS I 73 28.28 -15.50 18.46
CA LYS I 73 28.91 -14.76 19.55
C LYS I 73 28.88 -15.54 20.85
N LYS I 74 27.89 -16.42 21.03
CA LYS I 74 27.83 -17.27 22.21
C LYS I 74 28.73 -18.49 22.13
N LYS I 75 29.14 -18.89 20.94
CA LYS I 75 29.94 -20.11 20.74
C LYS I 75 29.15 -21.35 21.15
N ASP I 76 27.89 -21.44 20.69
CA ASP I 76 27.07 -22.60 20.98
C ASP I 76 25.95 -22.75 19.95
N PHE I 77 26.24 -22.45 18.69
CA PHE I 77 25.30 -22.63 17.59
C PHE I 77 24.11 -21.69 17.67
N SER I 78 24.32 -20.48 18.21
CA SER I 78 23.32 -19.43 18.22
C SER I 78 23.79 -18.36 17.24
N TRP I 79 23.35 -18.49 15.98
CA TRP I 79 23.85 -17.65 14.90
C TRP I 79 23.05 -16.37 14.80
N GLU I 80 23.75 -15.24 14.81
CA GLU I 80 23.14 -13.91 14.85
C GLU I 80 23.74 -13.03 13.78
N TRP I 81 22.88 -12.30 13.06
CA TRP I 81 23.36 -11.27 12.15
C TRP I 81 23.75 -10.02 12.93
N THR I 82 24.74 -9.29 12.41
CA THR I 82 25.18 -8.06 13.07
C THR I 82 24.16 -6.93 12.92
N ASP I 83 23.31 -6.98 11.90
CA ASP I 83 22.33 -5.94 11.66
C ASP I 83 21.09 -6.09 12.53
N ARG I 84 21.12 -6.97 13.52
CA ARG I 84 19.98 -7.23 14.41
C ARG I 84 18.77 -7.78 13.67
N SER I 85 18.93 -8.15 12.40
CA SER I 85 17.86 -8.77 11.66
C SER I 85 17.63 -10.20 12.17
N CYS I 86 16.59 -10.83 11.62
CA CYS I 86 16.15 -12.13 12.11
C CYS I 86 16.89 -13.25 11.39
N THR I 87 17.45 -14.19 12.15
CA THR I 87 18.04 -15.40 11.61
C THR I 87 16.89 -16.31 11.18
N ASP I 88 16.30 -16.00 10.02
CA ASP I 88 15.16 -16.75 9.51
C ASP I 88 15.46 -17.42 8.16
N TYR I 89 16.73 -17.68 7.87
CA TYR I 89 17.09 -18.33 6.63
C TYR I 89 18.46 -18.97 6.77
N LEU I 90 18.60 -20.17 6.22
CA LEU I 90 19.85 -20.91 6.25
C LEU I 90 20.19 -21.42 4.86
N SER I 91 21.47 -21.39 4.52
CA SER I 91 21.97 -21.91 3.26
C SER I 91 23.38 -22.43 3.52
N TRP I 92 23.48 -23.45 4.38
CA TRP I 92 24.75 -24.02 4.75
C TRP I 92 25.30 -24.92 3.66
N ASP I 93 26.62 -24.90 3.47
CA ASP I 93 27.26 -25.89 2.63
C ASP I 93 27.13 -27.26 3.28
N LYS I 94 27.57 -28.29 2.55
CA LYS I 94 27.56 -29.65 3.08
C LYS I 94 28.31 -29.71 4.40
N ASN I 95 27.72 -30.35 5.40
CA ASN I 95 28.36 -30.54 6.70
C ASN I 95 28.74 -29.20 7.33
N GLN I 96 27.77 -28.29 7.38
CA GLN I 96 28.00 -27.02 8.05
C GLN I 96 26.73 -26.60 8.81
N PRO I 97 26.89 -25.94 9.96
CA PRO I 97 28.17 -25.52 10.56
C PRO I 97 28.86 -26.67 11.28
N ASP I 98 30.20 -26.65 11.30
CA ASP I 98 30.99 -27.76 11.82
C ASP I 98 31.76 -27.44 13.09
N HIS I 99 31.88 -26.17 13.48
CA HIS I 99 32.72 -25.77 14.61
C HIS I 99 34.05 -26.50 14.55
N TYR I 100 34.69 -26.46 13.38
CA TYR I 100 35.90 -27.25 13.18
C TYR I 100 36.94 -26.88 14.23
N GLN I 101 37.28 -27.85 15.09
CA GLN I 101 38.31 -27.69 16.11
C GLN I 101 38.00 -26.51 17.04
N ASN I 102 36.71 -26.23 17.25
CA ASN I 102 36.27 -25.22 18.21
C ASN I 102 36.95 -23.87 17.98
N LYS I 103 37.05 -23.47 16.71
CA LYS I 103 37.60 -22.17 16.36
C LYS I 103 36.80 -21.43 15.30
N GLU I 104 35.76 -22.03 14.74
CA GLU I 104 35.04 -21.46 13.61
C GLU I 104 33.71 -20.89 14.12
N PHE I 105 33.64 -19.57 14.22
CA PHE I 105 32.46 -18.88 14.73
C PHE I 105 31.96 -17.78 13.81
N CYS I 106 32.65 -17.50 12.72
CA CYS I 106 32.22 -16.50 11.74
C CYS I 106 31.99 -17.19 10.39
N VAL I 107 31.00 -16.68 9.65
CA VAL I 107 30.49 -17.37 8.47
C VAL I 107 30.95 -16.67 7.21
N GLU I 108 31.32 -17.46 6.21
CA GLU I 108 31.80 -16.97 4.92
C GLU I 108 31.02 -17.63 3.80
N LEU I 109 30.95 -16.95 2.66
CA LEU I 109 30.42 -17.56 1.44
C LEU I 109 31.52 -18.37 0.76
N VAL I 110 31.15 -19.57 0.31
CA VAL I 110 32.10 -20.51 -0.26
C VAL I 110 32.16 -20.29 -1.77
N SER I 111 33.32 -19.85 -2.26
CA SER I 111 33.50 -19.65 -3.70
C SER I 111 33.32 -20.96 -4.47
N ASN I 112 33.69 -22.08 -3.87
CA ASN I 112 33.54 -23.39 -4.51
C ASN I 112 32.09 -23.74 -4.81
N THR I 113 31.13 -23.02 -4.21
CA THR I 113 29.71 -23.24 -4.44
C THR I 113 29.07 -22.14 -5.28
N GLY I 114 29.88 -21.30 -5.92
CA GLY I 114 29.35 -20.12 -6.58
C GLY I 114 29.02 -19.00 -5.64
N TYR I 115 29.55 -19.02 -4.42
CA TYR I 115 29.21 -18.05 -3.37
C TYR I 115 27.74 -18.15 -2.98
N ARG I 116 27.13 -19.30 -3.18
CA ARG I 116 25.73 -19.50 -2.81
C ARG I 116 25.55 -20.14 -1.44
N LEU I 117 26.52 -20.89 -0.96
CA LEU I 117 26.40 -21.61 0.30
C LEU I 117 27.39 -21.08 1.32
N TRP I 118 27.12 -21.37 2.59
CA TRP I 118 27.82 -20.80 3.72
C TRP I 118 28.77 -21.79 4.35
N ASN I 119 29.76 -21.26 5.06
CA ASN I 119 30.66 -22.08 5.88
C ASN I 119 31.10 -21.28 7.10
N ASP I 120 30.99 -21.90 8.28
CA ASP I 120 31.54 -21.29 9.49
C ASP I 120 33.05 -21.44 9.48
N GLN I 121 33.73 -20.35 9.85
CA GLN I 121 35.15 -20.21 9.61
C GLN I 121 35.79 -19.50 10.80
N VAL I 122 37.11 -19.64 10.93
CA VAL I 122 37.85 -18.89 11.91
C VAL I 122 37.65 -17.40 11.65
N CYS I 123 37.36 -16.65 12.72
CA CYS I 123 37.01 -15.24 12.56
C CYS I 123 38.21 -14.39 12.16
N GLU I 124 39.42 -14.81 12.52
CA GLU I 124 40.62 -14.04 12.19
C GLU I 124 41.07 -14.22 10.76
N SER I 125 40.50 -15.17 10.01
CA SER I 125 40.85 -15.34 8.61
C SER I 125 40.57 -14.04 7.86
N LYS I 126 41.46 -13.71 6.92
CA LYS I 126 41.36 -12.49 6.14
C LYS I 126 40.70 -12.83 4.79
N ASN I 127 39.45 -12.41 4.63
CA ASN I 127 38.67 -12.65 3.43
C ASN I 127 38.15 -11.33 2.87
N ALA I 128 37.61 -11.40 1.66
CA ALA I 128 36.77 -10.33 1.17
C ALA I 128 35.50 -10.28 2.01
N PHE I 129 34.71 -9.22 1.82
CA PHE I 129 33.51 -9.06 2.64
C PHE I 129 32.48 -8.22 1.90
N LEU I 130 31.22 -8.43 2.30
CA LEU I 130 30.06 -7.85 1.63
C LEU I 130 29.31 -6.94 2.59
N CYS I 131 29.27 -5.65 2.28
CA CYS I 131 28.54 -4.70 3.10
C CYS I 131 27.07 -4.64 2.70
N GLN I 132 26.26 -4.11 3.61
CA GLN I 132 24.81 -3.95 3.41
C GLN I 132 24.43 -2.62 4.04
N CYS I 133 23.82 -1.73 3.26
CA CYS I 133 23.57 -0.37 3.71
C CYS I 133 22.14 0.07 3.40
N LYS I 134 21.66 1.01 4.21
CA LYS I 134 20.45 1.77 3.92
C LYS I 134 20.86 3.13 3.37
N PHE I 135 20.27 3.52 2.25
CA PHE I 135 20.52 4.83 1.66
C PHE I 135 19.25 5.69 1.66
N ASN J 2 14.55 9.56 2.14
CA ASN J 2 15.18 10.57 1.27
C ASN J 2 16.33 11.24 2.00
N CYS J 3 17.06 10.46 2.80
CA CYS J 3 18.07 11.01 3.70
C CYS J 3 19.40 11.27 2.96
N PRO J 4 20.12 12.32 3.34
CA PRO J 4 21.50 12.48 2.85
C PRO J 4 22.43 11.46 3.48
N GLN J 5 23.60 11.29 2.84
CA GLN J 5 24.46 10.15 3.19
C GLN J 5 25.07 10.27 4.57
N ASP J 6 25.27 11.49 5.08
CA ASP J 6 25.88 11.65 6.40
C ASP J 6 24.88 11.49 7.54
N TRP J 7 23.66 11.03 7.26
CA TRP J 7 22.64 10.84 8.28
C TRP J 7 22.22 9.37 8.34
N LEU J 8 21.54 9.03 9.43
CA LEU J 8 21.02 7.68 9.64
C LEU J 8 19.58 7.60 9.17
N PRO J 9 19.25 6.77 8.17
CA PRO J 9 17.84 6.58 7.80
C PRO J 9 17.14 5.55 8.65
N MET J 10 16.11 5.95 9.40
CA MET J 10 15.39 5.03 10.28
C MET J 10 13.91 5.36 10.26
N ASN J 11 13.10 4.43 9.80
CA ASN J 11 11.64 4.47 9.94
C ASN J 11 11.06 5.78 9.42
N GLY J 12 11.57 6.24 8.28
CA GLY J 12 11.01 7.40 7.61
C GLY J 12 11.55 8.75 8.05
N LEU J 13 12.47 8.78 9.00
CA LEU J 13 13.13 10.00 9.42
C LEU J 13 14.64 9.84 9.32
N CYS J 14 15.35 10.96 9.40
CA CYS J 14 16.80 10.99 9.33
C CYS J 14 17.34 11.49 10.65
N TYR J 15 18.39 10.84 11.15
CA TYR J 15 18.97 11.14 12.44
C TYR J 15 20.46 11.40 12.30
N LYS J 16 20.99 12.32 13.10
CA LYS J 16 22.41 12.62 13.08
C LYS J 16 22.86 13.15 14.43
N ILE J 17 24.05 12.71 14.86
CA ILE J 17 24.68 13.18 16.09
C ILE J 17 25.50 14.41 15.79
N PHE J 18 25.48 15.38 16.72
CA PHE J 18 26.32 16.56 16.64
C PHE J 18 27.21 16.59 17.87
N ASN J 19 28.52 16.61 17.65
CA ASN J 19 29.48 16.45 18.72
C ASN J 19 29.75 17.74 19.50
N GLU J 20 29.31 18.89 18.99
CA GLU J 20 29.50 20.15 19.70
C GLU J 20 28.74 20.12 21.02
N LEU J 21 29.44 20.47 22.11
CA LEU J 21 28.82 20.45 23.43
C LEU J 21 27.93 21.67 23.61
N LYS J 22 26.68 21.42 23.99
CA LYS J 22 25.69 22.48 24.13
C LYS J 22 24.66 22.09 25.18
N ALA J 23 24.06 23.10 25.80
CA ALA J 23 22.95 22.86 26.71
C ALA J 23 21.71 22.46 25.92
N TRP J 24 20.68 22.02 26.65
CA TRP J 24 19.53 21.39 26.00
C TRP J 24 18.81 22.36 25.07
N LYS J 25 18.46 23.54 25.57
CA LYS J 25 17.73 24.48 24.72
C LYS J 25 18.58 24.94 23.54
N ASP J 26 19.90 24.95 23.71
CA ASP J 26 20.77 25.25 22.57
C ASP J 26 20.74 24.13 21.55
N ALA J 27 20.75 22.88 22.01
CA ALA J 27 20.69 21.74 21.09
C ALA J 27 19.39 21.75 20.30
N GLU J 28 18.25 21.94 20.98
CA GLU J 28 16.97 21.93 20.30
C GLU J 28 16.88 23.02 19.25
N MET J 29 17.32 24.24 19.60
CA MET J 29 17.24 25.34 18.65
C MET J 29 18.25 25.17 17.51
N PHE J 30 19.37 24.50 17.76
CA PHE J 30 20.31 24.24 16.68
C PHE J 30 19.67 23.38 15.61
N CYS J 31 19.07 22.25 16.01
CA CYS J 31 18.34 21.44 15.05
C CYS J 31 17.25 22.25 14.36
N ARG J 32 16.38 22.88 15.14
CA ARG J 32 15.28 23.68 14.60
C ARG J 32 15.74 24.56 13.44
N LYS J 33 16.87 25.24 13.61
CA LYS J 33 17.37 26.19 12.62
C LYS J 33 18.42 25.58 11.70
N TYR J 34 18.75 24.30 11.86
CA TYR J 34 19.62 23.63 10.90
C TYR J 34 18.94 23.48 9.56
N LYS J 35 17.63 23.23 9.57
CA LYS J 35 16.84 23.02 8.37
C LYS J 35 15.37 22.98 8.78
N PRO J 36 14.44 23.39 7.91
CA PRO J 36 13.02 23.31 8.28
C PRO J 36 12.59 21.87 8.52
N GLY J 37 11.88 21.67 9.63
CA GLY J 37 11.40 20.35 10.00
C GLY J 37 12.44 19.51 10.72
N CYS J 38 13.04 20.08 11.77
CA CYS J 38 14.06 19.39 12.55
C CYS J 38 13.84 19.66 14.04
N HIS J 39 14.02 18.63 14.85
CA HIS J 39 14.00 18.75 16.30
C HIS J 39 15.05 17.82 16.88
N LEU J 40 15.12 17.77 18.21
CA LEU J 40 15.87 16.69 18.86
C LEU J 40 15.13 15.37 18.66
N ALA J 41 15.90 14.29 18.63
CA ALA J 41 15.35 13.00 18.25
C ALA J 41 14.26 12.55 19.22
N SER J 42 13.20 11.96 18.65
CA SER J 42 12.17 11.28 19.42
C SER J 42 12.22 9.80 19.09
N ILE J 43 12.17 8.96 20.12
CA ILE J 43 12.26 7.51 19.99
C ILE J 43 10.91 6.93 20.35
N HIS J 44 10.39 6.03 19.51
CA HIS J 44 9.03 5.53 19.69
C HIS J 44 8.90 4.02 19.67
N LEU J 45 9.92 3.28 19.23
CA LEU J 45 9.86 1.83 19.17
C LEU J 45 10.98 1.21 19.99
N TYR J 46 10.68 0.06 20.58
CA TYR J 46 11.70 -0.77 21.21
C TYR J 46 12.89 -0.96 20.28
N GLY J 47 12.63 -1.32 19.03
CA GLY J 47 13.68 -1.60 18.07
C GLY J 47 14.49 -0.39 17.66
N GLU J 48 14.04 0.82 17.99
CA GLU J 48 14.77 2.02 17.58
C GLU J 48 15.92 2.34 18.54
N SER J 49 15.78 2.01 19.82
CA SER J 49 16.82 2.33 20.78
C SER J 49 18.15 1.67 20.45
N PRO J 50 18.21 0.36 20.15
CA PRO J 50 19.51 -0.25 19.84
C PRO J 50 20.09 0.22 18.53
N GLU J 51 19.25 0.67 17.59
CA GLU J 51 19.77 1.16 16.31
C GLU J 51 20.43 2.51 16.48
N ILE J 52 19.78 3.44 17.19
CA ILE J 52 20.43 4.69 17.54
C ILE J 52 21.65 4.42 18.41
N ALA J 53 21.61 3.36 19.21
CA ALA J 53 22.71 3.07 20.13
C ALA J 53 24.01 2.88 19.36
N GLU J 54 24.04 1.92 18.43
CA GLU J 54 25.24 1.70 17.63
C GLU J 54 25.64 2.96 16.88
N TYR J 55 24.68 3.60 16.21
CA TYR J 55 25.00 4.76 15.40
C TYR J 55 25.83 5.76 16.17
N ILE J 56 25.37 6.13 17.37
CA ILE J 56 26.13 7.06 18.20
C ILE J 56 27.46 6.45 18.61
N SER J 57 27.45 5.18 19.02
CA SER J 57 28.68 4.50 19.44
C SER J 57 29.76 4.56 18.37
N ASP J 58 29.37 4.58 17.10
CA ASP J 58 30.33 4.54 16.00
C ASP J 58 30.66 5.92 15.44
N TYR J 59 29.75 6.88 15.54
CA TYR J 59 29.95 8.20 14.95
C TYR J 59 30.04 9.32 15.99
N HIS J 60 29.97 8.99 17.27
CA HIS J 60 30.18 9.96 18.34
C HIS J 60 31.68 10.19 18.47
N LYS J 61 32.19 11.16 17.73
CA LYS J 61 33.60 11.55 17.81
C LYS J 61 33.77 12.42 19.05
N GLY J 62 34.17 11.81 20.15
CA GLY J 62 34.22 12.43 21.45
C GLY J 62 33.74 11.45 22.49
N GLN J 63 33.53 11.95 23.71
CA GLN J 63 33.00 11.12 24.79
C GLN J 63 32.14 12.01 25.68
N SER J 64 30.83 11.92 25.51
CA SER J 64 29.88 12.73 26.27
C SER J 64 28.57 11.97 26.34
N GLU J 65 27.59 12.58 27.01
CA GLU J 65 26.22 12.12 26.94
C GLU J 65 25.51 12.85 25.81
N VAL J 66 24.33 12.35 25.43
CA VAL J 66 23.65 12.80 24.22
C VAL J 66 22.23 13.26 24.58
N TRP J 67 21.94 14.54 24.34
CA TRP J 67 20.59 15.06 24.52
C TRP J 67 19.63 14.44 23.51
N ILE J 68 18.42 14.12 23.97
CA ILE J 68 17.30 13.85 23.09
C ILE J 68 16.15 14.77 23.50
N GLY J 69 15.13 14.84 22.65
CA GLY J 69 14.12 15.86 22.77
C GLY J 69 12.99 15.59 23.76
N LEU J 70 13.31 14.92 24.88
CA LEU J 70 12.33 14.61 25.91
C LEU J 70 12.60 15.49 27.13
N CYS J 71 11.57 16.18 27.61
CA CYS J 71 11.73 17.08 28.74
C CYS J 71 10.47 17.11 29.58
N ASP J 72 10.66 17.42 30.87
CA ASP J 72 9.56 17.59 31.82
C ASP J 72 9.26 19.09 31.92
N LYS J 73 8.56 19.60 30.89
CA LYS J 73 8.33 21.04 30.80
C LYS J 73 7.57 21.57 32.00
N LYS J 74 6.77 20.72 32.64
CA LYS J 74 6.02 21.11 33.84
C LYS J 74 6.76 20.83 35.14
N LYS J 75 7.88 20.12 35.07
CA LYS J 75 8.66 19.77 36.27
C LYS J 75 7.80 19.00 37.27
N ASP J 76 7.12 17.94 36.78
CA ASP J 76 6.33 17.07 37.64
C ASP J 76 6.20 15.65 37.08
N PHE J 77 7.22 15.18 36.35
CA PHE J 77 7.24 13.83 35.78
C PHE J 77 6.16 13.65 34.71
N SER J 78 5.95 14.68 33.90
CA SER J 78 5.11 14.61 32.70
C SER J 78 6.00 14.95 31.51
N TRP J 79 6.53 13.92 30.85
CA TRP J 79 7.56 14.09 29.83
C TRP J 79 6.95 14.19 28.44
N GLU J 80 7.38 15.20 27.68
CA GLU J 80 6.89 15.45 26.33
C GLU J 80 8.06 15.55 25.36
N TRP J 81 7.82 15.11 24.12
CA TRP J 81 8.79 15.26 23.04
C TRP J 81 8.64 16.61 22.38
N THR J 82 9.75 17.15 21.89
CA THR J 82 9.75 18.47 21.28
C THR J 82 9.19 18.49 19.87
N ASP J 83 9.04 17.34 19.23
CA ASP J 83 8.43 17.26 17.91
C ASP J 83 6.91 17.09 17.98
N ARG J 84 6.32 17.36 19.14
CA ARG J 84 4.87 17.24 19.37
C ARG J 84 4.36 15.83 19.18
N SER J 85 5.24 14.85 19.04
CA SER J 85 4.81 13.47 18.87
C SER J 85 4.38 12.88 20.20
N CYS J 86 3.69 11.75 20.11
CA CYS J 86 3.21 11.06 21.31
C CYS J 86 4.37 10.53 22.15
N THR J 87 4.13 10.39 23.44
CA THR J 87 5.07 9.71 24.34
C THR J 87 4.55 8.28 24.53
N ASP J 88 4.77 7.47 23.49
CA ASP J 88 4.28 6.09 23.45
C ASP J 88 5.40 5.07 23.66
N TYR J 89 6.47 5.47 24.36
CA TYR J 89 7.59 4.55 24.54
C TYR J 89 8.55 5.11 25.57
N LEU J 90 9.02 4.24 26.46
CA LEU J 90 9.98 4.60 27.50
C LEU J 90 11.15 3.63 27.46
N SER J 91 12.35 4.14 27.73
CA SER J 91 13.54 3.30 27.78
C SER J 91 14.50 3.92 28.80
N TRP J 92 14.09 3.90 30.06
CA TRP J 92 14.87 4.51 31.12
C TRP J 92 15.96 3.55 31.62
N ASP J 93 16.96 4.13 32.28
CA ASP J 93 18.00 3.38 32.95
C ASP J 93 17.49 2.88 34.30
N LYS J 94 18.37 2.24 35.07
CA LYS J 94 18.03 1.86 36.43
C LYS J 94 17.99 3.09 37.33
N ASN J 95 16.98 3.14 38.20
CA ASN J 95 16.80 4.26 39.14
C ASN J 95 16.51 5.57 38.42
N GLN J 96 15.80 5.51 37.29
CA GLN J 96 15.47 6.71 36.52
C GLN J 96 14.03 6.65 36.02
N PRO J 97 13.35 7.81 35.96
CA PRO J 97 13.80 9.16 36.31
C PRO J 97 13.73 9.44 37.81
N ASP J 98 14.57 10.34 38.32
CA ASP J 98 14.68 10.54 39.77
C ASP J 98 14.79 11.99 40.20
N HIS J 99 14.79 12.96 39.28
CA HIS J 99 14.91 14.37 39.65
C HIS J 99 15.98 14.59 40.72
N TYR J 100 17.08 13.83 40.66
CA TYR J 100 18.09 13.89 41.70
C TYR J 100 18.45 15.33 42.03
N GLN J 101 18.81 15.56 43.29
CA GLN J 101 18.96 16.91 43.80
C GLN J 101 17.64 17.64 43.63
N ASN J 102 17.50 18.47 42.60
CA ASN J 102 16.17 19.01 42.29
C ASN J 102 15.99 19.28 40.80
N LYS J 103 17.01 19.80 40.11
CA LYS J 103 16.85 20.23 38.72
C LYS J 103 17.50 19.22 37.78
N GLU J 104 16.76 18.14 37.53
CA GLU J 104 17.06 17.18 36.46
C GLU J 104 15.75 17.00 35.68
N PHE J 105 15.57 17.77 34.61
CA PHE J 105 14.33 17.75 33.85
C PHE J 105 14.51 17.43 32.37
N CYS J 106 15.74 17.38 31.86
CA CYS J 106 16.01 17.01 30.49
C CYS J 106 16.59 15.60 30.44
N VAL J 107 16.53 14.99 29.27
CA VAL J 107 16.82 13.57 29.08
C VAL J 107 18.09 13.42 28.24
N GLU J 108 18.99 12.58 28.70
CA GLU J 108 20.23 12.26 27.99
C GLU J 108 20.35 10.76 27.82
N LEU J 109 21.04 10.36 26.75
CA LEU J 109 21.37 8.95 26.53
C LEU J 109 22.65 8.63 27.28
N VAL J 110 22.64 7.53 28.01
CA VAL J 110 23.74 7.16 28.91
C VAL J 110 24.79 6.39 28.12
N SER J 111 26.04 6.86 28.18
CA SER J 111 27.13 6.20 27.46
C SER J 111 27.45 4.83 28.04
N ASN J 112 27.21 4.62 29.34
CA ASN J 112 27.45 3.33 29.96
C ASN J 112 26.44 2.27 29.55
N THR J 113 25.41 2.64 28.78
CA THR J 113 24.44 1.69 28.25
C THR J 113 24.61 1.49 26.75
N GLY J 114 25.68 2.03 26.16
CA GLY J 114 25.79 2.09 24.72
C GLY J 114 24.87 3.10 24.10
N TYR J 115 24.43 4.10 24.87
CA TYR J 115 23.47 5.10 24.41
C TYR J 115 22.14 4.45 24.06
N ARG J 116 21.68 3.55 24.93
CA ARG J 116 20.42 2.85 24.74
C ARG J 116 19.36 3.21 25.77
N LEU J 117 19.75 3.51 27.00
CA LEU J 117 18.82 3.81 28.07
C LEU J 117 19.00 5.25 28.53
N TRP J 118 17.94 5.80 29.12
CA TRP J 118 17.82 7.23 29.36
C TRP J 118 18.12 7.59 30.81
N ASN J 119 18.58 8.83 30.99
CA ASN J 119 18.74 9.43 32.31
C ASN J 119 18.29 10.89 32.24
N ASP J 120 17.56 11.33 33.26
CA ASP J 120 17.18 12.73 33.35
C ASP J 120 18.30 13.51 34.01
N GLN J 121 18.60 14.69 33.46
CA GLN J 121 19.83 15.42 33.75
C GLN J 121 19.54 16.92 33.76
N VAL J 122 20.50 17.68 34.30
CA VAL J 122 20.36 19.13 34.43
C VAL J 122 20.15 19.76 33.06
N CYS J 123 19.17 20.67 32.98
CA CYS J 123 18.90 21.38 31.73
C CYS J 123 20.15 22.04 31.18
N GLU J 124 20.87 22.75 32.04
CA GLU J 124 21.96 23.63 31.61
C GLU J 124 23.27 22.89 31.33
N SER J 125 23.34 21.58 31.58
CA SER J 125 24.57 20.85 31.36
C SER J 125 24.87 20.72 29.87
N LYS J 126 26.16 20.80 29.52
CA LYS J 126 26.58 20.77 28.13
C LYS J 126 26.86 19.33 27.69
N ASN J 127 26.24 18.93 26.59
CA ASN J 127 26.34 17.56 26.08
C ASN J 127 26.32 17.58 24.56
N ALA J 128 26.64 16.42 23.98
CA ALA J 128 26.35 16.16 22.57
C ALA J 128 24.84 16.00 22.40
N PHE J 129 24.37 16.01 21.16
CA PHE J 129 22.93 15.96 20.94
C PHE J 129 22.61 15.36 19.58
N LEU J 130 21.42 14.77 19.50
CA LEU J 130 20.96 13.99 18.36
C LEU J 130 19.77 14.70 17.72
N CYS J 131 19.96 15.23 16.51
CA CYS J 131 18.87 15.82 15.75
C CYS J 131 18.17 14.74 14.93
N GLN J 132 16.85 14.89 14.79
CA GLN J 132 16.09 14.16 13.79
C GLN J 132 15.46 15.17 12.84
N CYS J 133 15.47 14.85 11.55
CA CYS J 133 14.99 15.76 10.53
C CYS J 133 14.10 15.02 9.55
N LYS J 134 13.37 15.80 8.76
CA LYS J 134 12.52 15.30 7.69
C LYS J 134 13.03 15.88 6.39
N PHE J 135 13.47 15.02 5.48
CA PHE J 135 14.04 15.46 4.21
C PHE J 135 13.12 15.16 3.04
CA CA K . -16.35 22.56 32.49
NA NA L . -10.77 7.02 17.68
CA CA M . 11.78 -16.64 37.10
NA NA N . 2.41 -12.17 17.60
CA CA O . 12.77 -40.71 -5.01
NA NA P . 1.44 -21.53 -2.86
CA CA Q . -15.51 -15.97 -36.69
NA NA R . -11.81 -8.59 -15.53
CA CA S . -33.87 22.91 -13.27
NA NA T . -20.18 8.75 -2.99
CA CA U . -10.75 40.18 9.46
NA NA V . -1.50 21.61 1.95
CA CA W . -13.70 20.55 -34.50
NA NA X . -1.87 11.29 -18.17
CA CA Y . 13.75 -19.01 -36.40
NA NA Z . 11.45 -7.82 -17.13
CA CA AA . 33.38 -24.91 8.66
NA NA BA . 18.82 -8.08 4.69
CA CA CA . 18.76 11.37 36.77
NA NA DA . 10.24 10.19 15.68
#